data_2CTU
#
_entry.id   2CTU
#
loop_
_entity.id
_entity.type
_entity.pdbx_description
1 polymer 'Zinc finger protein 483'
2 non-polymer 'ZINC ION'
#
_entity_poly.entity_id   1
_entity_poly.type   'polypeptide(L)'
_entity_poly.pdbx_seq_one_letter_code
;GSSGSSGKRQKIHLGDRSQKCSKCGIIFIRRSTLSRRKTPMCEKCRKDSCQEAALNKDEGNESGKKTSGPSSG
;
_entity_poly.pdbx_strand_id   A
#
loop_
_chem_comp.id
_chem_comp.type
_chem_comp.name
_chem_comp.formula
ZN non-polymer 'ZINC ION' 'Zn 2'
#
# COMPACT_ATOMS: atom_id res chain seq x y z
N GLY A 1 -18.75 -38.87 4.96
CA GLY A 1 -18.42 -37.97 6.05
C GLY A 1 -18.44 -38.66 7.40
N SER A 2 -17.29 -38.72 8.05
CA SER A 2 -17.17 -39.36 9.35
C SER A 2 -15.90 -38.94 10.06
N SER A 3 -15.92 -38.95 11.39
CA SER A 3 -14.77 -38.56 12.19
C SER A 3 -13.65 -39.61 12.08
N GLY A 4 -12.46 -39.15 11.70
CA GLY A 4 -11.33 -40.05 11.57
C GLY A 4 -10.15 -39.62 12.40
N SER A 5 -8.95 -40.00 11.96
CA SER A 5 -7.72 -39.65 12.67
C SER A 5 -7.62 -38.14 12.89
N SER A 6 -6.93 -37.75 13.96
CA SER A 6 -6.76 -36.34 14.28
C SER A 6 -6.16 -35.57 13.10
N GLY A 7 -6.67 -34.38 12.86
CA GLY A 7 -6.16 -33.57 11.76
C GLY A 7 -4.64 -33.59 11.68
N LYS A 8 -4.12 -34.04 10.54
CA LYS A 8 -2.68 -34.11 10.34
C LYS A 8 -2.23 -33.11 9.29
N ARG A 9 -2.88 -33.14 8.13
CA ARG A 9 -2.55 -32.23 7.04
C ARG A 9 -2.76 -30.78 7.46
N GLN A 10 -1.68 -30.12 7.87
CA GLN A 10 -1.74 -28.73 8.30
C GLN A 10 -0.71 -27.88 7.57
N LYS A 11 -1.21 -26.91 6.81
CA LYS A 11 -0.33 -26.01 6.05
C LYS A 11 -0.52 -24.57 6.47
N ILE A 12 -0.62 -24.34 7.78
CA ILE A 12 -0.82 -23.00 8.31
C ILE A 12 0.52 -22.35 8.67
N HIS A 13 0.89 -21.31 7.93
CA HIS A 13 2.13 -20.60 8.16
C HIS A 13 1.90 -19.34 8.97
N LEU A 14 2.98 -18.69 9.40
CA LEU A 14 2.89 -17.47 10.18
C LEU A 14 2.22 -16.36 9.39
N GLY A 15 1.72 -15.35 10.10
CA GLY A 15 1.05 -14.24 9.44
C GLY A 15 1.52 -12.89 9.96
N ASP A 16 2.76 -12.55 9.67
CA ASP A 16 3.33 -11.28 10.11
C ASP A 16 3.27 -10.24 8.99
N ARG A 17 3.75 -10.63 7.82
CA ARG A 17 3.76 -9.73 6.67
C ARG A 17 2.54 -8.81 6.68
N SER A 18 1.39 -9.37 7.07
CA SER A 18 0.15 -8.60 7.13
C SER A 18 0.40 -7.20 7.66
N GLN A 19 0.02 -6.19 6.89
CA GLN A 19 0.20 -4.81 7.28
C GLN A 19 -1.14 -4.08 7.36
N LYS A 20 -1.23 -3.11 8.27
CA LYS A 20 -2.46 -2.34 8.44
C LYS A 20 -2.45 -1.09 7.56
N CYS A 21 -3.45 -0.96 6.70
CA CYS A 21 -3.54 0.19 5.81
C CYS A 21 -3.71 1.48 6.60
N SER A 22 -3.41 2.61 5.97
CA SER A 22 -3.52 3.90 6.61
C SER A 22 -4.72 4.68 6.08
N LYS A 23 -5.06 4.45 4.81
CA LYS A 23 -6.18 5.13 4.18
C LYS A 23 -7.50 4.62 4.76
N CYS A 24 -7.78 3.33 4.54
CA CYS A 24 -9.01 2.72 5.03
C CYS A 24 -8.79 2.07 6.39
N GLY A 25 -7.66 1.38 6.54
CA GLY A 25 -7.34 0.71 7.79
C GLY A 25 -7.72 -0.76 7.77
N ILE A 26 -7.58 -1.39 6.62
CA ILE A 26 -7.90 -2.81 6.47
C ILE A 26 -6.66 -3.67 6.59
N ILE A 27 -6.86 -4.95 6.89
CA ILE A 27 -5.75 -5.89 7.02
C ILE A 27 -5.45 -6.58 5.69
N PHE A 28 -4.22 -6.42 5.21
CA PHE A 28 -3.81 -7.03 3.95
C PHE A 28 -2.38 -7.53 4.04
N ILE A 29 -1.95 -8.26 3.00
CA ILE A 29 -0.60 -8.81 2.97
C ILE A 29 0.29 -8.01 2.00
N ARG A 30 1.27 -7.31 2.57
CA ARG A 30 2.18 -6.51 1.76
C ARG A 30 3.00 -7.40 0.82
N ARG A 31 2.84 -7.17 -0.48
CA ARG A 31 3.57 -7.94 -1.48
C ARG A 31 4.48 -7.05 -2.31
N SER A 32 5.44 -7.67 -2.98
CA SER A 32 6.39 -6.93 -3.81
C SER A 32 5.68 -5.88 -4.65
N THR A 33 6.10 -4.62 -4.50
CA THR A 33 5.50 -3.52 -5.24
C THR A 33 6.49 -2.38 -5.43
N LEU A 34 6.43 -1.73 -6.58
CA LEU A 34 7.32 -0.62 -6.89
C LEU A 34 7.04 0.57 -5.98
N SER A 35 7.85 0.73 -4.94
CA SER A 35 7.69 1.83 -4.00
C SER A 35 7.23 3.10 -4.72
N ARG A 36 6.01 3.54 -4.42
CA ARG A 36 5.45 4.73 -5.04
C ARG A 36 5.04 5.75 -3.98
N ARG A 37 4.26 5.30 -3.00
CA ARG A 37 3.79 6.17 -1.93
C ARG A 37 4.42 5.77 -0.60
N LYS A 38 4.64 6.74 0.27
CA LYS A 38 5.22 6.49 1.58
C LYS A 38 4.14 6.23 2.62
N THR A 39 3.30 5.23 2.35
CA THR A 39 2.23 4.87 3.26
C THR A 39 1.66 3.49 2.92
N PRO A 40 1.31 2.72 3.96
CA PRO A 40 0.75 1.38 3.79
C PRO A 40 -0.66 1.40 3.23
N MET A 41 -0.78 1.09 1.95
CA MET A 41 -2.08 1.07 1.27
C MET A 41 -2.46 -0.35 0.87
N CYS A 42 -3.71 -0.72 1.14
CA CYS A 42 -4.21 -2.04 0.80
C CYS A 42 -4.60 -2.13 -0.67
N GLU A 43 -4.42 -3.30 -1.27
CA GLU A 43 -4.75 -3.51 -2.67
C GLU A 43 -5.97 -2.68 -3.06
N LYS A 44 -7.00 -2.70 -2.22
CA LYS A 44 -8.22 -1.95 -2.47
C LYS A 44 -7.91 -0.47 -2.72
N CYS A 45 -7.31 0.18 -1.73
CA CYS A 45 -6.95 1.59 -1.85
C CYS A 45 -6.02 1.83 -3.03
N ARG A 46 -4.98 1.00 -3.12
CA ARG A 46 -4.01 1.13 -4.20
C ARG A 46 -4.70 1.38 -5.54
N LYS A 47 -5.77 0.63 -5.80
CA LYS A 47 -6.53 0.78 -7.04
C LYS A 47 -6.98 2.22 -7.22
N ASP A 48 -7.35 2.86 -6.13
CA ASP A 48 -7.79 4.25 -6.17
C ASP A 48 -6.61 5.22 -6.14
N SER A 49 -5.64 4.97 -7.01
CA SER A 49 -4.45 5.81 -7.08
C SER A 49 -4.80 7.23 -7.52
N CYS A 50 -6.00 7.38 -8.07
CA CYS A 50 -6.47 8.69 -8.54
C CYS A 50 -5.59 9.21 -9.66
N GLN A 51 -5.28 8.34 -10.62
CA GLN A 51 -4.44 8.72 -11.75
C GLN A 51 -5.28 8.87 -13.02
N GLU A 52 -6.21 7.95 -13.22
CA GLU A 52 -7.07 7.98 -14.39
C GLU A 52 -7.93 9.25 -14.40
N ALA A 53 -7.49 10.24 -15.16
CA ALA A 53 -8.21 11.51 -15.27
C ALA A 53 -9.30 11.44 -16.33
N ALA A 54 -8.94 10.94 -17.51
CA ALA A 54 -9.90 10.82 -18.61
C ALA A 54 -10.95 9.76 -18.30
N LEU A 55 -12.19 10.03 -18.70
CA LEU A 55 -13.28 9.11 -18.47
C LEU A 55 -12.91 7.69 -18.92
N ASN A 56 -12.21 7.61 -20.05
CA ASN A 56 -11.79 6.33 -20.60
C ASN A 56 -11.04 5.52 -19.55
N LYS A 57 -10.87 4.23 -19.83
CA LYS A 57 -10.16 3.34 -18.91
C LYS A 57 -9.03 2.61 -19.63
N ASP A 58 -9.38 1.85 -20.66
CA ASP A 58 -8.39 1.11 -21.44
C ASP A 58 -8.85 0.94 -22.89
N GLU A 59 -8.01 1.36 -23.82
CA GLU A 59 -8.33 1.26 -25.23
C GLU A 59 -7.35 0.32 -25.95
N GLY A 60 -7.02 -0.78 -25.29
CA GLY A 60 -6.10 -1.75 -25.87
C GLY A 60 -4.73 -1.69 -25.23
N ASN A 61 -4.68 -1.73 -23.91
CA ASN A 61 -3.42 -1.67 -23.18
C ASN A 61 -3.52 -2.43 -21.87
N GLU A 62 -2.88 -3.59 -21.79
CA GLU A 62 -2.90 -4.41 -20.59
C GLU A 62 -1.67 -4.13 -19.72
N SER A 63 -1.84 -3.25 -18.74
CA SER A 63 -0.74 -2.89 -17.85
C SER A 63 -0.19 -4.13 -17.15
N GLY A 64 1.07 -4.44 -17.41
CA GLY A 64 1.70 -5.58 -16.80
C GLY A 64 2.92 -5.22 -15.98
N LYS A 65 2.99 -5.75 -14.75
CA LYS A 65 4.10 -5.47 -13.86
C LYS A 65 5.38 -6.15 -14.35
N LYS A 66 6.52 -5.53 -14.07
CA LYS A 66 7.81 -6.08 -14.48
C LYS A 66 7.88 -7.58 -14.21
N THR A 67 8.30 -8.33 -15.23
CA THR A 67 8.41 -9.78 -15.10
C THR A 67 9.76 -10.27 -15.59
N SER A 68 10.22 -11.38 -15.03
CA SER A 68 11.51 -11.96 -15.41
C SER A 68 11.67 -11.99 -16.92
N GLY A 69 12.71 -11.32 -17.40
CA GLY A 69 12.97 -11.27 -18.84
C GLY A 69 11.97 -10.41 -19.58
N PRO A 70 12.44 -9.72 -20.63
CA PRO A 70 11.60 -8.84 -21.44
C PRO A 70 10.58 -9.62 -22.27
N SER A 71 9.74 -8.89 -22.99
CA SER A 71 8.71 -9.50 -23.82
C SER A 71 9.08 -9.38 -25.30
N SER A 72 9.57 -10.48 -25.88
CA SER A 72 9.96 -10.49 -27.28
C SER A 72 9.59 -11.82 -27.93
N GLY A 73 9.57 -11.84 -29.26
CA GLY A 73 9.23 -13.04 -29.98
C GLY A 73 9.47 -12.92 -31.47
ZN ZN B . -6.81 0.71 2.47
N GLY A 1 11.76 -22.47 -2.84
CA GLY A 1 13.16 -22.31 -2.52
C GLY A 1 13.52 -22.88 -1.16
N SER A 2 13.06 -22.22 -0.11
CA SER A 2 13.33 -22.65 1.25
C SER A 2 14.83 -22.81 1.48
N SER A 3 15.60 -21.86 0.98
CA SER A 3 17.05 -21.89 1.13
C SER A 3 17.46 -21.60 2.57
N GLY A 4 18.20 -22.52 3.17
CA GLY A 4 18.64 -22.35 4.54
C GLY A 4 19.84 -21.43 4.65
N SER A 5 20.19 -21.06 5.88
CA SER A 5 21.32 -20.17 6.12
C SER A 5 21.95 -20.45 7.48
N SER A 6 23.15 -19.91 7.69
CA SER A 6 23.86 -20.10 8.95
C SER A 6 22.90 -20.12 10.12
N GLY A 7 22.15 -19.04 10.29
CA GLY A 7 21.20 -18.94 11.37
C GLY A 7 20.28 -20.16 11.46
N LYS A 8 19.48 -20.23 12.50
CA LYS A 8 18.56 -21.35 12.69
C LYS A 8 17.23 -21.08 12.00
N ARG A 9 16.33 -22.06 12.04
CA ARG A 9 15.02 -21.92 11.42
C ARG A 9 13.92 -22.36 12.38
N GLN A 10 13.43 -21.42 13.17
CA GLN A 10 12.37 -21.70 14.14
C GLN A 10 11.25 -20.67 14.02
N LYS A 11 10.12 -20.97 14.66
CA LYS A 11 8.96 -20.08 14.63
C LYS A 11 8.70 -19.49 16.02
N ILE A 12 9.75 -18.95 16.63
CA ILE A 12 9.63 -18.35 17.95
C ILE A 12 9.72 -16.83 17.88
N HIS A 13 10.41 -16.33 16.85
CA HIS A 13 10.57 -14.90 16.66
C HIS A 13 9.22 -14.24 16.34
N LEU A 14 9.21 -12.91 16.34
CA LEU A 14 7.99 -12.17 16.05
C LEU A 14 8.03 -11.62 14.63
N GLY A 15 6.92 -11.81 13.90
CA GLY A 15 6.84 -11.32 12.54
C GLY A 15 5.56 -11.72 11.85
N ASP A 16 4.87 -10.75 11.27
CA ASP A 16 3.61 -11.02 10.57
C ASP A 16 3.59 -10.35 9.20
N ARG A 17 3.23 -11.13 8.18
CA ARG A 17 3.18 -10.61 6.82
C ARG A 17 1.84 -9.93 6.54
N SER A 18 1.38 -9.14 7.51
CA SER A 18 0.12 -8.42 7.37
C SER A 18 0.24 -7.00 7.90
N GLN A 19 0.06 -6.03 6.99
CA GLN A 19 0.15 -4.62 7.36
C GLN A 19 -1.23 -3.99 7.45
N LYS A 20 -1.37 -3.02 8.34
CA LYS A 20 -2.65 -2.34 8.53
C LYS A 20 -2.68 -1.02 7.76
N CYS A 21 -3.44 -1.00 6.68
CA CYS A 21 -3.57 0.20 5.85
C CYS A 21 -3.72 1.45 6.72
N SER A 22 -3.45 2.61 6.13
CA SER A 22 -3.56 3.87 6.84
C SER A 22 -4.69 4.72 6.28
N LYS A 23 -5.09 4.42 5.04
CA LYS A 23 -6.17 5.16 4.39
C LYS A 23 -7.54 4.67 4.87
N CYS A 24 -7.79 3.38 4.71
CA CYS A 24 -9.05 2.79 5.13
C CYS A 24 -8.92 2.11 6.49
N GLY A 25 -7.85 1.34 6.66
CA GLY A 25 -7.62 0.66 7.92
C GLY A 25 -8.01 -0.81 7.86
N ILE A 26 -7.55 -1.50 6.81
CA ILE A 26 -7.85 -2.91 6.64
C ILE A 26 -6.58 -3.76 6.69
N ILE A 27 -6.75 -5.04 6.98
CA ILE A 27 -5.61 -5.95 7.06
C ILE A 27 -5.32 -6.60 5.70
N PHE A 28 -4.11 -6.42 5.21
CA PHE A 28 -3.71 -6.99 3.93
C PHE A 28 -2.27 -7.50 3.97
N ILE A 29 -1.89 -8.27 2.96
CA ILE A 29 -0.54 -8.83 2.89
C ILE A 29 0.41 -7.84 2.21
N ARG A 30 1.49 -7.49 2.91
CA ARG A 30 2.48 -6.57 2.38
C ARG A 30 3.74 -7.32 1.96
N ARG A 31 4.58 -6.66 1.16
CA ARG A 31 5.82 -7.25 0.70
C ARG A 31 6.78 -6.18 0.18
N SER A 32 8.06 -6.52 0.12
CA SER A 32 9.08 -5.58 -0.35
C SER A 32 9.29 -5.73 -1.85
N THR A 33 8.51 -5.01 -2.64
CA THR A 33 8.61 -5.06 -4.09
C THR A 33 9.49 -3.93 -4.62
N LEU A 34 9.18 -2.70 -4.22
CA LEU A 34 9.93 -1.54 -4.65
C LEU A 34 10.72 -0.94 -3.49
N SER A 35 12.05 -1.10 -3.54
CA SER A 35 12.91 -0.58 -2.50
C SER A 35 12.36 0.73 -1.94
N ARG A 36 12.27 1.74 -2.80
CA ARG A 36 11.76 3.04 -2.38
C ARG A 36 10.61 2.90 -1.39
N ARG A 37 10.68 3.65 -0.30
CA ARG A 37 9.65 3.60 0.73
C ARG A 37 8.29 4.03 0.17
N LYS A 38 7.30 3.15 0.31
CA LYS A 38 5.96 3.43 -0.18
C LYS A 38 4.96 3.49 0.97
N THR A 39 3.78 4.05 0.70
CA THR A 39 2.74 4.17 1.70
C THR A 39 1.94 2.88 1.82
N PRO A 40 1.61 2.49 3.06
CA PRO A 40 0.85 1.27 3.33
C PRO A 40 -0.61 1.39 2.89
N MET A 41 -0.87 0.97 1.66
CA MET A 41 -2.23 1.02 1.11
C MET A 41 -2.69 -0.36 0.68
N CYS A 42 -3.87 -0.76 1.14
CA CYS A 42 -4.43 -2.05 0.79
C CYS A 42 -4.73 -2.14 -0.71
N GLU A 43 -4.62 -3.35 -1.25
CA GLU A 43 -4.87 -3.57 -2.68
C GLU A 43 -5.99 -2.66 -3.18
N LYS A 44 -7.04 -2.54 -2.37
CA LYS A 44 -8.18 -1.71 -2.73
C LYS A 44 -7.76 -0.25 -2.89
N CYS A 45 -7.16 0.29 -1.84
CA CYS A 45 -6.70 1.68 -1.85
C CYS A 45 -5.61 1.88 -2.91
N ARG A 46 -4.90 0.82 -3.23
CA ARG A 46 -3.82 0.87 -4.21
C ARG A 46 -4.37 1.29 -5.58
N LYS A 47 -5.58 0.85 -5.88
CA LYS A 47 -6.22 1.17 -7.15
C LYS A 47 -7.13 2.40 -7.02
N ASP A 48 -6.69 3.37 -6.22
CA ASP A 48 -7.45 4.59 -6.00
C ASP A 48 -6.55 5.82 -6.14
N SER A 49 -6.18 6.14 -7.37
CA SER A 49 -5.32 7.29 -7.63
C SER A 49 -6.09 8.39 -8.35
N CYS A 50 -6.89 9.12 -7.60
CA CYS A 50 -7.69 10.20 -8.18
C CYS A 50 -6.80 11.36 -8.61
N GLN A 51 -7.09 11.91 -9.79
CA GLN A 51 -6.30 13.02 -10.32
C GLN A 51 -6.29 14.19 -9.35
N GLU A 52 -7.45 14.49 -8.78
CA GLU A 52 -7.58 15.59 -7.83
C GLU A 52 -6.70 15.36 -6.61
N ALA A 53 -5.60 16.09 -6.52
CA ALA A 53 -4.68 15.96 -5.39
C ALA A 53 -3.71 17.13 -5.34
N ALA A 54 -3.79 17.92 -4.26
CA ALA A 54 -2.93 19.07 -4.09
C ALA A 54 -2.01 18.90 -2.87
N LEU A 55 -0.94 18.13 -3.05
CA LEU A 55 0.00 17.88 -1.96
C LEU A 55 1.29 18.67 -2.17
N ASN A 56 1.86 18.56 -3.38
CA ASN A 56 3.09 19.26 -3.71
C ASN A 56 2.97 19.98 -5.05
N LYS A 57 2.72 21.28 -5.00
CA LYS A 57 2.58 22.08 -6.21
C LYS A 57 3.93 22.27 -6.88
N ASP A 58 4.24 21.42 -7.85
CA ASP A 58 5.50 21.49 -8.58
C ASP A 58 5.47 20.59 -9.82
N GLU A 59 5.96 21.12 -10.93
CA GLU A 59 5.99 20.37 -12.18
C GLU A 59 7.17 20.79 -13.05
N GLY A 60 7.37 20.09 -14.16
CA GLY A 60 8.47 20.41 -15.05
C GLY A 60 9.00 19.18 -15.78
N ASN A 61 9.44 18.19 -15.02
CA ASN A 61 9.98 16.96 -15.58
C ASN A 61 9.55 15.75 -14.78
N GLU A 62 9.06 14.72 -15.47
CA GLU A 62 8.62 13.49 -14.81
C GLU A 62 9.49 12.32 -15.20
N SER A 63 10.43 11.97 -14.33
CA SER A 63 11.35 10.86 -14.60
C SER A 63 11.44 9.94 -13.38
N GLY A 64 11.89 8.72 -13.61
CA GLY A 64 12.02 7.75 -12.52
C GLY A 64 13.45 7.63 -12.03
N LYS A 65 13.64 6.89 -10.94
CA LYS A 65 14.96 6.69 -10.36
C LYS A 65 15.36 5.22 -10.40
N LYS A 66 14.36 4.34 -10.41
CA LYS A 66 14.60 2.91 -10.45
C LYS A 66 14.85 2.43 -11.87
N THR A 67 14.97 3.38 -12.79
CA THR A 67 15.20 3.06 -14.19
C THR A 67 16.31 2.03 -14.35
N SER A 68 15.94 0.75 -14.37
CA SER A 68 16.90 -0.32 -14.52
C SER A 68 17.16 -0.65 -15.99
N GLY A 69 16.10 -1.03 -16.69
CA GLY A 69 16.22 -1.36 -18.10
C GLY A 69 15.08 -2.22 -18.60
N PRO A 70 14.93 -2.30 -19.92
CA PRO A 70 13.86 -3.09 -20.55
C PRO A 70 14.09 -4.59 -20.39
N SER A 71 13.63 -5.13 -19.26
CA SER A 71 13.77 -6.55 -18.98
C SER A 71 12.70 -7.36 -19.69
N SER A 72 13.04 -8.58 -20.08
CA SER A 72 12.11 -9.46 -20.77
C SER A 72 10.69 -9.27 -20.23
N GLY A 73 9.71 -9.29 -21.13
CA GLY A 73 8.33 -9.12 -20.73
C GLY A 73 7.62 -10.45 -20.52
ZN ZN B . -6.82 0.90 2.53
N GLY A 1 -2.35 15.64 4.88
CA GLY A 1 -2.75 15.43 6.26
C GLY A 1 -3.88 14.43 6.40
N SER A 2 -4.18 14.05 7.64
CA SER A 2 -5.25 13.09 7.90
C SER A 2 -5.98 13.44 9.20
N SER A 3 -7.30 13.46 9.13
CA SER A 3 -8.12 13.78 10.29
C SER A 3 -8.75 12.52 10.88
N GLY A 4 -8.00 11.83 11.72
CA GLY A 4 -8.49 10.61 12.33
C GLY A 4 -7.48 9.97 13.26
N SER A 5 -7.93 8.99 14.05
CA SER A 5 -7.05 8.30 14.98
C SER A 5 -7.29 6.79 14.93
N SER A 6 -6.24 6.03 15.20
CA SER A 6 -6.32 4.58 15.19
C SER A 6 -6.64 4.04 16.58
N GLY A 7 -6.81 2.72 16.68
CA GLY A 7 -7.11 2.10 17.95
C GLY A 7 -8.09 0.95 17.81
N LYS A 8 -7.61 -0.26 18.11
CA LYS A 8 -8.44 -1.46 18.02
C LYS A 8 -7.73 -2.66 18.64
N ARG A 9 -8.50 -3.54 19.26
CA ARG A 9 -7.95 -4.73 19.88
C ARG A 9 -7.82 -5.87 18.87
N GLN A 10 -6.81 -5.77 18.01
CA GLN A 10 -6.56 -6.79 17.00
C GLN A 10 -5.37 -7.67 17.38
N LYS A 11 -5.57 -8.98 17.29
CA LYS A 11 -4.51 -9.93 17.62
C LYS A 11 -3.16 -9.44 17.12
N ILE A 12 -2.09 -9.93 17.73
CA ILE A 12 -0.73 -9.54 17.34
C ILE A 12 0.06 -10.76 16.86
N HIS A 13 -0.12 -11.89 17.53
CA HIS A 13 0.58 -13.11 17.16
C HIS A 13 -0.17 -13.87 16.07
N LEU A 14 -0.63 -13.14 15.07
CA LEU A 14 -1.37 -13.74 13.96
C LEU A 14 -0.54 -13.73 12.68
N GLY A 15 0.20 -12.65 12.47
CA GLY A 15 1.03 -12.55 11.28
C GLY A 15 1.79 -11.23 11.23
N ASP A 16 3.12 -11.31 11.29
CA ASP A 16 3.96 -10.12 11.24
C ASP A 16 3.81 -9.41 9.90
N ARG A 17 4.13 -10.12 8.82
CA ARG A 17 4.03 -9.55 7.48
C ARG A 17 2.78 -8.69 7.34
N SER A 18 1.65 -9.23 7.73
CA SER A 18 0.38 -8.52 7.65
C SER A 18 0.55 -7.07 8.10
N GLN A 19 0.08 -6.14 7.27
CA GLN A 19 0.18 -4.71 7.59
C GLN A 19 -1.20 -4.09 7.68
N LYS A 20 -1.30 -3.03 8.48
CA LYS A 20 -2.57 -2.33 8.67
C LYS A 20 -2.62 -1.06 7.82
N CYS A 21 -3.40 -1.11 6.74
CA CYS A 21 -3.53 0.03 5.85
C CYS A 21 -3.73 1.32 6.65
N SER A 22 -3.43 2.45 6.02
CA SER A 22 -3.57 3.76 6.67
C SER A 22 -4.78 4.51 6.12
N LYS A 23 -5.05 4.32 4.83
CA LYS A 23 -6.18 4.98 4.18
C LYS A 23 -7.49 4.53 4.79
N CYS A 24 -7.79 3.23 4.68
CA CYS A 24 -9.02 2.67 5.23
C CYS A 24 -8.77 2.05 6.60
N GLY A 25 -7.66 1.31 6.72
CA GLY A 25 -7.33 0.69 7.98
C GLY A 25 -7.69 -0.79 7.99
N ILE A 26 -7.59 -1.43 6.84
CA ILE A 26 -7.89 -2.85 6.72
C ILE A 26 -6.64 -3.70 6.79
N ILE A 27 -6.80 -4.97 7.12
CA ILE A 27 -5.67 -5.89 7.24
C ILE A 27 -5.40 -6.58 5.91
N PHE A 28 -4.18 -6.41 5.40
CA PHE A 28 -3.78 -7.02 4.13
C PHE A 28 -2.34 -7.50 4.18
N ILE A 29 -1.97 -8.36 3.24
CA ILE A 29 -0.62 -8.89 3.17
C ILE A 29 0.27 -8.02 2.29
N ARG A 30 1.44 -7.65 2.81
CA ARG A 30 2.38 -6.82 2.07
C ARG A 30 3.63 -7.61 1.70
N ARG A 31 4.37 -7.12 0.71
CA ARG A 31 5.59 -7.78 0.26
C ARG A 31 6.82 -6.96 0.62
N SER A 32 8.00 -7.55 0.43
CA SER A 32 9.25 -6.87 0.73
C SER A 32 9.28 -5.48 0.10
N THR A 33 10.27 -4.68 0.50
CA THR A 33 10.41 -3.33 -0.02
C THR A 33 11.08 -3.32 -1.38
N LEU A 34 10.33 -3.73 -2.41
CA LEU A 34 10.85 -3.79 -3.76
C LEU A 34 10.34 -2.60 -4.58
N SER A 35 9.02 -2.49 -4.70
CA SER A 35 8.41 -1.40 -5.46
C SER A 35 8.20 -0.18 -4.58
N ARG A 36 7.76 0.92 -5.20
CA ARG A 36 7.52 2.15 -4.47
C ARG A 36 6.21 2.08 -3.68
N ARG A 37 6.24 1.36 -2.56
CA ARG A 37 5.06 1.21 -1.73
C ARG A 37 5.26 1.86 -0.36
N LYS A 38 5.86 3.05 -0.37
CA LYS A 38 6.12 3.79 0.86
C LYS A 38 4.89 3.80 1.75
N THR A 39 3.79 4.30 1.22
CA THR A 39 2.54 4.39 1.98
C THR A 39 1.81 3.04 1.97
N PRO A 40 1.54 2.51 3.17
CA PRO A 40 0.85 1.22 3.33
C PRO A 40 -0.62 1.31 2.93
N MET A 41 -0.90 1.07 1.66
CA MET A 41 -2.26 1.12 1.15
C MET A 41 -2.67 -0.24 0.58
N CYS A 42 -3.80 -0.76 1.06
CA CYS A 42 -4.32 -2.04 0.60
C CYS A 42 -4.56 -2.03 -0.91
N GLU A 43 -4.43 -3.19 -1.53
CA GLU A 43 -4.63 -3.31 -2.97
C GLU A 43 -5.83 -2.48 -3.42
N LYS A 44 -6.94 -2.62 -2.70
CA LYS A 44 -8.16 -1.89 -3.03
C LYS A 44 -7.89 -0.39 -3.08
N CYS A 45 -7.30 0.14 -2.02
CA CYS A 45 -6.98 1.56 -1.94
C CYS A 45 -6.04 1.98 -3.06
N ARG A 46 -4.96 1.22 -3.23
CA ARG A 46 -3.98 1.51 -4.27
C ARG A 46 -4.67 1.83 -5.59
N LYS A 47 -5.76 1.12 -5.87
CA LYS A 47 -6.52 1.34 -7.10
C LYS A 47 -7.23 2.69 -7.08
N ASP A 48 -7.74 3.06 -5.90
CA ASP A 48 -8.44 4.34 -5.74
C ASP A 48 -7.46 5.47 -5.50
N SER A 49 -6.33 5.44 -6.22
CA SER A 49 -5.31 6.47 -6.08
C SER A 49 -5.33 7.42 -7.27
N CYS A 50 -6.53 7.78 -7.70
CA CYS A 50 -6.69 8.70 -8.83
C CYS A 50 -6.87 10.13 -8.36
N GLN A 51 -5.76 10.79 -8.03
CA GLN A 51 -5.79 12.16 -7.56
C GLN A 51 -5.87 13.13 -8.73
N GLU A 52 -4.86 13.10 -9.59
CA GLU A 52 -4.82 13.99 -10.75
C GLU A 52 -4.81 13.18 -12.05
N ALA A 53 -5.60 12.11 -12.07
CA ALA A 53 -5.69 11.26 -13.25
C ALA A 53 -4.34 11.17 -13.96
N ALA A 54 -3.26 11.06 -13.19
CA ALA A 54 -1.93 10.97 -13.75
C ALA A 54 -1.32 9.58 -13.50
N LEU A 55 -0.24 9.28 -14.21
CA LEU A 55 0.43 7.99 -14.08
C LEU A 55 1.40 8.01 -12.90
N ASN A 56 2.30 8.98 -12.90
CA ASN A 56 3.29 9.11 -11.83
C ASN A 56 4.09 10.40 -11.98
N LYS A 57 4.61 10.89 -10.86
CA LYS A 57 5.40 12.13 -10.87
C LYS A 57 6.73 11.92 -10.15
N ASP A 58 6.70 11.11 -9.09
CA ASP A 58 7.91 10.84 -8.31
C ASP A 58 9.00 10.24 -9.20
N GLU A 59 8.62 9.28 -10.03
CA GLU A 59 9.57 8.63 -10.93
C GLU A 59 9.05 8.63 -12.37
N GLY A 60 9.90 8.22 -13.30
CA GLY A 60 9.51 8.18 -14.70
C GLY A 60 10.29 9.18 -15.54
N ASN A 61 11.27 8.68 -16.28
CA ASN A 61 12.10 9.53 -17.14
C ASN A 61 12.21 8.95 -18.54
N GLU A 62 12.43 7.63 -18.61
CA GLU A 62 12.57 6.95 -19.90
C GLU A 62 12.37 5.45 -19.75
N SER A 63 11.90 4.80 -20.81
CA SER A 63 11.66 3.37 -20.78
C SER A 63 12.96 2.61 -21.00
N GLY A 64 13.12 1.49 -20.29
CA GLY A 64 14.32 0.68 -20.42
C GLY A 64 14.58 -0.17 -19.21
N LYS A 65 14.45 0.42 -18.03
CA LYS A 65 14.67 -0.29 -16.78
C LYS A 65 13.36 -0.87 -16.23
N LYS A 66 13.46 -1.67 -15.18
CA LYS A 66 12.29 -2.27 -14.56
C LYS A 66 11.15 -1.28 -14.45
N THR A 67 11.48 -0.04 -14.06
CA THR A 67 10.48 1.01 -13.91
C THR A 67 9.51 1.00 -15.08
N SER A 68 8.24 1.28 -14.79
CA SER A 68 7.21 1.30 -15.81
C SER A 68 7.58 2.25 -16.95
N GLY A 69 7.94 3.48 -16.60
CA GLY A 69 8.31 4.46 -17.60
C GLY A 69 7.32 5.59 -17.70
N PRO A 70 7.63 6.57 -18.56
CA PRO A 70 6.76 7.75 -18.77
C PRO A 70 5.47 7.38 -19.49
N SER A 71 4.50 8.29 -19.46
CA SER A 71 3.22 8.07 -20.12
C SER A 71 3.27 8.49 -21.58
N SER A 72 2.22 8.15 -22.33
CA SER A 72 2.14 8.51 -23.74
C SER A 72 1.65 9.93 -23.92
N GLY A 73 2.55 10.89 -23.78
CA GLY A 73 2.18 12.29 -23.95
C GLY A 73 1.17 12.74 -22.90
ZN ZN B . -6.92 0.60 2.63
N GLY A 1 -13.52 23.99 8.96
CA GLY A 1 -12.71 22.86 9.36
C GLY A 1 -11.24 23.20 9.44
N SER A 2 -10.41 22.48 8.67
CA SER A 2 -8.98 22.71 8.66
C SER A 2 -8.39 22.55 10.06
N SER A 3 -8.83 21.51 10.75
CA SER A 3 -8.35 21.25 12.11
C SER A 3 -7.44 20.02 12.13
N GLY A 4 -6.85 19.74 13.29
CA GLY A 4 -5.96 18.61 13.42
C GLY A 4 -6.29 17.75 14.63
N SER A 5 -7.24 16.83 14.46
CA SER A 5 -7.65 15.95 15.55
C SER A 5 -7.10 14.54 15.35
N SER A 6 -6.08 14.20 16.15
CA SER A 6 -5.46 12.89 16.07
C SER A 6 -5.47 12.19 17.42
N GLY A 7 -5.27 10.87 17.40
CA GLY A 7 -5.26 10.11 18.63
C GLY A 7 -5.46 8.63 18.40
N LYS A 8 -4.38 7.92 18.09
CA LYS A 8 -4.45 6.49 17.84
C LYS A 8 -3.08 5.85 18.06
N ARG A 9 -3.08 4.70 18.75
CA ARG A 9 -1.85 3.98 19.03
C ARG A 9 -1.70 2.77 18.10
N GLN A 10 -0.51 2.62 17.52
CA GLN A 10 -0.24 1.50 16.62
C GLN A 10 1.14 0.91 16.88
N LYS A 11 1.17 -0.29 17.45
CA LYS A 11 2.42 -0.97 17.76
C LYS A 11 2.19 -2.41 18.16
N ILE A 12 2.90 -3.33 17.53
CA ILE A 12 2.75 -4.76 17.82
C ILE A 12 3.86 -5.57 17.16
N HIS A 13 4.35 -6.59 17.87
CA HIS A 13 5.40 -7.44 17.36
C HIS A 13 5.01 -8.92 17.45
N LEU A 14 4.11 -9.33 16.56
CA LEU A 14 3.65 -10.71 16.54
C LEU A 14 4.25 -11.48 15.36
N GLY A 15 5.48 -11.13 15.02
CA GLY A 15 6.15 -11.80 13.91
C GLY A 15 5.19 -12.14 12.78
N ASP A 16 4.73 -11.11 12.07
CA ASP A 16 3.81 -11.31 10.96
C ASP A 16 4.12 -10.34 9.82
N ARG A 17 3.52 -10.58 8.66
CA ARG A 17 3.73 -9.74 7.50
C ARG A 17 2.55 -8.81 7.27
N SER A 18 1.35 -9.31 7.54
CA SER A 18 0.14 -8.53 7.37
C SER A 18 0.31 -7.11 7.91
N GLN A 19 0.10 -6.12 7.06
CA GLN A 19 0.23 -4.72 7.46
C GLN A 19 -1.12 -4.03 7.51
N LYS A 20 -1.26 -3.06 8.41
CA LYS A 20 -2.51 -2.31 8.54
C LYS A 20 -2.49 -1.08 7.66
N CYS A 21 -3.44 -1.01 6.72
CA CYS A 21 -3.54 0.13 5.81
C CYS A 21 -3.69 1.43 6.59
N SER A 22 -3.42 2.54 5.92
CA SER A 22 -3.52 3.86 6.55
C SER A 22 -4.74 4.61 6.02
N LYS A 23 -5.05 4.40 4.75
CA LYS A 23 -6.20 5.06 4.13
C LYS A 23 -7.50 4.57 4.73
N CYS A 24 -7.81 3.29 4.53
CA CYS A 24 -9.04 2.71 5.06
C CYS A 24 -8.79 2.05 6.41
N GLY A 25 -7.70 1.29 6.50
CA GLY A 25 -7.36 0.62 7.73
C GLY A 25 -7.72 -0.86 7.71
N ILE A 26 -7.58 -1.48 6.56
CA ILE A 26 -7.90 -2.90 6.41
C ILE A 26 -6.65 -3.76 6.53
N ILE A 27 -6.84 -5.03 6.87
CA ILE A 27 -5.72 -5.96 7.01
C ILE A 27 -5.37 -6.61 5.68
N PHE A 28 -4.15 -6.38 5.21
CA PHE A 28 -3.70 -6.95 3.95
C PHE A 28 -2.24 -7.38 4.05
N ILE A 29 -1.88 -8.42 3.29
CA ILE A 29 -0.52 -8.93 3.30
C ILE A 29 0.36 -8.17 2.30
N ARG A 30 1.58 -7.85 2.72
CA ARG A 30 2.51 -7.13 1.87
C ARG A 30 3.89 -7.79 1.89
N ARG A 31 4.42 -8.08 0.69
CA ARG A 31 5.73 -8.72 0.58
C ARG A 31 6.76 -7.72 0.08
N SER A 32 6.57 -7.21 -1.13
CA SER A 32 7.49 -6.26 -1.72
C SER A 32 6.75 -5.24 -2.59
N THR A 33 7.36 -4.08 -2.78
CA THR A 33 6.75 -3.03 -3.59
C THR A 33 7.79 -2.38 -4.50
N LEU A 34 7.32 -1.47 -5.36
CA LEU A 34 8.20 -0.78 -6.29
C LEU A 34 8.33 0.70 -5.92
N SER A 35 8.02 1.02 -4.67
CA SER A 35 8.10 2.39 -4.19
C SER A 35 9.17 2.53 -3.11
N ARG A 36 9.31 3.74 -2.58
CA ARG A 36 10.29 4.01 -1.54
C ARG A 36 9.61 4.46 -0.24
N ARG A 37 9.46 3.53 0.69
CA ARG A 37 8.82 3.82 1.96
C ARG A 37 7.47 4.51 1.75
N LYS A 38 6.70 4.01 0.80
CA LYS A 38 5.39 4.56 0.49
C LYS A 38 4.36 4.12 1.53
N THR A 39 3.43 5.02 1.86
CA THR A 39 2.39 4.73 2.83
C THR A 39 1.76 3.36 2.57
N PRO A 40 1.46 2.64 3.66
CA PRO A 40 0.85 1.30 3.57
C PRO A 40 -0.60 1.36 3.08
N MET A 41 -0.79 1.05 1.79
CA MET A 41 -2.12 1.06 1.20
C MET A 41 -2.53 -0.34 0.76
N CYS A 42 -3.76 -0.72 1.08
CA CYS A 42 -4.28 -2.04 0.72
C CYS A 42 -4.71 -2.07 -0.74
N GLU A 43 -4.57 -3.23 -1.38
CA GLU A 43 -4.95 -3.38 -2.78
C GLU A 43 -6.14 -2.48 -3.12
N LYS A 44 -7.19 -2.56 -2.31
CA LYS A 44 -8.39 -1.76 -2.53
C LYS A 44 -8.02 -0.29 -2.74
N CYS A 45 -7.34 0.30 -1.75
CA CYS A 45 -6.94 1.70 -1.84
C CYS A 45 -5.94 1.91 -2.96
N ARG A 46 -4.90 1.07 -2.99
CA ARG A 46 -3.87 1.17 -4.02
C ARG A 46 -4.49 1.40 -5.39
N LYS A 47 -5.62 0.74 -5.64
CA LYS A 47 -6.31 0.87 -6.92
C LYS A 47 -7.06 2.20 -6.99
N ASP A 48 -7.82 2.52 -5.95
CA ASP A 48 -8.57 3.76 -5.90
C ASP A 48 -7.77 4.91 -6.50
N SER A 49 -6.57 5.15 -5.97
CA SER A 49 -5.71 6.22 -6.45
C SER A 49 -6.48 7.53 -6.54
N CYS A 50 -7.24 7.84 -5.49
CA CYS A 50 -8.03 9.07 -5.45
C CYS A 50 -7.13 10.29 -5.52
N GLN A 51 -7.74 11.47 -5.58
CA GLN A 51 -6.99 12.72 -5.66
C GLN A 51 -6.99 13.44 -4.32
N GLU A 52 -5.94 13.24 -3.54
CA GLU A 52 -5.83 13.88 -2.23
C GLU A 52 -4.38 14.27 -1.94
N ALA A 53 -4.11 15.58 -2.03
CA ALA A 53 -2.77 16.09 -1.78
C ALA A 53 -2.57 16.40 -0.30
N ALA A 54 -2.29 15.38 0.49
CA ALA A 54 -2.08 15.54 1.93
C ALA A 54 -0.72 16.19 2.21
N LEU A 55 0.32 15.69 1.55
CA LEU A 55 1.67 16.23 1.73
C LEU A 55 1.63 17.74 1.92
N ASN A 56 2.59 18.26 2.68
CA ASN A 56 2.67 19.69 2.93
C ASN A 56 3.56 20.37 1.91
N LYS A 57 4.84 20.00 1.89
CA LYS A 57 5.80 20.57 0.95
C LYS A 57 6.02 19.64 -0.25
N ASP A 58 6.06 20.23 -1.44
CA ASP A 58 6.26 19.46 -2.65
C ASP A 58 7.64 19.74 -3.26
N GLU A 59 8.47 18.71 -3.32
CA GLU A 59 9.82 18.85 -3.87
C GLU A 59 9.94 18.14 -5.20
N GLY A 60 11.07 18.32 -5.87
CA GLY A 60 11.29 17.68 -7.15
C GLY A 60 11.44 16.18 -7.04
N ASN A 61 10.32 15.49 -6.90
CA ASN A 61 10.32 14.04 -6.79
C ASN A 61 9.54 13.39 -7.93
N GLU A 62 10.04 12.26 -8.42
CA GLU A 62 9.39 11.55 -9.51
C GLU A 62 8.78 10.24 -9.02
N SER A 63 7.71 10.35 -8.25
CA SER A 63 7.02 9.18 -7.71
C SER A 63 6.75 8.16 -8.81
N GLY A 64 6.15 8.62 -9.90
CA GLY A 64 5.84 7.73 -11.01
C GLY A 64 4.73 6.75 -10.69
N LYS A 65 4.34 5.95 -11.67
CA LYS A 65 3.27 4.98 -11.49
C LYS A 65 3.70 3.60 -11.98
N LYS A 66 3.19 2.55 -11.34
CA LYS A 66 3.52 1.19 -11.72
C LYS A 66 3.70 1.07 -13.23
N THR A 67 2.67 1.45 -13.98
CA THR A 67 2.71 1.38 -15.42
C THR A 67 2.53 2.76 -16.04
N SER A 68 3.60 3.54 -16.07
CA SER A 68 3.57 4.89 -16.63
C SER A 68 2.88 4.89 -17.99
N GLY A 69 2.08 5.92 -18.25
CA GLY A 69 1.38 6.02 -19.51
C GLY A 69 1.11 7.46 -19.91
N PRO A 70 -0.08 7.97 -19.52
CA PRO A 70 -0.47 9.35 -19.83
C PRO A 70 0.35 10.38 -19.07
N SER A 71 1.13 11.17 -19.80
CA SER A 71 1.96 12.18 -19.18
C SER A 71 1.26 12.82 -17.99
N SER A 72 1.80 12.58 -16.80
CA SER A 72 1.21 13.12 -15.58
C SER A 72 2.28 13.26 -14.49
N GLY A 73 1.96 14.02 -13.45
CA GLY A 73 2.89 14.23 -12.36
C GLY A 73 2.29 13.91 -11.01
ZN ZN B . -6.91 0.62 2.57
N GLY A 1 -18.52 0.11 33.88
CA GLY A 1 -19.02 0.84 32.74
C GLY A 1 -20.34 0.28 32.22
N SER A 2 -21.03 1.08 31.40
CA SER A 2 -22.32 0.65 30.85
C SER A 2 -22.50 1.21 29.44
N SER A 3 -23.52 0.70 28.75
CA SER A 3 -23.81 1.14 27.39
C SER A 3 -22.60 0.96 26.49
N GLY A 4 -21.93 -0.18 26.64
CA GLY A 4 -20.75 -0.46 25.83
C GLY A 4 -20.88 0.08 24.42
N SER A 5 -19.84 0.76 23.94
CA SER A 5 -19.84 1.33 22.61
C SER A 5 -19.49 0.27 21.56
N SER A 6 -19.64 0.63 20.29
CA SER A 6 -19.35 -0.29 19.19
C SER A 6 -18.04 0.08 18.52
N GLY A 7 -17.61 -0.75 17.58
CA GLY A 7 -16.37 -0.50 16.87
C GLY A 7 -15.83 -1.75 16.20
N LYS A 8 -14.50 -1.80 16.03
CA LYS A 8 -13.86 -2.94 15.40
C LYS A 8 -12.85 -3.58 16.34
N ARG A 9 -13.34 -4.41 17.26
CA ARG A 9 -12.47 -5.09 18.22
C ARG A 9 -12.24 -6.54 17.82
N GLN A 10 -11.23 -6.77 17.00
CA GLN A 10 -10.91 -8.12 16.54
C GLN A 10 -9.51 -8.53 16.98
N LYS A 11 -9.20 -9.81 16.83
CA LYS A 11 -7.89 -10.33 17.22
C LYS A 11 -6.81 -9.86 16.24
N ILE A 12 -5.58 -9.79 16.73
CA ILE A 12 -4.46 -9.36 15.90
C ILE A 12 -3.64 -10.56 15.43
N HIS A 13 -3.35 -10.59 14.12
CA HIS A 13 -2.58 -11.68 13.55
C HIS A 13 -1.17 -11.72 14.15
N LEU A 14 -0.39 -12.73 13.76
CA LEU A 14 0.97 -12.88 14.25
C LEU A 14 1.65 -11.53 14.40
N GLY A 15 1.51 -10.69 13.37
CA GLY A 15 2.12 -9.38 13.40
C GLY A 15 3.56 -9.39 12.94
N ASP A 16 3.80 -9.93 11.75
CA ASP A 16 5.14 -10.01 11.19
C ASP A 16 5.17 -9.50 9.76
N ARG A 17 4.18 -9.90 8.97
CA ARG A 17 4.09 -9.48 7.57
C ARG A 17 2.83 -8.66 7.34
N SER A 18 1.70 -9.14 7.84
CA SER A 18 0.43 -8.45 7.68
C SER A 18 0.54 -7.00 8.14
N GLN A 19 0.19 -6.08 7.24
CA GLN A 19 0.25 -4.65 7.56
C GLN A 19 -1.16 -4.04 7.56
N LYS A 20 -1.36 -3.04 8.42
CA LYS A 20 -2.64 -2.38 8.52
C LYS A 20 -2.66 -1.09 7.70
N CYS A 21 -3.47 -1.07 6.64
CA CYS A 21 -3.57 0.10 5.78
C CYS A 21 -3.79 1.37 6.61
N SER A 22 -3.43 2.52 6.03
CA SER A 22 -3.59 3.79 6.70
C SER A 22 -4.75 4.59 6.10
N LYS A 23 -5.06 4.31 4.85
CA LYS A 23 -6.15 5.00 4.16
C LYS A 23 -7.50 4.57 4.72
N CYS A 24 -7.80 3.28 4.60
CA CYS A 24 -9.07 2.73 5.10
C CYS A 24 -8.88 2.12 6.48
N GLY A 25 -7.84 1.31 6.64
CA GLY A 25 -7.57 0.67 7.90
C GLY A 25 -7.98 -0.80 7.91
N ILE A 26 -7.59 -1.51 6.86
CA ILE A 26 -7.91 -2.93 6.74
C ILE A 26 -6.65 -3.78 6.80
N ILE A 27 -6.82 -5.07 7.09
CA ILE A 27 -5.69 -5.99 7.17
C ILE A 27 -5.37 -6.59 5.80
N PHE A 28 -4.12 -6.43 5.37
CA PHE A 28 -3.69 -6.96 4.08
C PHE A 28 -2.22 -7.35 4.12
N ILE A 29 -1.82 -8.25 3.23
CA ILE A 29 -0.45 -8.71 3.16
C ILE A 29 0.39 -7.84 2.25
N ARG A 30 1.61 -7.54 2.68
CA ARG A 30 2.52 -6.69 1.90
C ARG A 30 3.78 -7.46 1.52
N ARG A 31 3.66 -8.78 1.43
CA ARG A 31 4.79 -9.63 1.07
C ARG A 31 5.31 -9.30 -0.33
N SER A 32 4.40 -9.29 -1.31
CA SER A 32 4.76 -8.99 -2.68
C SER A 32 5.24 -7.55 -2.82
N THR A 33 4.70 -6.67 -1.99
CA THR A 33 5.06 -5.26 -2.02
C THR A 33 6.30 -5.00 -1.17
N LEU A 34 7.48 -5.14 -1.79
CA LEU A 34 8.74 -4.91 -1.10
C LEU A 34 9.58 -3.87 -1.81
N SER A 35 9.30 -2.60 -1.52
CA SER A 35 10.03 -1.50 -2.14
C SER A 35 10.02 -0.26 -1.23
N ARG A 36 11.21 0.24 -0.91
CA ARG A 36 11.33 1.41 -0.06
C ARG A 36 10.54 2.59 -0.62
N ARG A 37 10.35 3.62 0.19
CA ARG A 37 9.61 4.80 -0.23
C ARG A 37 8.21 4.43 -0.71
N LYS A 38 7.53 3.59 0.08
CA LYS A 38 6.18 3.16 -0.27
C LYS A 38 5.24 3.34 0.91
N THR A 39 3.96 3.60 0.61
CA THR A 39 2.96 3.80 1.65
C THR A 39 2.14 2.54 1.87
N PRO A 40 1.84 2.24 3.14
CA PRO A 40 1.06 1.06 3.52
C PRO A 40 -0.41 1.17 3.11
N MET A 41 -0.70 0.89 1.84
CA MET A 41 -2.05 0.96 1.33
C MET A 41 -2.51 -0.39 0.80
N CYS A 42 -3.77 -0.72 1.06
CA CYS A 42 -4.33 -1.99 0.62
C CYS A 42 -4.61 -1.97 -0.88
N GLU A 43 -4.54 -3.14 -1.52
CA GLU A 43 -4.78 -3.25 -2.95
C GLU A 43 -6.06 -2.50 -3.35
N LYS A 44 -7.02 -2.47 -2.44
CA LYS A 44 -8.29 -1.79 -2.69
C LYS A 44 -8.08 -0.28 -2.82
N CYS A 45 -7.25 0.27 -1.95
CA CYS A 45 -6.96 1.71 -1.97
C CYS A 45 -5.98 2.04 -3.08
N ARG A 46 -5.03 1.14 -3.32
CA ARG A 46 -4.03 1.34 -4.36
C ARG A 46 -4.68 1.40 -5.74
N LYS A 47 -5.44 0.36 -6.08
CA LYS A 47 -6.12 0.29 -7.37
C LYS A 47 -7.00 1.51 -7.58
N ASP A 48 -7.31 2.22 -6.50
CA ASP A 48 -8.14 3.41 -6.57
C ASP A 48 -7.31 4.63 -6.95
N SER A 49 -6.32 4.42 -7.80
CA SER A 49 -5.44 5.51 -8.23
C SER A 49 -5.25 6.53 -7.12
N CYS A 50 -5.09 6.04 -5.89
CA CYS A 50 -4.90 6.90 -4.73
C CYS A 50 -3.48 7.47 -4.72
N GLN A 51 -2.50 6.60 -4.94
CA GLN A 51 -1.10 7.03 -4.95
C GLN A 51 -0.90 8.22 -5.86
N GLU A 52 0.34 8.72 -5.92
CA GLU A 52 0.67 9.86 -6.75
C GLU A 52 -0.26 11.05 -6.44
N ALA A 53 -0.44 11.32 -5.15
CA ALA A 53 -1.30 12.42 -4.72
C ALA A 53 -0.48 13.51 -4.05
N ALA A 54 0.44 13.12 -3.17
CA ALA A 54 1.28 14.07 -2.45
C ALA A 54 2.76 13.81 -2.75
N LEU A 55 3.13 12.53 -2.78
CA LEU A 55 4.52 12.16 -3.04
C LEU A 55 5.16 13.10 -4.04
N ASN A 56 6.47 13.29 -3.92
CA ASN A 56 7.22 14.17 -4.82
C ASN A 56 8.40 13.44 -5.44
N LYS A 57 8.27 13.12 -6.73
CA LYS A 57 9.34 12.42 -7.44
C LYS A 57 10.71 12.81 -6.90
N ASP A 58 11.49 11.81 -6.52
CA ASP A 58 12.82 12.06 -6.00
C ASP A 58 13.88 11.33 -6.84
N GLU A 59 13.76 10.00 -6.92
CA GLU A 59 14.70 9.20 -7.68
C GLU A 59 13.97 8.10 -8.45
N GLY A 60 14.24 8.02 -9.75
CA GLY A 60 13.60 7.00 -10.57
C GLY A 60 12.24 7.44 -11.09
N ASN A 61 11.46 6.48 -11.55
CA ASN A 61 10.12 6.77 -12.08
C ASN A 61 9.06 5.99 -11.34
N GLU A 62 9.20 4.67 -11.31
CA GLU A 62 8.24 3.81 -10.63
C GLU A 62 8.95 2.91 -9.61
N SER A 63 9.87 2.07 -10.10
CA SER A 63 10.62 1.17 -9.24
C SER A 63 11.68 0.43 -10.03
N GLY A 64 12.47 -0.39 -9.32
CA GLY A 64 13.53 -1.14 -9.98
C GLY A 64 13.66 -2.55 -9.41
N LYS A 65 13.96 -3.51 -10.28
CA LYS A 65 14.13 -4.89 -9.88
C LYS A 65 14.92 -4.99 -8.57
N LYS A 66 14.73 -6.08 -7.85
CA LYS A 66 15.43 -6.30 -6.59
C LYS A 66 16.93 -6.43 -6.81
N THR A 67 17.31 -7.23 -7.79
CA THR A 67 18.72 -7.44 -8.12
C THR A 67 19.32 -6.20 -8.76
N SER A 68 19.79 -5.27 -7.94
CA SER A 68 20.39 -4.04 -8.44
C SER A 68 19.70 -3.57 -9.72
N GLY A 69 18.37 -3.70 -9.75
CA GLY A 69 17.62 -3.31 -10.92
C GLY A 69 18.03 -4.07 -12.17
N PRO A 70 17.24 -3.91 -13.24
CA PRO A 70 17.50 -4.59 -14.52
C PRO A 70 18.74 -4.04 -15.22
N SER A 71 19.42 -3.11 -14.56
CA SER A 71 20.63 -2.50 -15.13
C SER A 71 20.30 -1.73 -16.40
N SER A 72 19.19 -0.98 -16.36
CA SER A 72 18.76 -0.20 -17.51
C SER A 72 18.62 1.28 -17.14
N GLY A 73 18.09 1.52 -15.93
CA GLY A 73 17.91 2.89 -15.48
C GLY A 73 18.62 3.17 -14.17
ZN ZN B . -6.93 0.74 2.55
N GLY A 1 1.69 21.36 5.21
CA GLY A 1 1.31 20.99 6.57
C GLY A 1 1.66 19.56 6.89
N SER A 2 2.39 19.36 7.99
CA SER A 2 2.79 18.02 8.42
C SER A 2 2.41 17.77 9.87
N SER A 3 1.27 17.13 10.06
CA SER A 3 0.79 16.83 11.41
C SER A 3 1.37 15.52 11.92
N GLY A 4 2.06 15.60 13.06
CA GLY A 4 2.66 14.41 13.64
C GLY A 4 1.96 13.95 14.90
N SER A 5 2.41 12.83 15.45
CA SER A 5 1.81 12.28 16.67
C SER A 5 2.78 11.34 17.37
N SER A 6 2.71 11.31 18.70
CA SER A 6 3.58 10.45 19.49
C SER A 6 2.95 10.13 20.83
N GLY A 7 3.19 8.91 21.32
CA GLY A 7 2.63 8.49 22.60
C GLY A 7 3.61 7.69 23.42
N LYS A 8 3.52 6.37 23.31
CA LYS A 8 4.41 5.48 24.05
C LYS A 8 4.92 4.36 23.16
N ARG A 9 6.20 4.05 23.27
CA ARG A 9 6.81 2.99 22.48
C ARG A 9 7.89 2.26 23.27
N GLN A 10 7.65 0.99 23.57
CA GLN A 10 8.60 0.19 24.33
C GLN A 10 8.92 -1.12 23.60
N LYS A 11 7.88 -1.80 23.14
CA LYS A 11 8.05 -3.05 22.43
C LYS A 11 7.38 -3.00 21.06
N ILE A 12 8.16 -2.66 20.04
CA ILE A 12 7.63 -2.57 18.68
C ILE A 12 8.08 -3.76 17.85
N HIS A 13 8.25 -4.91 18.49
CA HIS A 13 8.67 -6.13 17.81
C HIS A 13 7.48 -7.03 17.54
N LEU A 14 7.28 -7.38 16.27
CA LEU A 14 6.18 -8.25 15.88
C LEU A 14 6.64 -9.29 14.86
N GLY A 15 5.97 -10.44 14.85
CA GLY A 15 6.33 -11.49 13.91
C GLY A 15 5.22 -11.79 12.92
N ASP A 16 4.93 -10.82 12.06
CA ASP A 16 3.88 -10.97 11.06
C ASP A 16 4.04 -9.95 9.94
N ARG A 17 3.81 -10.39 8.71
CA ARG A 17 3.93 -9.50 7.55
C ARG A 17 2.68 -8.63 7.41
N SER A 18 1.52 -9.20 7.71
CA SER A 18 0.26 -8.47 7.62
C SER A 18 0.43 -7.02 8.07
N GLN A 19 0.12 -6.10 7.18
CA GLN A 19 0.24 -4.67 7.49
C GLN A 19 -1.14 -4.01 7.55
N LYS A 20 -1.28 -3.04 8.44
CA LYS A 20 -2.54 -2.33 8.61
C LYS A 20 -2.57 -1.08 7.74
N CYS A 21 -3.41 -1.10 6.71
CA CYS A 21 -3.54 0.03 5.80
C CYS A 21 -3.68 1.35 6.58
N SER A 22 -3.40 2.46 5.92
CA SER A 22 -3.48 3.77 6.54
C SER A 22 -4.63 4.58 5.97
N LYS A 23 -5.04 4.23 4.74
CA LYS A 23 -6.13 4.93 4.07
C LYS A 23 -7.47 4.50 4.66
N CYS A 24 -7.78 3.21 4.55
CA CYS A 24 -9.03 2.68 5.06
C CYS A 24 -8.83 2.05 6.43
N GLY A 25 -7.73 1.32 6.59
CA GLY A 25 -7.45 0.68 7.86
C GLY A 25 -7.77 -0.80 7.84
N ILE A 26 -7.62 -1.42 6.68
CA ILE A 26 -7.90 -2.85 6.53
C ILE A 26 -6.63 -3.68 6.70
N ILE A 27 -6.81 -4.96 6.97
CA ILE A 27 -5.67 -5.87 7.16
C ILE A 27 -5.32 -6.59 5.85
N PHE A 28 -4.10 -6.38 5.38
CA PHE A 28 -3.64 -7.01 4.14
C PHE A 28 -2.19 -7.45 4.27
N ILE A 29 -1.78 -8.37 3.39
CA ILE A 29 -0.42 -8.87 3.40
C ILE A 29 0.46 -8.10 2.43
N ARG A 30 1.65 -7.72 2.88
CA ARG A 30 2.59 -6.98 2.05
C ARG A 30 3.99 -7.59 2.11
N ARG A 31 4.75 -7.42 1.04
CA ARG A 31 6.11 -7.95 0.97
C ARG A 31 7.11 -6.95 1.52
N SER A 32 8.20 -7.47 2.09
CA SER A 32 9.24 -6.62 2.66
C SER A 32 10.46 -6.55 1.73
N THR A 33 11.23 -5.49 1.85
CA THR A 33 12.42 -5.30 1.02
C THR A 33 12.10 -5.52 -0.45
N LEU A 34 10.94 -5.04 -0.88
CA LEU A 34 10.52 -5.18 -2.27
C LEU A 34 10.03 -3.85 -2.83
N SER A 35 9.12 -3.20 -2.10
CA SER A 35 8.57 -1.92 -2.52
C SER A 35 9.20 -0.77 -1.74
N ARG A 36 9.61 0.27 -2.46
CA ARG A 36 10.23 1.43 -1.84
C ARG A 36 9.18 2.46 -1.44
N ARG A 37 8.14 2.00 -0.73
CA ARG A 37 7.07 2.88 -0.30
C ARG A 37 7.19 3.17 1.20
N LYS A 38 6.29 4.00 1.71
CA LYS A 38 6.29 4.37 3.12
C LYS A 38 4.92 4.12 3.75
N THR A 39 3.89 4.69 3.14
CA THR A 39 2.53 4.53 3.64
C THR A 39 1.87 3.28 3.07
N PRO A 40 1.44 2.37 3.95
CA PRO A 40 0.79 1.12 3.55
C PRO A 40 -0.60 1.35 2.97
N MET A 41 -0.83 0.80 1.78
CA MET A 41 -2.12 0.94 1.12
C MET A 41 -2.59 -0.40 0.55
N CYS A 42 -3.76 -0.85 1.01
CA CYS A 42 -4.32 -2.11 0.56
C CYS A 42 -4.73 -2.03 -0.91
N GLU A 43 -4.53 -3.13 -1.63
CA GLU A 43 -4.88 -3.18 -3.05
C GLU A 43 -6.12 -2.34 -3.34
N LYS A 44 -7.14 -2.51 -2.51
CA LYS A 44 -8.38 -1.77 -2.68
C LYS A 44 -8.12 -0.28 -2.78
N CYS A 45 -7.31 0.24 -1.87
CA CYS A 45 -6.98 1.66 -1.86
C CYS A 45 -6.00 1.99 -2.98
N ARG A 46 -5.00 1.14 -3.17
CA ARG A 46 -4.00 1.34 -4.20
C ARG A 46 -4.62 1.99 -5.44
N LYS A 47 -5.69 1.38 -5.95
CA LYS A 47 -6.37 1.91 -7.13
C LYS A 47 -7.33 3.04 -6.75
N ASP A 48 -7.97 2.89 -5.59
CA ASP A 48 -8.91 3.90 -5.10
C ASP A 48 -8.33 5.29 -5.26
N SER A 49 -7.21 5.55 -4.60
CA SER A 49 -6.56 6.85 -4.65
C SER A 49 -6.49 7.36 -6.10
N CYS A 50 -6.23 6.44 -7.02
CA CYS A 50 -6.14 6.79 -8.43
C CYS A 50 -6.23 5.55 -9.32
N GLN A 51 -7.23 5.51 -10.18
CA GLN A 51 -7.43 4.38 -11.07
C GLN A 51 -7.68 4.85 -12.50
N GLU A 52 -8.56 5.83 -12.66
CA GLU A 52 -8.88 6.37 -13.97
C GLU A 52 -8.26 7.75 -14.16
N ALA A 53 -8.20 8.53 -13.09
CA ALA A 53 -7.62 9.86 -13.14
C ALA A 53 -6.12 9.82 -12.95
N ALA A 54 -5.46 8.94 -13.69
CA ALA A 54 -4.01 8.80 -13.61
C ALA A 54 -3.31 9.63 -14.68
N LEU A 55 -3.22 10.93 -14.44
CA LEU A 55 -2.57 11.83 -15.39
C LEU A 55 -1.08 11.92 -15.13
N ASN A 56 -0.31 11.01 -15.73
CA ASN A 56 1.13 10.98 -15.57
C ASN A 56 1.83 10.64 -16.88
N LYS A 57 2.99 11.24 -17.10
CA LYS A 57 3.75 11.00 -18.33
C LYS A 57 5.23 10.79 -18.00
N ASP A 58 6.05 10.67 -19.04
CA ASP A 58 7.49 10.47 -18.87
C ASP A 58 7.75 9.41 -17.82
N GLU A 59 6.92 8.38 -17.79
CA GLU A 59 7.07 7.29 -16.83
C GLU A 59 7.23 5.95 -17.54
N GLY A 60 8.41 5.35 -17.40
CA GLY A 60 8.68 4.07 -18.03
C GLY A 60 9.85 3.34 -17.40
N ASN A 61 9.54 2.37 -16.54
CA ASN A 61 10.57 1.60 -15.86
C ASN A 61 9.96 0.42 -15.12
N GLU A 62 10.53 -0.77 -15.32
CA GLU A 62 10.04 -1.97 -14.67
C GLU A 62 11.14 -2.62 -13.83
N SER A 63 10.85 -2.89 -12.57
CA SER A 63 11.81 -3.50 -11.66
C SER A 63 11.23 -4.76 -11.03
N GLY A 64 10.15 -4.58 -10.28
CA GLY A 64 9.51 -5.71 -9.62
C GLY A 64 8.73 -6.58 -10.59
N LYS A 65 8.97 -7.89 -10.52
CA LYS A 65 8.28 -8.83 -11.40
C LYS A 65 6.91 -9.19 -10.84
N LYS A 66 6.19 -8.19 -10.34
CA LYS A 66 4.86 -8.40 -9.77
C LYS A 66 3.86 -7.41 -10.35
N THR A 67 3.99 -7.13 -11.64
CA THR A 67 3.09 -6.19 -12.31
C THR A 67 2.39 -6.86 -13.49
N SER A 68 1.82 -8.04 -13.25
CA SER A 68 1.12 -8.78 -14.30
C SER A 68 0.28 -7.84 -15.15
N GLY A 69 0.42 -7.96 -16.48
CA GLY A 69 -0.33 -7.12 -17.39
C GLY A 69 -0.92 -7.90 -18.55
N PRO A 70 -2.08 -8.54 -18.32
CA PRO A 70 -2.76 -9.32 -19.35
C PRO A 70 -3.35 -8.45 -20.46
N SER A 71 -2.65 -8.42 -21.60
CA SER A 71 -3.09 -7.62 -22.73
C SER A 71 -4.43 -8.14 -23.26
N SER A 72 -5.02 -7.38 -24.18
CA SER A 72 -6.30 -7.76 -24.77
C SER A 72 -6.51 -7.06 -26.11
N GLY A 73 -7.47 -7.56 -26.89
CA GLY A 73 -7.75 -6.96 -28.19
C GLY A 73 -9.23 -6.74 -28.41
ZN ZN B . -6.92 0.53 2.57
N GLY A 1 10.38 -9.33 23.83
CA GLY A 1 9.26 -10.15 24.25
C GLY A 1 7.95 -9.70 23.66
N SER A 2 6.89 -9.71 24.47
CA SER A 2 5.58 -9.30 24.01
C SER A 2 4.96 -8.30 24.98
N SER A 3 4.33 -7.25 24.43
CA SER A 3 3.70 -6.22 25.25
C SER A 3 2.31 -5.90 24.73
N GLY A 4 1.37 -5.69 25.66
CA GLY A 4 0.01 -5.38 25.27
C GLY A 4 -0.66 -4.41 26.23
N SER A 5 -0.99 -4.90 27.43
CA SER A 5 -1.64 -4.07 28.43
C SER A 5 -2.64 -3.11 27.78
N SER A 6 -3.41 -3.61 26.83
CA SER A 6 -4.39 -2.80 26.13
C SER A 6 -5.23 -3.67 25.18
N GLY A 7 -6.21 -3.04 24.55
CA GLY A 7 -7.07 -3.76 23.62
C GLY A 7 -8.08 -4.65 24.34
N LYS A 8 -8.89 -5.35 23.57
CA LYS A 8 -9.91 -6.23 24.13
C LYS A 8 -9.65 -7.68 23.74
N ARG A 9 -9.61 -7.94 22.44
CA ARG A 9 -9.36 -9.29 21.93
C ARG A 9 -7.88 -9.53 21.72
N GLN A 10 -7.42 -10.73 22.04
CA GLN A 10 -6.01 -11.09 21.90
C GLN A 10 -5.85 -12.34 21.04
N LYS A 11 -6.01 -12.17 19.73
CA LYS A 11 -5.89 -13.28 18.79
C LYS A 11 -5.44 -12.79 17.41
N ILE A 12 -4.79 -13.68 16.66
CA ILE A 12 -4.31 -13.33 15.33
C ILE A 12 -3.49 -12.06 15.36
N HIS A 13 -2.50 -12.01 16.25
CA HIS A 13 -1.64 -10.84 16.37
C HIS A 13 -0.43 -10.95 15.46
N LEU A 14 0.30 -12.06 15.59
CA LEU A 14 1.48 -12.30 14.78
C LEU A 14 1.10 -12.76 13.38
N GLY A 15 0.69 -11.83 12.54
CA GLY A 15 0.29 -12.16 11.17
C GLY A 15 1.49 -12.49 10.29
N ASP A 16 1.22 -12.78 9.03
CA ASP A 16 2.28 -13.11 8.08
C ASP A 16 2.55 -11.95 7.14
N ARG A 17 3.68 -11.26 7.36
CA ARG A 17 4.05 -10.12 6.54
C ARG A 17 2.84 -9.25 6.24
N SER A 18 1.85 -9.30 7.13
CA SER A 18 0.63 -8.51 6.95
C SER A 18 0.82 -7.10 7.50
N GLN A 19 0.10 -6.14 6.92
CA GLN A 19 0.20 -4.74 7.35
C GLN A 19 -1.18 -4.10 7.41
N LYS A 20 -1.32 -3.09 8.24
CA LYS A 20 -2.58 -2.38 8.40
C LYS A 20 -2.59 -1.09 7.59
N CYS A 21 -3.51 -1.00 6.64
CA CYS A 21 -3.63 0.18 5.78
C CYS A 21 -3.76 1.45 6.63
N SER A 22 -3.47 2.59 6.02
CA SER A 22 -3.56 3.87 6.73
C SER A 22 -4.70 4.72 6.16
N LYS A 23 -5.09 4.42 4.93
CA LYS A 23 -6.17 5.15 4.28
C LYS A 23 -7.53 4.67 4.76
N CYS A 24 -7.79 3.38 4.60
CA CYS A 24 -9.06 2.79 5.01
C CYS A 24 -8.93 2.15 6.39
N GLY A 25 -7.86 1.38 6.58
CA GLY A 25 -7.64 0.72 7.85
C GLY A 25 -8.03 -0.75 7.83
N ILE A 26 -7.58 -1.46 6.82
CA ILE A 26 -7.89 -2.88 6.68
C ILE A 26 -6.63 -3.73 6.71
N ILE A 27 -6.79 -5.01 7.00
CA ILE A 27 -5.65 -5.93 7.06
C ILE A 27 -5.39 -6.56 5.69
N PHE A 28 -4.16 -6.40 5.21
CA PHE A 28 -3.77 -6.96 3.92
C PHE A 28 -2.32 -7.42 3.94
N ILE A 29 -2.01 -8.39 3.08
CA ILE A 29 -0.66 -8.94 3.01
C ILE A 29 0.22 -8.09 2.09
N ARG A 30 1.40 -7.73 2.57
CA ARG A 30 2.33 -6.92 1.80
C ARG A 30 3.61 -7.70 1.51
N ARG A 31 3.98 -7.78 0.23
CA ARG A 31 5.19 -8.49 -0.17
C ARG A 31 6.24 -7.52 -0.69
N SER A 32 7.46 -7.62 -0.15
CA SER A 32 8.55 -6.75 -0.57
C SER A 32 8.50 -6.47 -2.06
N THR A 33 8.22 -7.51 -2.85
CA THR A 33 8.14 -7.38 -4.29
C THR A 33 7.21 -6.23 -4.68
N LEU A 34 7.22 -5.88 -5.97
CA LEU A 34 6.39 -4.81 -6.48
C LEU A 34 6.59 -3.53 -5.66
N SER A 35 7.83 -3.29 -5.25
CA SER A 35 8.15 -2.10 -4.46
C SER A 35 7.31 -0.91 -4.90
N ARG A 36 6.45 -0.44 -4.00
CA ARG A 36 5.58 0.70 -4.29
C ARG A 36 5.73 1.77 -3.22
N ARG A 37 5.05 2.90 -3.43
CA ARG A 37 5.10 4.02 -2.49
C ARG A 37 5.17 3.50 -1.05
N LYS A 38 6.26 3.80 -0.37
CA LYS A 38 6.45 3.38 1.02
C LYS A 38 5.12 3.40 1.77
N THR A 39 4.33 4.44 1.53
CA THR A 39 3.04 4.59 2.18
C THR A 39 2.25 3.29 2.15
N PRO A 40 1.85 2.81 3.34
CA PRO A 40 1.08 1.56 3.47
C PRO A 40 -0.34 1.69 2.94
N MET A 41 -0.68 0.89 1.94
CA MET A 41 -2.01 0.92 1.35
C MET A 41 -2.45 -0.47 0.91
N CYS A 42 -3.70 -0.80 1.15
CA CYS A 42 -4.24 -2.11 0.78
C CYS A 42 -4.60 -2.13 -0.71
N GLU A 43 -4.42 -3.30 -1.33
CA GLU A 43 -4.71 -3.46 -2.74
C GLU A 43 -5.93 -2.63 -3.15
N LYS A 44 -6.99 -2.73 -2.36
CA LYS A 44 -8.22 -1.98 -2.62
C LYS A 44 -7.92 -0.50 -2.83
N CYS A 45 -7.39 0.15 -1.80
CA CYS A 45 -7.05 1.56 -1.88
C CYS A 45 -6.06 1.84 -3.00
N ARG A 46 -4.97 1.07 -3.02
CA ARG A 46 -3.94 1.22 -4.04
C ARG A 46 -4.57 1.51 -5.40
N LYS A 47 -5.63 0.78 -5.72
CA LYS A 47 -6.32 0.94 -7.00
C LYS A 47 -7.09 2.27 -7.02
N ASP A 48 -8.02 2.43 -6.08
CA ASP A 48 -8.82 3.64 -6.00
C ASP A 48 -7.96 4.88 -6.25
N SER A 49 -8.22 5.56 -7.35
CA SER A 49 -7.47 6.76 -7.71
C SER A 49 -7.21 7.63 -6.48
N CYS A 50 -5.96 8.01 -6.28
CA CYS A 50 -5.58 8.85 -5.15
C CYS A 50 -4.40 9.75 -5.50
N GLN A 51 -3.96 10.55 -4.53
CA GLN A 51 -2.84 11.46 -4.74
C GLN A 51 -3.14 12.44 -5.87
N GLU A 52 -4.35 12.97 -5.88
CA GLU A 52 -4.75 13.91 -6.92
C GLU A 52 -5.27 15.21 -6.30
N ALA A 53 -5.49 16.22 -7.14
CA ALA A 53 -5.99 17.50 -6.67
C ALA A 53 -7.35 17.81 -7.29
N ALA A 54 -8.18 16.79 -7.46
CA ALA A 54 -9.51 16.96 -8.03
C ALA A 54 -9.42 17.48 -9.47
N LEU A 55 -8.56 16.86 -10.26
CA LEU A 55 -8.38 17.24 -11.66
C LEU A 55 -9.71 17.19 -12.41
N ASN A 56 -10.08 18.30 -13.03
CA ASN A 56 -11.33 18.38 -13.78
C ASN A 56 -11.55 17.09 -14.58
N LYS A 57 -10.55 16.70 -15.36
CA LYS A 57 -10.64 15.49 -16.15
C LYS A 57 -9.26 14.89 -16.40
N ASP A 58 -8.96 13.78 -15.74
CA ASP A 58 -7.67 13.11 -15.89
C ASP A 58 -7.85 11.72 -16.48
N GLU A 59 -7.13 11.45 -17.57
CA GLU A 59 -7.20 10.15 -18.23
C GLU A 59 -5.83 9.48 -18.29
N GLY A 60 -5.81 8.17 -18.08
CA GLY A 60 -4.55 7.44 -18.10
C GLY A 60 -4.72 6.00 -17.64
N ASN A 61 -4.35 5.06 -18.50
CA ASN A 61 -4.45 3.65 -18.17
C ASN A 61 -3.07 3.01 -18.03
N GLU A 62 -2.16 3.76 -17.40
CA GLU A 62 -0.79 3.27 -17.20
C GLU A 62 -0.75 2.22 -16.09
N SER A 63 -0.12 1.09 -16.37
CA SER A 63 -0.01 0.02 -15.40
C SER A 63 1.32 -0.71 -15.53
N GLY A 64 2.15 -0.62 -14.50
CA GLY A 64 3.44 -1.28 -14.52
C GLY A 64 3.49 -2.52 -13.64
N LYS A 65 3.08 -3.65 -14.21
CA LYS A 65 3.08 -4.91 -13.47
C LYS A 65 3.90 -5.97 -14.20
N LYS A 66 4.42 -6.93 -13.44
CA LYS A 66 5.23 -8.00 -14.01
C LYS A 66 4.50 -8.66 -15.18
N THR A 67 5.09 -8.56 -16.37
CA THR A 67 4.50 -9.15 -17.57
C THR A 67 5.43 -10.18 -18.20
N SER A 68 5.18 -11.45 -17.90
CA SER A 68 5.99 -12.53 -18.43
C SER A 68 5.19 -13.39 -19.41
N GLY A 69 4.85 -12.81 -20.55
CA GLY A 69 4.09 -13.53 -21.55
C GLY A 69 3.08 -14.49 -20.94
N PRO A 70 2.05 -13.93 -20.29
CA PRO A 70 1.00 -14.71 -19.63
C PRO A 70 0.10 -15.42 -20.65
N SER A 71 -0.39 -14.66 -21.63
CA SER A 71 -1.26 -15.21 -22.65
C SER A 71 -0.71 -16.53 -23.18
N SER A 72 -1.60 -17.52 -23.34
CA SER A 72 -1.20 -18.83 -23.83
C SER A 72 -2.00 -19.21 -25.08
N GLY A 73 -3.17 -18.59 -25.24
CA GLY A 73 -4.01 -18.87 -26.39
C GLY A 73 -4.79 -17.65 -26.85
ZN ZN B . -6.88 0.69 2.42
N GLY A 1 -12.44 24.10 12.33
CA GLY A 1 -13.13 23.27 11.36
C GLY A 1 -12.27 22.11 10.88
N SER A 2 -11.74 21.35 11.84
CA SER A 2 -10.89 20.20 11.51
C SER A 2 -11.72 18.92 11.41
N SER A 3 -11.36 18.07 10.45
CA SER A 3 -12.07 16.81 10.26
C SER A 3 -11.17 15.62 10.57
N GLY A 4 -11.78 14.53 11.02
CA GLY A 4 -11.02 13.34 11.36
C GLY A 4 -11.67 12.53 12.45
N SER A 5 -11.18 11.31 12.66
CA SER A 5 -11.72 10.43 13.68
C SER A 5 -10.71 9.34 14.05
N SER A 6 -11.07 8.53 15.04
CA SER A 6 -10.19 7.45 15.49
C SER A 6 -10.81 6.08 15.17
N GLY A 7 -9.99 5.04 15.30
CA GLY A 7 -10.48 3.70 15.02
C GLY A 7 -10.11 2.71 16.12
N LYS A 8 -10.95 1.69 16.30
CA LYS A 8 -10.70 0.68 17.32
C LYS A 8 -10.49 -0.69 16.68
N ARG A 9 -9.27 -1.21 16.80
CA ARG A 9 -8.94 -2.51 16.24
C ARG A 9 -7.52 -2.92 16.63
N GLN A 10 -7.40 -4.01 17.38
CA GLN A 10 -6.11 -4.50 17.82
C GLN A 10 -5.99 -6.00 17.56
N LYS A 11 -5.56 -6.35 16.36
CA LYS A 11 -5.40 -7.76 15.98
C LYS A 11 -3.97 -8.05 15.55
N ILE A 12 -3.50 -9.27 15.83
CA ILE A 12 -2.15 -9.66 15.47
C ILE A 12 -2.14 -11.04 14.82
N HIS A 13 -1.28 -11.21 13.82
CA HIS A 13 -1.16 -12.49 13.11
C HIS A 13 0.29 -12.92 13.02
N LEU A 14 0.52 -14.24 13.06
CA LEU A 14 1.86 -14.79 12.97
C LEU A 14 2.63 -14.19 11.81
N GLY A 15 2.04 -14.27 10.61
CA GLY A 15 2.68 -13.73 9.43
C GLY A 15 3.25 -12.34 9.67
N ASP A 16 4.56 -12.20 9.49
CA ASP A 16 5.23 -10.91 9.68
C ASP A 16 5.15 -10.07 8.41
N ARG A 17 4.03 -10.16 7.71
CA ARG A 17 3.84 -9.41 6.48
C ARG A 17 2.57 -8.55 6.56
N SER A 18 1.48 -9.16 7.01
CA SER A 18 0.21 -8.46 7.12
C SER A 18 0.42 -7.05 7.67
N GLN A 19 -0.08 -6.06 6.93
CA GLN A 19 0.05 -4.66 7.34
C GLN A 19 -1.31 -3.99 7.42
N LYS A 20 -1.45 -3.06 8.36
CA LYS A 20 -2.71 -2.34 8.55
C LYS A 20 -2.72 -1.04 7.73
N CYS A 21 -3.43 -1.06 6.61
CA CYS A 21 -3.53 0.10 5.74
C CYS A 21 -3.76 1.37 6.56
N SER A 22 -3.40 2.51 5.98
CA SER A 22 -3.57 3.79 6.66
C SER A 22 -4.76 4.56 6.08
N LYS A 23 -5.00 4.37 4.78
CA LYS A 23 -6.10 5.04 4.10
C LYS A 23 -7.44 4.63 4.70
N CYS A 24 -7.74 3.34 4.64
CA CYS A 24 -8.99 2.82 5.19
C CYS A 24 -8.77 2.20 6.56
N GLY A 25 -7.73 1.39 6.68
CA GLY A 25 -7.44 0.75 7.95
C GLY A 25 -7.75 -0.74 7.94
N ILE A 26 -7.54 -1.38 6.79
CA ILE A 26 -7.82 -2.81 6.66
C ILE A 26 -6.53 -3.62 6.66
N ILE A 27 -6.64 -4.90 6.97
CA ILE A 27 -5.47 -5.78 7.00
C ILE A 27 -5.24 -6.43 5.64
N PHE A 28 -4.02 -6.26 5.13
CA PHE A 28 -3.67 -6.83 3.82
C PHE A 28 -2.23 -7.32 3.82
N ILE A 29 -1.89 -8.17 2.86
CA ILE A 29 -0.54 -8.71 2.75
C ILE A 29 0.30 -7.89 1.78
N ARG A 30 1.13 -7.01 2.34
CA ARG A 30 2.00 -6.16 1.52
C ARG A 30 2.81 -7.00 0.53
N ARG A 31 2.77 -6.61 -0.74
CA ARG A 31 3.49 -7.32 -1.78
C ARG A 31 4.81 -6.61 -2.10
N SER A 32 5.79 -7.38 -2.57
CA SER A 32 7.09 -6.83 -2.92
C SER A 32 6.97 -5.80 -4.03
N THR A 33 6.80 -4.54 -3.64
CA THR A 33 6.67 -3.45 -4.60
C THR A 33 7.16 -2.14 -4.02
N LEU A 34 7.23 -1.11 -4.86
CA LEU A 34 7.69 0.20 -4.42
C LEU A 34 6.68 1.28 -4.79
N SER A 35 6.28 1.30 -6.07
CA SER A 35 5.32 2.29 -6.56
C SER A 35 5.70 3.69 -6.09
N ARG A 36 6.99 4.01 -6.17
CA ARG A 36 7.48 5.32 -5.74
C ARG A 36 6.66 5.86 -4.57
N ARG A 37 6.41 4.99 -3.59
CA ARG A 37 5.65 5.38 -2.41
C ARG A 37 5.95 4.44 -1.24
N LYS A 38 5.87 4.99 -0.04
CA LYS A 38 6.13 4.21 1.17
C LYS A 38 4.96 4.30 2.15
N THR A 39 3.74 4.20 1.62
CA THR A 39 2.54 4.28 2.44
C THR A 39 1.75 2.98 2.39
N PRO A 40 1.29 2.52 3.56
CA PRO A 40 0.51 1.28 3.68
C PRO A 40 -0.87 1.40 3.06
N MET A 41 -1.00 0.94 1.82
CA MET A 41 -2.28 1.00 1.12
C MET A 41 -2.73 -0.40 0.69
N CYS A 42 -3.91 -0.80 1.13
CA CYS A 42 -4.45 -2.11 0.80
C CYS A 42 -4.68 -2.23 -0.71
N GLU A 43 -4.68 -3.47 -1.20
CA GLU A 43 -4.89 -3.73 -2.62
C GLU A 43 -6.12 -3.00 -3.13
N LYS A 44 -7.00 -2.61 -2.21
CA LYS A 44 -8.22 -1.90 -2.56
C LYS A 44 -7.96 -0.42 -2.74
N CYS A 45 -7.15 0.15 -1.86
CA CYS A 45 -6.82 1.57 -1.92
C CYS A 45 -5.75 1.83 -2.98
N ARG A 46 -4.65 1.11 -2.89
CA ARG A 46 -3.55 1.26 -3.85
C ARG A 46 -4.09 1.30 -5.29
N LYS A 47 -5.19 0.60 -5.51
CA LYS A 47 -5.80 0.55 -6.84
C LYS A 47 -6.66 1.80 -7.08
N ASP A 48 -7.73 1.94 -6.31
CA ASP A 48 -8.63 3.08 -6.45
C ASP A 48 -7.84 4.34 -6.80
N SER A 49 -6.78 4.60 -6.04
CA SER A 49 -5.94 5.78 -6.27
C SER A 49 -6.80 7.04 -6.27
N CYS A 50 -7.65 7.18 -5.25
CA CYS A 50 -8.51 8.35 -5.12
C CYS A 50 -7.76 9.52 -4.52
N GLN A 51 -6.60 9.83 -5.09
CA GLN A 51 -5.78 10.93 -4.61
C GLN A 51 -6.20 12.25 -5.24
N GLU A 52 -6.62 12.18 -6.51
CA GLU A 52 -7.05 13.37 -7.23
C GLU A 52 -6.18 14.57 -6.88
N ALA A 53 -4.91 14.31 -6.60
CA ALA A 53 -3.97 15.37 -6.25
C ALA A 53 -3.09 15.74 -7.44
N ALA A 54 -3.65 16.54 -8.35
CA ALA A 54 -2.92 16.97 -9.53
C ALA A 54 -2.29 18.33 -9.32
N LEU A 55 -0.99 18.36 -9.01
CA LEU A 55 -0.27 19.59 -8.78
C LEU A 55 0.61 19.95 -9.98
N ASN A 56 1.29 18.95 -10.52
CA ASN A 56 2.17 19.15 -11.67
C ASN A 56 2.44 17.83 -12.39
N LYS A 57 2.57 17.90 -13.71
CA LYS A 57 2.84 16.71 -14.51
C LYS A 57 3.21 17.10 -15.94
N ASP A 58 3.82 16.16 -16.66
CA ASP A 58 4.23 16.40 -18.03
C ASP A 58 4.77 15.12 -18.67
N GLU A 59 4.04 14.59 -19.65
CA GLU A 59 4.45 13.37 -20.33
C GLU A 59 4.80 12.28 -19.33
N GLY A 60 3.98 12.15 -18.30
CA GLY A 60 4.23 11.14 -17.28
C GLY A 60 4.00 9.74 -17.79
N ASN A 61 2.90 9.54 -18.50
CA ASN A 61 2.56 8.23 -19.05
C ASN A 61 2.83 7.12 -18.04
N GLU A 62 2.45 7.38 -16.78
CA GLU A 62 2.65 6.41 -15.72
C GLU A 62 2.48 4.98 -16.23
N SER A 63 3.59 4.27 -16.37
CA SER A 63 3.57 2.90 -16.86
C SER A 63 3.71 1.91 -15.71
N GLY A 64 4.80 2.05 -14.95
CA GLY A 64 5.03 1.17 -13.83
C GLY A 64 6.48 0.72 -13.74
N LYS A 65 7.38 1.67 -13.52
CA LYS A 65 8.80 1.37 -13.41
C LYS A 65 9.39 1.95 -12.14
N LYS A 66 10.53 1.43 -11.72
CA LYS A 66 11.20 1.89 -10.52
C LYS A 66 12.66 2.24 -10.79
N THR A 67 13.35 1.34 -11.48
CA THR A 67 14.76 1.54 -11.82
C THR A 67 14.93 1.84 -13.30
N SER A 68 14.36 1.00 -14.15
CA SER A 68 14.45 1.18 -15.59
C SER A 68 13.73 2.43 -16.04
N GLY A 69 14.27 3.11 -17.05
CA GLY A 69 13.66 4.32 -17.54
C GLY A 69 13.42 4.29 -19.04
N PRO A 70 12.29 4.84 -19.47
CA PRO A 70 11.91 4.87 -20.89
C PRO A 70 12.80 5.82 -21.70
N SER A 71 13.17 5.38 -22.90
CA SER A 71 14.02 6.19 -23.77
C SER A 71 13.85 5.77 -25.23
N SER A 72 13.80 6.76 -26.12
CA SER A 72 13.62 6.49 -27.54
C SER A 72 14.88 5.84 -28.13
N GLY A 73 14.77 5.41 -29.38
CA GLY A 73 15.90 4.77 -30.04
C GLY A 73 17.14 5.65 -30.03
ZN ZN B . -6.95 0.78 2.61
N GLY A 1 -18.21 19.93 11.59
CA GLY A 1 -18.39 18.51 11.37
C GLY A 1 -17.96 17.69 12.57
N SER A 2 -18.41 16.44 12.63
CA SER A 2 -18.08 15.54 13.72
C SER A 2 -17.95 14.11 13.23
N SER A 3 -17.45 13.22 14.10
CA SER A 3 -17.28 11.82 13.76
C SER A 3 -17.65 10.92 14.93
N GLY A 4 -17.64 9.62 14.70
CA GLY A 4 -17.97 8.67 15.75
C GLY A 4 -16.77 7.89 16.24
N SER A 5 -16.17 7.11 15.34
CA SER A 5 -15.00 6.31 15.70
C SER A 5 -15.34 5.30 16.80
N SER A 6 -16.52 4.69 16.70
CA SER A 6 -16.97 3.72 17.69
C SER A 6 -16.31 2.36 17.45
N GLY A 7 -16.35 1.51 18.47
CA GLY A 7 -15.75 0.19 18.35
C GLY A 7 -16.12 -0.72 19.52
N LYS A 8 -15.73 -0.30 20.72
CA LYS A 8 -16.01 -1.07 21.92
C LYS A 8 -15.73 -2.56 21.69
N ARG A 9 -14.62 -2.85 21.02
CA ARG A 9 -14.23 -4.22 20.73
C ARG A 9 -12.74 -4.31 20.42
N GLN A 10 -12.16 -5.47 20.68
CA GLN A 10 -10.74 -5.69 20.42
C GLN A 10 -10.50 -7.06 19.78
N LYS A 11 -9.40 -7.17 19.04
CA LYS A 11 -9.05 -8.43 18.38
C LYS A 11 -7.55 -8.70 18.48
N ILE A 12 -7.20 -9.97 18.56
CA ILE A 12 -5.80 -10.38 18.66
C ILE A 12 -5.31 -10.99 17.35
N HIS A 13 -4.83 -10.13 16.45
CA HIS A 13 -4.32 -10.60 15.16
C HIS A 13 -2.81 -10.62 15.14
N LEU A 14 -2.24 -11.77 14.82
CA LEU A 14 -0.78 -11.92 14.77
C LEU A 14 -0.26 -11.62 13.37
N GLY A 15 -0.78 -12.35 12.38
CA GLY A 15 -0.35 -12.15 11.01
C GLY A 15 1.14 -11.90 10.90
N ASP A 16 1.91 -12.98 10.73
CA ASP A 16 3.36 -12.88 10.61
C ASP A 16 3.75 -11.71 9.70
N ARG A 17 3.20 -11.67 8.50
CA ARG A 17 3.49 -10.61 7.54
C ARG A 17 2.21 -9.89 7.12
N SER A 18 1.61 -9.16 8.05
CA SER A 18 0.38 -8.43 7.78
C SER A 18 0.52 -6.97 8.20
N GLN A 19 0.21 -6.07 7.27
CA GLN A 19 0.29 -4.63 7.54
C GLN A 19 -1.09 -4.01 7.57
N LYS A 20 -1.29 -3.08 8.50
CA LYS A 20 -2.57 -2.39 8.64
C LYS A 20 -2.62 -1.13 7.79
N CYS A 21 -3.39 -1.17 6.71
CA CYS A 21 -3.51 -0.03 5.81
C CYS A 21 -3.79 1.25 6.60
N SER A 22 -3.37 2.39 6.04
CA SER A 22 -3.57 3.67 6.68
C SER A 22 -4.68 4.47 5.99
N LYS A 23 -4.86 4.20 4.70
CA LYS A 23 -5.90 4.88 3.93
C LYS A 23 -7.28 4.52 4.43
N CYS A 24 -7.56 3.22 4.51
CA CYS A 24 -8.86 2.74 4.97
C CYS A 24 -8.74 2.13 6.37
N GLY A 25 -7.72 1.31 6.56
CA GLY A 25 -7.50 0.67 7.85
C GLY A 25 -7.85 -0.81 7.82
N ILE A 26 -7.64 -1.45 6.67
CA ILE A 26 -7.92 -2.87 6.52
C ILE A 26 -6.66 -3.70 6.66
N ILE A 27 -6.83 -4.98 6.97
CA ILE A 27 -5.70 -5.89 7.14
C ILE A 27 -5.40 -6.61 5.83
N PHE A 28 -4.16 -6.50 5.38
CA PHE A 28 -3.73 -7.16 4.15
C PHE A 28 -2.29 -7.67 4.26
N ILE A 29 -1.99 -8.74 3.53
CA ILE A 29 -0.65 -9.32 3.56
C ILE A 29 0.29 -8.57 2.62
N ARG A 30 1.41 -8.11 3.16
CA ARG A 30 2.39 -7.38 2.37
C ARG A 30 3.62 -8.23 2.12
N ARG A 31 4.13 -8.19 0.88
CA ARG A 31 5.31 -8.96 0.50
C ARG A 31 6.30 -8.10 -0.27
N SER A 32 5.87 -7.67 -1.45
CA SER A 32 6.73 -6.84 -2.30
C SER A 32 6.40 -5.36 -2.12
N THR A 33 6.65 -4.84 -0.93
CA THR A 33 6.38 -3.44 -0.63
C THR A 33 7.39 -2.53 -1.29
N LEU A 34 7.05 -2.04 -2.47
CA LEU A 34 7.94 -1.15 -3.23
C LEU A 34 7.98 0.24 -2.60
N SER A 35 9.19 0.77 -2.42
CA SER A 35 9.37 2.09 -1.82
C SER A 35 8.96 3.19 -2.80
N ARG A 36 7.65 3.36 -2.96
CA ARG A 36 7.13 4.39 -3.86
C ARG A 36 6.83 5.68 -3.12
N ARG A 37 5.86 5.61 -2.21
CA ARG A 37 5.48 6.78 -1.43
C ARG A 37 5.63 6.51 0.07
N LYS A 38 6.06 5.30 0.40
CA LYS A 38 6.25 4.91 1.79
C LYS A 38 4.94 4.99 2.57
N THR A 39 3.84 4.65 1.90
CA THR A 39 2.52 4.69 2.53
C THR A 39 1.83 3.34 2.42
N PRO A 40 1.49 2.75 3.59
CA PRO A 40 0.82 1.45 3.65
C PRO A 40 -0.62 1.51 3.15
N MET A 41 -0.81 1.21 1.87
CA MET A 41 -2.13 1.23 1.27
C MET A 41 -2.48 -0.14 0.65
N CYS A 42 -3.63 -0.66 1.02
CA CYS A 42 -4.08 -1.96 0.51
C CYS A 42 -4.45 -1.86 -0.97
N GLU A 43 -4.27 -2.96 -1.70
CA GLU A 43 -4.59 -2.99 -3.12
C GLU A 43 -5.95 -2.37 -3.38
N LYS A 44 -6.88 -2.58 -2.44
CA LYS A 44 -8.23 -2.04 -2.58
C LYS A 44 -8.20 -0.51 -2.64
N CYS A 45 -7.29 0.09 -1.88
CA CYS A 45 -7.16 1.55 -1.85
C CYS A 45 -6.28 2.03 -2.99
N ARG A 46 -5.33 1.20 -3.39
CA ARG A 46 -4.41 1.55 -4.48
C ARG A 46 -5.15 2.30 -5.59
N LYS A 47 -6.13 1.64 -6.18
CA LYS A 47 -6.91 2.24 -7.26
C LYS A 47 -7.51 3.57 -6.82
N ASP A 48 -7.91 3.64 -5.55
CA ASP A 48 -8.51 4.86 -5.01
C ASP A 48 -7.80 6.10 -5.56
N SER A 49 -6.47 6.06 -5.55
CA SER A 49 -5.68 7.19 -6.04
C SER A 49 -6.29 8.52 -5.62
N CYS A 50 -6.76 8.57 -4.38
CA CYS A 50 -7.37 9.78 -3.84
C CYS A 50 -6.63 11.03 -4.31
N GLN A 51 -7.30 12.17 -4.28
CA GLN A 51 -6.71 13.42 -4.71
C GLN A 51 -5.37 13.66 -3.99
N GLU A 52 -5.33 13.38 -2.70
CA GLU A 52 -4.13 13.56 -1.90
C GLU A 52 -4.13 12.64 -0.70
N ALA A 53 -2.93 12.21 -0.28
CA ALA A 53 -2.79 11.33 0.86
C ALA A 53 -1.83 11.91 1.89
N ALA A 54 -0.58 12.14 1.48
CA ALA A 54 0.43 12.70 2.36
C ALA A 54 1.23 13.78 1.66
N LEU A 55 2.03 14.52 2.43
CA LEU A 55 2.84 15.59 1.88
C LEU A 55 4.23 15.59 2.51
N ASN A 56 5.14 16.36 1.92
CA ASN A 56 6.52 16.45 2.42
C ASN A 56 7.19 17.72 1.93
N LYS A 57 8.02 18.32 2.79
CA LYS A 57 8.74 19.53 2.44
C LYS A 57 9.36 19.42 1.06
N ASP A 58 9.34 20.52 0.31
CA ASP A 58 9.91 20.54 -1.03
C ASP A 58 11.33 19.96 -1.04
N GLU A 59 11.53 18.94 -1.86
CA GLU A 59 12.83 18.29 -1.95
C GLU A 59 13.30 18.21 -3.40
N GLY A 60 12.39 17.80 -4.29
CA GLY A 60 12.73 17.70 -5.70
C GLY A 60 12.72 16.26 -6.19
N ASN A 61 12.35 16.07 -7.46
CA ASN A 61 12.30 14.75 -8.04
C ASN A 61 12.37 14.82 -9.57
N GLU A 62 13.12 13.89 -10.16
CA GLU A 62 13.27 13.85 -11.60
C GLU A 62 13.00 12.44 -12.15
N SER A 63 11.87 12.29 -12.83
CA SER A 63 11.48 11.00 -13.39
C SER A 63 12.69 10.30 -14.00
N GLY A 64 13.00 9.11 -13.48
CA GLY A 64 14.13 8.36 -13.99
C GLY A 64 13.71 7.06 -14.63
N LYS A 65 13.82 5.97 -13.89
CA LYS A 65 13.45 4.65 -14.39
C LYS A 65 11.98 4.34 -14.09
N LYS A 66 11.58 4.56 -12.84
CA LYS A 66 10.19 4.32 -12.42
C LYS A 66 9.29 5.45 -12.88
N THR A 67 8.74 5.31 -14.08
CA THR A 67 7.85 6.32 -14.63
C THR A 67 6.40 6.02 -14.29
N SER A 68 6.00 6.36 -13.06
CA SER A 68 4.64 6.12 -12.61
C SER A 68 3.96 7.43 -12.23
N GLY A 69 4.53 8.13 -11.25
CA GLY A 69 3.97 9.39 -10.80
C GLY A 69 4.50 10.57 -11.59
N PRO A 70 3.92 11.75 -11.35
CA PRO A 70 4.32 12.99 -12.03
C PRO A 70 5.71 13.47 -11.59
N SER A 71 6.19 14.53 -12.21
CA SER A 71 7.49 15.09 -11.89
C SER A 71 7.37 16.18 -10.84
N SER A 72 6.53 15.94 -9.84
CA SER A 72 6.32 16.91 -8.76
C SER A 72 6.76 16.34 -7.42
N GLY A 73 6.30 15.14 -7.12
CA GLY A 73 6.66 14.50 -5.86
C GLY A 73 8.06 13.94 -5.88
ZN ZN B . -6.83 0.44 2.52
N GLY A 1 -12.23 19.61 28.79
CA GLY A 1 -11.79 18.89 27.60
C GLY A 1 -11.24 17.51 27.94
N SER A 2 -11.51 16.54 27.07
CA SER A 2 -11.03 15.17 27.28
C SER A 2 -10.81 14.47 25.94
N SER A 3 -9.75 13.68 25.87
CA SER A 3 -9.42 12.94 24.66
C SER A 3 -8.31 11.93 24.91
N GLY A 4 -8.52 10.70 24.47
CA GLY A 4 -7.54 9.65 24.67
C GLY A 4 -8.09 8.28 24.38
N SER A 5 -7.29 7.44 23.72
CA SER A 5 -7.70 6.08 23.38
C SER A 5 -6.96 5.06 24.24
N SER A 6 -7.49 3.83 24.27
CA SER A 6 -6.88 2.76 25.05
C SER A 6 -5.39 2.66 24.76
N GLY A 7 -4.66 2.02 25.67
CA GLY A 7 -3.23 1.85 25.50
C GLY A 7 -2.88 0.70 24.57
N LYS A 8 -3.23 0.84 23.30
CA LYS A 8 -2.95 -0.20 22.31
C LYS A 8 -1.63 -0.89 22.60
N ARG A 9 -1.57 -2.18 22.33
CA ARG A 9 -0.36 -2.96 22.57
C ARG A 9 0.45 -3.12 21.27
N GLN A 10 1.74 -3.39 21.42
CA GLN A 10 2.61 -3.55 20.27
C GLN A 10 2.95 -5.02 20.05
N LYS A 11 2.28 -5.64 19.07
CA LYS A 11 2.50 -7.05 18.76
C LYS A 11 3.92 -7.27 18.22
N ILE A 12 4.27 -6.52 17.18
CA ILE A 12 5.59 -6.63 16.57
C ILE A 12 6.13 -8.05 16.70
N HIS A 13 5.27 -9.03 16.42
CA HIS A 13 5.66 -10.43 16.49
C HIS A 13 6.12 -10.94 15.13
N LEU A 14 7.27 -11.62 15.12
CA LEU A 14 7.82 -12.16 13.88
C LEU A 14 6.99 -13.33 13.38
N GLY A 15 6.78 -13.40 12.07
CA GLY A 15 6.01 -14.47 11.48
C GLY A 15 4.99 -13.98 10.47
N ASP A 16 3.93 -13.35 10.96
CA ASP A 16 2.88 -12.82 10.09
C ASP A 16 3.32 -11.51 9.44
N ARG A 17 3.09 -11.40 8.14
CA ARG A 17 3.46 -10.20 7.40
C ARG A 17 2.23 -9.36 7.06
N SER A 18 1.28 -9.31 7.98
CA SER A 18 0.06 -8.56 7.79
C SER A 18 0.21 -7.12 8.30
N GLN A 19 0.02 -6.16 7.40
CA GLN A 19 0.15 -4.75 7.76
C GLN A 19 -1.22 -4.08 7.78
N LYS A 20 -1.29 -2.93 8.45
CA LYS A 20 -2.55 -2.19 8.53
C LYS A 20 -2.56 -1.01 7.57
N CYS A 21 -3.53 -0.98 6.68
CA CYS A 21 -3.65 0.10 5.70
C CYS A 21 -3.77 1.45 6.39
N SER A 22 -3.12 2.46 5.81
CA SER A 22 -3.15 3.81 6.37
C SER A 22 -4.12 4.69 5.60
N LYS A 23 -5.09 4.08 4.94
CA LYS A 23 -6.09 4.81 4.16
C LYS A 23 -7.50 4.46 4.62
N CYS A 24 -7.80 3.17 4.66
CA CYS A 24 -9.11 2.71 5.08
C CYS A 24 -9.06 2.08 6.47
N GLY A 25 -8.05 1.23 6.68
CA GLY A 25 -7.90 0.57 7.97
C GLY A 25 -8.20 -0.91 7.90
N ILE A 26 -7.71 -1.56 6.85
CA ILE A 26 -7.93 -2.99 6.68
C ILE A 26 -6.63 -3.78 6.80
N ILE A 27 -6.75 -5.08 7.05
CA ILE A 27 -5.58 -5.93 7.20
C ILE A 27 -5.24 -6.63 5.88
N PHE A 28 -4.02 -6.41 5.40
CA PHE A 28 -3.58 -7.02 4.15
C PHE A 28 -2.12 -7.47 4.25
N ILE A 29 -1.75 -8.43 3.41
CA ILE A 29 -0.39 -8.95 3.41
C ILE A 29 0.49 -8.19 2.42
N ARG A 30 1.69 -7.84 2.86
CA ARG A 30 2.63 -7.11 2.02
C ARG A 30 3.93 -7.89 1.83
N ARG A 31 4.69 -7.53 0.81
CA ARG A 31 5.95 -8.20 0.52
C ARG A 31 7.06 -7.18 0.29
N SER A 32 6.79 -6.19 -0.56
CA SER A 32 7.77 -5.17 -0.89
C SER A 32 7.13 -3.78 -0.82
N THR A 33 7.97 -2.76 -0.60
CA THR A 33 7.50 -1.39 -0.52
C THR A 33 7.31 -0.79 -1.90
N LEU A 34 6.62 -1.51 -2.78
CA LEU A 34 6.38 -1.04 -4.15
C LEU A 34 5.86 0.39 -4.14
N SER A 35 4.91 0.67 -3.26
CA SER A 35 4.33 2.00 -3.15
C SER A 35 5.39 3.07 -3.37
N ARG A 36 5.01 4.14 -4.07
CA ARG A 36 5.93 5.24 -4.36
C ARG A 36 5.91 6.26 -3.23
N ARG A 37 4.72 6.78 -2.93
CA ARG A 37 4.57 7.77 -1.87
C ARG A 37 5.08 7.24 -0.54
N LYS A 38 5.33 5.94 -0.49
CA LYS A 38 5.83 5.30 0.73
C LYS A 38 4.74 5.21 1.78
N THR A 39 3.59 4.64 1.41
CA THR A 39 2.47 4.50 2.32
C THR A 39 1.81 3.13 2.18
N PRO A 40 1.59 2.46 3.31
CA PRO A 40 0.97 1.14 3.34
C PRO A 40 -0.52 1.18 2.96
N MET A 41 -0.80 0.97 1.69
CA MET A 41 -2.18 0.98 1.19
C MET A 41 -2.57 -0.38 0.64
N CYS A 42 -3.78 -0.83 0.98
CA CYS A 42 -4.27 -2.12 0.52
C CYS A 42 -4.61 -2.06 -0.96
N GLU A 43 -4.57 -3.22 -1.62
CA GLU A 43 -4.88 -3.31 -3.04
C GLU A 43 -6.04 -2.40 -3.40
N LYS A 44 -7.09 -2.44 -2.59
CA LYS A 44 -8.28 -1.63 -2.82
C LYS A 44 -7.90 -0.15 -2.92
N CYS A 45 -7.43 0.41 -1.81
CA CYS A 45 -7.04 1.82 -1.78
C CYS A 45 -6.07 2.14 -2.92
N ARG A 46 -5.03 1.32 -3.04
CA ARG A 46 -4.03 1.52 -4.08
C ARG A 46 -4.67 1.98 -5.39
N LYS A 47 -5.60 1.17 -5.89
CA LYS A 47 -6.29 1.49 -7.13
C LYS A 47 -7.65 2.15 -6.84
N ASP A 48 -7.61 3.42 -6.43
CA ASP A 48 -8.83 4.16 -6.14
C ASP A 48 -8.70 5.62 -6.58
N SER A 49 -9.80 6.17 -7.08
CA SER A 49 -9.81 7.55 -7.55
C SER A 49 -10.43 8.47 -6.50
N CYS A 50 -9.62 8.94 -5.57
CA CYS A 50 -10.09 9.82 -4.51
C CYS A 50 -8.99 10.80 -4.10
N GLN A 51 -9.28 12.09 -4.24
CA GLN A 51 -8.32 13.13 -3.88
C GLN A 51 -6.90 12.69 -4.18
N GLU A 52 -6.72 12.04 -5.34
CA GLU A 52 -5.39 11.57 -5.75
C GLU A 52 -4.90 12.31 -6.98
N ALA A 53 -3.61 12.64 -6.99
CA ALA A 53 -3.02 13.35 -8.12
C ALA A 53 -1.50 13.48 -7.95
N ALA A 54 -0.81 13.75 -9.05
CA ALA A 54 0.64 13.89 -9.02
C ALA A 54 1.04 15.35 -8.88
N LEU A 55 0.91 15.88 -7.67
CA LEU A 55 1.26 17.27 -7.38
C LEU A 55 2.74 17.51 -7.63
N ASN A 56 3.55 16.46 -7.49
CA ASN A 56 4.98 16.56 -7.69
C ASN A 56 5.54 15.26 -8.26
N LYS A 57 6.62 15.37 -9.02
CA LYS A 57 7.26 14.21 -9.63
C LYS A 57 6.36 13.59 -10.69
N ASP A 58 5.72 14.45 -11.49
CA ASP A 58 4.84 13.98 -12.55
C ASP A 58 5.56 13.97 -13.90
N GLU A 59 5.76 12.77 -14.45
CA GLU A 59 6.44 12.62 -15.72
C GLU A 59 5.44 12.33 -16.84
N GLY A 60 5.82 12.69 -18.06
CA GLY A 60 4.95 12.46 -19.21
C GLY A 60 5.29 11.19 -19.95
N ASN A 61 5.59 10.12 -19.22
CA ASN A 61 5.95 8.85 -19.83
C ASN A 61 5.98 7.74 -18.78
N GLU A 62 5.30 6.63 -19.09
CA GLU A 62 5.24 5.50 -18.17
C GLU A 62 6.26 4.43 -18.57
N SER A 63 7.44 4.48 -17.96
CA SER A 63 8.49 3.52 -18.25
C SER A 63 8.15 2.13 -17.70
N GLY A 64 7.28 1.42 -18.40
CA GLY A 64 6.88 0.10 -17.96
C GLY A 64 5.39 0.00 -17.72
N LYS A 65 4.76 -1.04 -18.28
CA LYS A 65 3.34 -1.26 -18.12
C LYS A 65 3.02 -1.86 -16.77
N LYS A 66 3.53 -1.23 -15.71
CA LYS A 66 3.30 -1.70 -14.34
C LYS A 66 2.32 -0.80 -13.62
N THR A 67 1.10 -0.70 -14.14
CA THR A 67 0.06 0.13 -13.54
C THR A 67 -1.28 -0.10 -14.22
N SER A 68 -2.36 0.11 -13.46
CA SER A 68 -3.71 -0.08 -13.98
C SER A 68 -3.96 0.84 -15.17
N GLY A 69 -3.71 2.13 -14.98
CA GLY A 69 -3.93 3.10 -16.04
C GLY A 69 -3.41 4.47 -15.68
N PRO A 70 -2.46 4.99 -16.49
CA PRO A 70 -1.86 6.31 -16.27
C PRO A 70 -2.85 7.43 -16.54
N SER A 71 -4.05 7.08 -16.99
CA SER A 71 -5.08 8.07 -17.28
C SER A 71 -5.00 9.25 -16.32
N SER A 72 -5.32 10.44 -16.81
CA SER A 72 -5.28 11.64 -15.99
C SER A 72 -6.44 11.67 -15.01
N GLY A 73 -6.52 12.74 -14.22
CA GLY A 73 -7.59 12.87 -13.26
C GLY A 73 -8.20 14.26 -13.24
ZN ZN B . -7.10 0.37 2.50
N GLY A 1 -34.62 -8.94 28.05
CA GLY A 1 -35.04 -8.66 26.69
C GLY A 1 -34.06 -9.16 25.65
N SER A 2 -33.50 -8.24 24.87
CA SER A 2 -32.54 -8.61 23.84
C SER A 2 -31.13 -8.19 24.24
N SER A 3 -30.25 -9.18 24.36
CA SER A 3 -28.86 -8.93 24.75
C SER A 3 -27.90 -9.78 23.92
N GLY A 4 -26.61 -9.59 24.14
CA GLY A 4 -25.61 -10.35 23.42
C GLY A 4 -24.20 -10.06 23.89
N SER A 5 -23.53 -11.06 24.43
CA SER A 5 -22.17 -10.91 24.93
C SER A 5 -21.16 -11.45 23.92
N SER A 6 -19.96 -10.87 23.93
CA SER A 6 -18.90 -11.30 23.02
C SER A 6 -17.54 -10.86 23.53
N GLY A 7 -16.48 -11.40 22.92
CA GLY A 7 -15.14 -11.05 23.33
C GLY A 7 -14.09 -11.97 22.73
N LYS A 8 -12.84 -11.54 22.75
CA LYS A 8 -11.74 -12.33 22.20
C LYS A 8 -11.43 -13.52 23.10
N ARG A 9 -11.55 -14.72 22.55
CA ARG A 9 -11.28 -15.94 23.29
C ARG A 9 -9.81 -16.04 23.66
N GLN A 10 -8.94 -16.07 22.64
CA GLN A 10 -7.50 -16.16 22.87
C GLN A 10 -6.75 -15.21 21.94
N LYS A 11 -5.45 -15.10 22.15
CA LYS A 11 -4.61 -14.23 21.33
C LYS A 11 -4.11 -14.95 20.09
N ILE A 12 -4.70 -14.64 18.94
CA ILE A 12 -4.31 -15.25 17.68
C ILE A 12 -3.85 -14.21 16.68
N HIS A 13 -3.10 -14.65 15.67
CA HIS A 13 -2.60 -13.75 14.63
C HIS A 13 -2.31 -14.52 13.35
N LEU A 14 -2.41 -13.82 12.21
CA LEU A 14 -2.16 -14.44 10.92
C LEU A 14 -0.79 -15.12 10.90
N GLY A 15 -0.61 -16.04 9.94
CA GLY A 15 0.65 -16.74 9.84
C GLY A 15 1.70 -15.96 9.08
N ASP A 16 1.35 -15.53 7.86
CA ASP A 16 2.27 -14.76 7.03
C ASP A 16 2.18 -13.28 7.36
N ARG A 17 2.94 -12.47 6.63
CA ARG A 17 2.95 -11.02 6.85
C ARG A 17 1.53 -10.49 6.99
N SER A 18 1.41 -9.27 7.50
CA SER A 18 0.11 -8.64 7.69
C SER A 18 0.26 -7.19 8.17
N GLN A 19 -0.19 -6.26 7.34
CA GLN A 19 -0.11 -4.84 7.67
C GLN A 19 -1.49 -4.19 7.68
N LYS A 20 -1.62 -3.10 8.40
CA LYS A 20 -2.90 -2.38 8.49
C LYS A 20 -2.83 -1.08 7.70
N CYS A 21 -3.58 -1.02 6.60
CA CYS A 21 -3.62 0.17 5.76
C CYS A 21 -3.76 1.43 6.61
N SER A 22 -3.37 2.56 6.05
CA SER A 22 -3.46 3.84 6.75
C SER A 22 -4.59 4.69 6.20
N LYS A 23 -5.02 4.38 4.99
CA LYS A 23 -6.11 5.10 4.35
C LYS A 23 -7.47 4.61 4.85
N CYS A 24 -7.79 3.36 4.53
CA CYS A 24 -9.05 2.76 4.94
C CYS A 24 -8.92 2.11 6.31
N GLY A 25 -7.86 1.33 6.49
CA GLY A 25 -7.64 0.65 7.76
C GLY A 25 -8.02 -0.82 7.71
N ILE A 26 -7.46 -1.53 6.74
CA ILE A 26 -7.74 -2.95 6.58
C ILE A 26 -6.47 -3.79 6.65
N ILE A 27 -6.61 -5.07 6.95
CA ILE A 27 -5.47 -5.96 7.05
C ILE A 27 -5.13 -6.56 5.69
N PHE A 28 -3.88 -6.41 5.27
CA PHE A 28 -3.43 -6.93 3.99
C PHE A 28 -1.96 -7.35 4.06
N ILE A 29 -1.62 -8.39 3.32
CA ILE A 29 -0.25 -8.90 3.29
C ILE A 29 0.65 -8.00 2.46
N ARG A 30 1.83 -7.69 3.00
CA ARG A 30 2.79 -6.83 2.30
C ARG A 30 4.11 -7.56 2.09
N ARG A 31 5.04 -6.91 1.40
CA ARG A 31 6.34 -7.48 1.14
C ARG A 31 7.41 -6.41 1.05
N SER A 32 8.46 -6.54 1.86
CA SER A 32 9.55 -5.57 1.87
C SER A 32 10.59 -5.92 0.82
N THR A 33 10.14 -6.18 -0.40
CA THR A 33 11.03 -6.53 -1.49
C THR A 33 11.41 -5.29 -2.29
N LEU A 34 11.73 -4.20 -1.59
CA LEU A 34 12.11 -2.96 -2.24
C LEU A 34 11.10 -2.54 -3.29
N SER A 35 9.82 -2.54 -2.90
CA SER A 35 8.74 -2.17 -3.81
C SER A 35 8.15 -0.81 -3.43
N ARG A 36 9.03 0.19 -3.28
CA ARG A 36 8.60 1.53 -2.93
C ARG A 36 7.68 1.50 -1.70
N ARG A 37 8.08 0.72 -0.70
CA ARG A 37 7.29 0.59 0.53
C ARG A 37 7.33 1.90 1.31
N LYS A 38 6.66 2.92 0.79
CA LYS A 38 6.61 4.23 1.46
C LYS A 38 5.34 4.36 2.29
N THR A 39 4.20 4.07 1.67
CA THR A 39 2.91 4.17 2.36
C THR A 39 2.16 2.85 2.30
N PRO A 40 1.79 2.31 3.47
CA PRO A 40 1.06 1.05 3.57
C PRO A 40 -0.37 1.16 3.07
N MET A 41 -0.56 0.94 1.78
CA MET A 41 -1.89 1.02 1.17
C MET A 41 -2.35 -0.36 0.71
N CYS A 42 -3.60 -0.68 1.00
CA CYS A 42 -4.18 -1.96 0.63
C CYS A 42 -4.61 -1.96 -0.84
N GLU A 43 -4.67 -3.14 -1.44
CA GLU A 43 -5.06 -3.27 -2.84
C GLU A 43 -6.28 -2.40 -3.14
N LYS A 44 -7.27 -2.45 -2.27
CA LYS A 44 -8.50 -1.67 -2.44
C LYS A 44 -8.16 -0.21 -2.72
N CYS A 45 -7.37 0.40 -1.84
CA CYS A 45 -6.98 1.80 -2.00
C CYS A 45 -6.06 1.97 -3.21
N ARG A 46 -5.11 1.07 -3.35
CA ARG A 46 -4.16 1.12 -4.47
C ARG A 46 -4.90 1.25 -5.79
N LYS A 47 -6.05 0.60 -5.90
CA LYS A 47 -6.85 0.65 -7.11
C LYS A 47 -7.54 2.00 -7.25
N ASP A 48 -7.88 2.61 -6.13
CA ASP A 48 -8.54 3.92 -6.12
C ASP A 48 -8.03 4.78 -7.27
N SER A 49 -8.96 5.37 -8.01
CA SER A 49 -8.61 6.23 -9.15
C SER A 49 -9.38 7.55 -9.09
N CYS A 50 -9.05 8.37 -8.11
CA CYS A 50 -9.71 9.66 -7.94
C CYS A 50 -8.69 10.79 -7.84
N GLN A 51 -7.69 10.60 -6.98
CA GLN A 51 -6.65 11.60 -6.79
C GLN A 51 -5.30 11.10 -7.31
N GLU A 52 -5.13 11.14 -8.63
CA GLU A 52 -3.89 10.68 -9.25
C GLU A 52 -2.70 11.43 -8.69
N ALA A 53 -1.51 10.84 -8.84
CA ALA A 53 -0.29 11.46 -8.35
C ALA A 53 0.75 11.58 -9.45
N ALA A 54 0.58 12.58 -10.30
CA ALA A 54 1.50 12.81 -11.41
C ALA A 54 2.21 14.16 -11.27
N LEU A 55 2.57 14.51 -10.04
CA LEU A 55 3.25 15.77 -9.76
C LEU A 55 4.75 15.56 -9.65
N ASN A 56 5.49 16.09 -10.64
CA ASN A 56 6.94 15.96 -10.65
C ASN A 56 7.59 17.04 -9.78
N LYS A 57 7.56 16.84 -8.47
CA LYS A 57 8.15 17.79 -7.53
C LYS A 57 9.58 18.13 -7.93
N ASP A 58 10.00 19.35 -7.63
CA ASP A 58 11.35 19.80 -7.95
C ASP A 58 12.33 19.37 -6.87
N GLU A 59 12.26 18.10 -6.49
CA GLU A 59 13.14 17.56 -5.46
C GLU A 59 14.45 17.07 -6.07
N GLY A 60 15.38 16.65 -5.22
CA GLY A 60 16.67 16.18 -5.68
C GLY A 60 17.11 14.91 -4.97
N ASN A 61 16.17 13.98 -4.77
CA ASN A 61 16.47 12.72 -4.09
C ASN A 61 16.92 11.67 -5.10
N GLU A 62 17.62 10.65 -4.60
CA GLU A 62 18.11 9.57 -5.46
C GLU A 62 16.95 8.79 -6.06
N SER A 63 16.44 9.26 -7.19
CA SER A 63 15.33 8.61 -7.87
C SER A 63 15.60 8.47 -9.36
N GLY A 64 16.08 7.31 -9.77
CA GLY A 64 16.38 7.07 -11.18
C GLY A 64 16.12 5.63 -11.58
N LYS A 65 17.07 4.76 -11.31
CA LYS A 65 16.95 3.35 -11.65
C LYS A 65 15.54 2.84 -11.35
N LYS A 66 15.06 3.12 -10.15
CA LYS A 66 13.72 2.69 -9.75
C LYS A 66 12.68 3.74 -10.11
N THR A 67 12.76 4.25 -11.34
CA THR A 67 11.83 5.26 -11.80
C THR A 67 11.31 4.93 -13.20
N SER A 68 10.17 4.23 -13.25
CA SER A 68 9.57 3.85 -14.52
C SER A 68 9.62 5.00 -15.51
N GLY A 69 10.47 4.87 -16.53
CA GLY A 69 10.58 5.91 -17.54
C GLY A 69 9.25 6.25 -18.18
N PRO A 70 9.03 7.55 -18.41
CA PRO A 70 7.79 8.04 -19.03
C PRO A 70 7.68 7.65 -20.50
N SER A 71 7.10 6.48 -20.75
CA SER A 71 6.93 5.99 -22.11
C SER A 71 5.59 5.27 -22.27
N SER A 72 5.07 5.27 -23.49
CA SER A 72 3.80 4.62 -23.77
C SER A 72 3.53 4.58 -25.28
N GLY A 73 2.71 3.62 -25.70
CA GLY A 73 2.39 3.49 -27.12
C GLY A 73 2.27 2.04 -27.54
ZN ZN B . -6.67 0.88 2.26
N GLY A 1 -18.89 0.01 2.22
CA GLY A 1 -19.17 0.98 3.26
C GLY A 1 -19.16 0.37 4.65
N SER A 2 -17.96 0.17 5.19
CA SER A 2 -17.82 -0.41 6.53
C SER A 2 -16.59 0.16 7.23
N SER A 3 -16.83 0.99 8.24
CA SER A 3 -15.74 1.60 8.99
C SER A 3 -16.21 1.99 10.39
N GLY A 4 -15.26 2.33 11.26
CA GLY A 4 -15.59 2.71 12.61
C GLY A 4 -14.75 1.97 13.65
N SER A 5 -13.79 2.68 14.24
CA SER A 5 -12.92 2.09 15.25
C SER A 5 -12.77 3.02 16.44
N SER A 6 -12.25 2.48 17.55
CA SER A 6 -12.06 3.26 18.76
C SER A 6 -11.08 2.55 19.70
N GLY A 7 -10.09 3.30 20.17
CA GLY A 7 -9.09 2.74 21.08
C GLY A 7 -7.89 3.63 21.25
N LYS A 8 -7.41 3.75 22.48
CA LYS A 8 -6.25 4.59 22.78
C LYS A 8 -5.08 3.74 23.26
N ARG A 9 -4.89 2.58 22.63
CA ARG A 9 -3.81 1.68 22.99
C ARG A 9 -3.19 1.05 21.75
N GLN A 10 -1.86 0.95 21.75
CA GLN A 10 -1.14 0.37 20.62
C GLN A 10 -0.71 -1.06 20.93
N LYS A 11 -1.36 -2.01 20.26
CA LYS A 11 -1.05 -3.43 20.47
C LYS A 11 0.34 -3.75 19.93
N ILE A 12 1.27 -4.04 20.83
CA ILE A 12 2.63 -4.37 20.45
C ILE A 12 2.66 -5.20 19.18
N HIS A 13 3.66 -4.95 18.33
CA HIS A 13 3.80 -5.67 17.08
C HIS A 13 4.54 -6.99 17.29
N LEU A 14 4.47 -7.87 16.29
CA LEU A 14 5.14 -9.16 16.37
C LEU A 14 5.65 -9.59 15.00
N GLY A 15 6.35 -10.72 14.97
CA GLY A 15 6.89 -11.22 13.72
C GLY A 15 5.79 -11.65 12.75
N ASP A 16 5.15 -10.68 12.13
CA ASP A 16 4.08 -10.96 11.17
C ASP A 16 4.29 -10.21 9.87
N ARG A 17 3.46 -10.50 8.88
CA ARG A 17 3.55 -9.85 7.57
C ARG A 17 2.37 -8.94 7.32
N SER A 18 1.18 -9.39 7.72
CA SER A 18 -0.04 -8.62 7.54
C SER A 18 0.16 -7.17 7.99
N GLN A 19 0.06 -6.25 7.03
CA GLN A 19 0.24 -4.84 7.33
C GLN A 19 -1.11 -4.14 7.47
N LYS A 20 -1.14 -3.08 8.27
CA LYS A 20 -2.37 -2.33 8.48
C LYS A 20 -2.42 -1.09 7.58
N CYS A 21 -3.40 -1.06 6.68
CA CYS A 21 -3.56 0.06 5.77
C CYS A 21 -3.75 1.37 6.53
N SER A 22 -3.46 2.48 5.87
CA SER A 22 -3.60 3.80 6.48
C SER A 22 -4.78 4.56 5.89
N LYS A 23 -5.08 4.28 4.62
CA LYS A 23 -6.19 4.93 3.94
C LYS A 23 -7.52 4.55 4.57
N CYS A 24 -7.79 3.25 4.61
CA CYS A 24 -9.04 2.75 5.20
C CYS A 24 -8.79 2.12 6.56
N GLY A 25 -7.76 1.29 6.64
CA GLY A 25 -7.43 0.63 7.90
C GLY A 25 -7.75 -0.85 7.87
N ILE A 26 -7.65 -1.46 6.71
CA ILE A 26 -7.92 -2.89 6.56
C ILE A 26 -6.65 -3.71 6.69
N ILE A 27 -6.81 -4.99 7.03
CA ILE A 27 -5.67 -5.89 7.17
C ILE A 27 -5.38 -6.63 5.87
N PHE A 28 -4.16 -6.46 5.37
CA PHE A 28 -3.76 -7.11 4.13
C PHE A 28 -2.31 -7.58 4.22
N ILE A 29 -2.01 -8.69 3.53
CA ILE A 29 -0.67 -9.25 3.54
C ILE A 29 0.21 -8.57 2.50
N ARG A 30 1.40 -8.15 2.92
CA ARG A 30 2.34 -7.49 2.03
C ARG A 30 3.78 -7.66 2.51
N ARG A 31 4.63 -8.18 1.63
CA ARG A 31 6.03 -8.40 1.97
C ARG A 31 6.96 -7.71 0.98
N SER A 32 6.87 -8.13 -0.28
CA SER A 32 7.70 -7.55 -1.34
C SER A 32 6.84 -6.91 -2.42
N THR A 33 7.22 -5.71 -2.84
CA THR A 33 6.48 -4.99 -3.87
C THR A 33 7.32 -3.86 -4.46
N LEU A 34 7.19 -3.65 -5.76
CA LEU A 34 7.94 -2.60 -6.45
C LEU A 34 7.77 -1.27 -5.74
N SER A 35 6.53 -0.86 -5.52
CA SER A 35 6.24 0.40 -4.84
C SER A 35 7.11 0.57 -3.61
N ARG A 36 7.98 1.57 -3.63
CA ARG A 36 8.88 1.83 -2.51
C ARG A 36 8.08 2.10 -1.23
N ARG A 37 8.78 2.14 -0.11
CA ARG A 37 8.14 2.39 1.18
C ARG A 37 7.64 3.82 1.27
N LYS A 38 6.46 4.07 0.69
CA LYS A 38 5.87 5.40 0.70
C LYS A 38 4.69 5.46 1.67
N THR A 39 3.64 4.73 1.36
CA THR A 39 2.45 4.69 2.20
C THR A 39 1.76 3.34 2.15
N PRO A 40 1.56 2.73 3.32
CA PRO A 40 0.92 1.41 3.44
C PRO A 40 -0.57 1.47 3.09
N MET A 41 -0.88 1.17 1.83
CA MET A 41 -2.27 1.18 1.36
C MET A 41 -2.65 -0.17 0.77
N CYS A 42 -3.78 -0.71 1.21
CA CYS A 42 -4.25 -2.00 0.72
C CYS A 42 -4.56 -1.92 -0.78
N GLU A 43 -4.25 -3.00 -1.49
CA GLU A 43 -4.48 -3.06 -2.93
C GLU A 43 -5.74 -2.28 -3.30
N LYS A 44 -6.83 -2.54 -2.59
CA LYS A 44 -8.09 -1.85 -2.84
C LYS A 44 -7.89 -0.34 -2.91
N CYS A 45 -7.38 0.23 -1.83
CA CYS A 45 -7.13 1.67 -1.76
C CYS A 45 -6.08 2.09 -2.79
N ARG A 46 -5.22 1.15 -3.16
CA ARG A 46 -4.17 1.42 -4.13
C ARG A 46 -4.76 1.62 -5.53
N LYS A 47 -5.85 0.94 -5.80
CA LYS A 47 -6.51 1.04 -7.10
C LYS A 47 -7.81 1.84 -6.99
N ASP A 48 -7.74 2.96 -6.27
CA ASP A 48 -8.90 3.82 -6.09
C ASP A 48 -8.58 5.26 -6.47
N SER A 49 -7.35 5.69 -6.15
CA SER A 49 -6.92 7.04 -6.45
C SER A 49 -6.68 7.22 -7.95
N CYS A 50 -7.75 7.47 -8.68
CA CYS A 50 -7.67 7.65 -10.13
C CYS A 50 -8.26 9.00 -10.54
N GLN A 51 -7.90 10.05 -9.80
CA GLN A 51 -8.40 11.39 -10.09
C GLN A 51 -7.31 12.25 -10.72
N GLU A 52 -6.11 12.19 -10.16
CA GLU A 52 -4.98 12.96 -10.67
C GLU A 52 -5.29 14.45 -10.64
N ALA A 53 -5.92 14.89 -9.54
CA ALA A 53 -6.27 16.30 -9.38
C ALA A 53 -5.11 17.09 -8.79
N ALA A 54 -4.08 17.33 -9.61
CA ALA A 54 -2.91 18.07 -9.17
C ALA A 54 -1.94 18.30 -10.33
N LEU A 55 -1.63 19.57 -10.59
CA LEU A 55 -0.72 19.93 -11.67
C LEU A 55 0.66 20.26 -11.12
N ASN A 56 0.71 21.16 -10.14
CA ASN A 56 1.96 21.56 -9.54
C ASN A 56 2.27 20.71 -8.30
N LYS A 57 3.46 20.90 -7.74
CA LYS A 57 3.88 20.15 -6.55
C LYS A 57 4.09 18.69 -6.88
N ASP A 58 4.62 18.41 -8.07
CA ASP A 58 4.88 17.05 -8.50
C ASP A 58 6.35 16.71 -8.36
N GLU A 59 6.65 15.43 -8.11
CA GLU A 59 8.02 14.97 -7.96
C GLU A 59 8.92 15.60 -9.01
N GLY A 60 10.19 15.77 -8.67
CA GLY A 60 11.14 16.36 -9.60
C GLY A 60 12.13 15.35 -10.13
N ASN A 61 12.84 14.68 -9.23
CA ASN A 61 13.83 13.68 -9.61
C ASN A 61 13.33 12.84 -10.78
N GLU A 62 14.21 12.57 -11.75
CA GLU A 62 13.85 11.78 -12.91
C GLU A 62 14.31 10.34 -12.76
N SER A 63 13.46 9.53 -12.13
CA SER A 63 13.78 8.12 -11.90
C SER A 63 13.20 7.25 -13.01
N GLY A 64 11.87 7.25 -13.12
CA GLY A 64 11.22 6.46 -14.14
C GLY A 64 9.73 6.26 -13.87
N LYS A 65 8.89 6.93 -14.65
CA LYS A 65 7.45 6.83 -14.49
C LYS A 65 6.92 5.51 -15.04
N LYS A 66 6.16 4.79 -14.22
CA LYS A 66 5.60 3.51 -14.63
C LYS A 66 4.09 3.49 -14.41
N THR A 67 3.35 4.06 -15.35
CA THR A 67 1.90 4.10 -15.26
C THR A 67 1.26 3.12 -16.24
N SER A 68 0.24 2.39 -15.76
CA SER A 68 -0.46 1.42 -16.59
C SER A 68 -1.81 1.96 -17.05
N GLY A 69 -1.82 2.62 -18.19
CA GLY A 69 -3.05 3.18 -18.72
C GLY A 69 -3.39 2.63 -20.10
N PRO A 70 -4.51 1.90 -20.19
CA PRO A 70 -4.98 1.32 -21.44
C PRO A 70 -5.46 2.37 -22.44
N SER A 71 -5.38 2.04 -23.73
CA SER A 71 -5.81 2.96 -24.78
C SER A 71 -7.33 2.94 -24.94
N SER A 72 -7.99 3.90 -24.30
CA SER A 72 -9.45 3.99 -24.36
C SER A 72 -9.90 4.35 -25.77
N GLY A 73 -9.42 5.48 -26.28
CA GLY A 73 -9.79 5.91 -27.61
C GLY A 73 -11.22 6.43 -27.68
ZN ZN B . -7.08 0.49 2.67
N GLY A 1 -28.28 5.20 -6.33
CA GLY A 1 -27.01 4.78 -5.76
C GLY A 1 -27.14 4.35 -4.31
N SER A 2 -27.14 3.05 -4.08
CA SER A 2 -27.25 2.50 -2.74
C SER A 2 -26.40 1.25 -2.57
N SER A 3 -26.14 0.88 -1.32
CA SER A 3 -25.34 -0.30 -1.03
C SER A 3 -25.39 -0.65 0.45
N GLY A 4 -24.83 -1.80 0.80
CA GLY A 4 -24.83 -2.23 2.20
C GLY A 4 -23.47 -2.73 2.64
N SER A 5 -23.37 -3.08 3.93
CA SER A 5 -22.12 -3.58 4.49
C SER A 5 -22.37 -4.70 5.48
N SER A 6 -21.33 -5.45 5.80
CA SER A 6 -21.44 -6.56 6.74
C SER A 6 -20.74 -6.23 8.05
N GLY A 7 -19.43 -6.01 7.99
CA GLY A 7 -18.68 -5.67 9.19
C GLY A 7 -17.81 -6.84 9.66
N LYS A 8 -16.70 -6.51 10.31
CA LYS A 8 -15.79 -7.53 10.81
C LYS A 8 -14.78 -6.92 11.79
N ARG A 9 -14.06 -7.79 12.49
CA ARG A 9 -13.06 -7.33 13.46
C ARG A 9 -12.07 -8.44 13.78
N GLN A 10 -10.85 -8.31 13.25
CA GLN A 10 -9.81 -9.31 13.48
C GLN A 10 -8.44 -8.64 13.57
N LYS A 11 -7.46 -9.40 14.05
CA LYS A 11 -6.10 -8.89 14.20
C LYS A 11 -5.12 -10.03 14.48
N ILE A 12 -4.08 -10.12 13.65
CA ILE A 12 -3.07 -11.16 13.82
C ILE A 12 -1.68 -10.56 13.94
N HIS A 13 -1.28 -9.78 12.94
CA HIS A 13 0.04 -9.15 12.94
C HIS A 13 1.08 -10.05 13.58
N LEU A 14 1.05 -11.33 13.21
CA LEU A 14 1.99 -12.30 13.76
C LEU A 14 2.55 -13.20 12.66
N GLY A 15 3.87 -13.30 12.58
CA GLY A 15 4.50 -14.13 11.57
C GLY A 15 4.32 -13.57 10.17
N ASP A 16 3.12 -13.72 9.62
CA ASP A 16 2.83 -13.24 8.29
C ASP A 16 3.06 -11.73 8.18
N ARG A 17 3.42 -11.27 6.98
CA ARG A 17 3.68 -9.85 6.75
C ARG A 17 2.38 -9.08 6.59
N SER A 18 1.43 -9.31 7.51
CA SER A 18 0.14 -8.63 7.46
C SER A 18 0.25 -7.21 8.00
N GLN A 19 0.08 -6.23 7.13
CA GLN A 19 0.16 -4.83 7.53
C GLN A 19 -1.24 -4.20 7.59
N LYS A 20 -1.35 -3.09 8.31
CA LYS A 20 -2.62 -2.39 8.44
C LYS A 20 -2.64 -1.12 7.60
N CYS A 21 -3.39 -1.15 6.50
CA CYS A 21 -3.50 -0.01 5.61
C CYS A 21 -3.73 1.27 6.39
N SER A 22 -3.40 2.41 5.78
CA SER A 22 -3.57 3.70 6.42
C SER A 22 -4.77 4.45 5.84
N LYS A 23 -4.95 4.34 4.53
CA LYS A 23 -6.06 4.99 3.85
C LYS A 23 -7.40 4.60 4.48
N CYS A 24 -7.70 3.31 4.45
CA CYS A 24 -8.95 2.80 5.01
C CYS A 24 -8.71 2.18 6.39
N GLY A 25 -7.67 1.35 6.48
CA GLY A 25 -7.35 0.70 7.74
C GLY A 25 -7.72 -0.77 7.75
N ILE A 26 -7.58 -1.41 6.61
CA ILE A 26 -7.90 -2.83 6.48
C ILE A 26 -6.64 -3.69 6.54
N ILE A 27 -6.80 -4.96 6.91
CA ILE A 27 -5.68 -5.88 7.00
C ILE A 27 -5.36 -6.50 5.64
N PHE A 28 -4.11 -6.38 5.22
CA PHE A 28 -3.68 -6.93 3.94
C PHE A 28 -2.26 -7.50 4.04
N ILE A 29 -1.83 -8.17 2.98
CA ILE A 29 -0.49 -8.76 2.95
C ILE A 29 0.47 -7.91 2.14
N ARG A 30 1.59 -7.54 2.75
CA ARG A 30 2.60 -6.72 2.08
C ARG A 30 3.49 -7.58 1.19
N ARG A 31 3.14 -7.65 -0.09
CA ARG A 31 3.92 -8.44 -1.03
C ARG A 31 5.21 -7.71 -1.42
N SER A 32 6.35 -8.24 -0.95
CA SER A 32 7.64 -7.64 -1.24
C SER A 32 8.08 -7.95 -2.66
N THR A 33 7.72 -7.07 -3.60
CA THR A 33 8.07 -7.25 -5.00
C THR A 33 9.21 -6.31 -5.40
N LEU A 34 10.12 -6.04 -4.46
CA LEU A 34 11.24 -5.16 -4.73
C LEU A 34 10.77 -3.82 -5.27
N SER A 35 9.72 -3.29 -4.67
CA SER A 35 9.17 -2.00 -5.10
C SER A 35 9.27 -0.96 -3.98
N ARG A 36 9.12 0.31 -4.34
CA ARG A 36 9.20 1.39 -3.37
C ARG A 36 7.84 2.06 -3.21
N ARG A 37 7.47 2.33 -1.96
CA ARG A 37 6.19 2.96 -1.65
C ARG A 37 6.37 4.07 -0.62
N LYS A 38 5.27 4.76 -0.30
CA LYS A 38 5.30 5.83 0.68
C LYS A 38 4.36 5.55 1.84
N THR A 39 3.09 5.29 1.52
CA THR A 39 2.09 5.01 2.54
C THR A 39 1.52 3.60 2.37
N PRO A 40 1.33 2.90 3.50
CA PRO A 40 0.79 1.55 3.51
C PRO A 40 -0.68 1.50 3.11
N MET A 41 -0.94 1.15 1.85
CA MET A 41 -2.31 1.08 1.34
C MET A 41 -2.64 -0.35 0.94
N CYS A 42 -3.91 -0.73 1.12
CA CYS A 42 -4.37 -2.07 0.78
C CYS A 42 -4.79 -2.14 -0.69
N GLU A 43 -4.59 -3.30 -1.30
CA GLU A 43 -4.95 -3.49 -2.70
C GLU A 43 -6.19 -2.67 -3.07
N LYS A 44 -7.14 -2.60 -2.14
CA LYS A 44 -8.37 -1.84 -2.36
C LYS A 44 -8.06 -0.37 -2.61
N CYS A 45 -7.37 0.27 -1.66
CA CYS A 45 -7.01 1.66 -1.78
C CYS A 45 -5.88 1.85 -2.79
N ARG A 46 -4.82 1.08 -2.62
CA ARG A 46 -3.66 1.16 -3.50
C ARG A 46 -4.09 1.52 -4.92
N LYS A 47 -4.75 0.57 -5.59
CA LYS A 47 -5.22 0.79 -6.95
C LYS A 47 -5.95 2.12 -7.07
N ASP A 48 -6.76 2.43 -6.07
CA ASP A 48 -7.51 3.69 -6.07
C ASP A 48 -6.58 4.89 -6.18
N SER A 49 -7.16 6.08 -6.33
CA SER A 49 -6.39 7.30 -6.45
C SER A 49 -6.03 7.86 -5.08
N CYS A 50 -4.89 8.53 -5.00
CA CYS A 50 -4.43 9.12 -3.74
C CYS A 50 -3.47 10.27 -4.00
N GLN A 51 -3.34 11.16 -3.02
CA GLN A 51 -2.45 12.31 -3.15
C GLN A 51 -1.75 12.60 -1.82
N GLU A 52 -0.42 12.58 -1.83
CA GLU A 52 0.37 12.84 -0.63
C GLU A 52 1.35 13.98 -0.87
N ALA A 53 1.71 14.67 0.21
CA ALA A 53 2.65 15.79 0.13
C ALA A 53 3.56 15.83 1.35
N ALA A 54 4.82 15.47 1.15
CA ALA A 54 5.80 15.47 2.24
C ALA A 54 7.22 15.47 1.69
N LEU A 55 8.18 15.71 2.58
CA LEU A 55 9.59 15.74 2.20
C LEU A 55 10.38 14.67 2.93
N ASN A 56 10.68 13.57 2.23
CA ASN A 56 11.43 12.47 2.83
C ASN A 56 12.86 12.91 3.16
N LYS A 57 13.40 12.35 4.23
CA LYS A 57 14.76 12.68 4.66
C LYS A 57 15.66 11.45 4.59
N ASP A 58 15.56 10.70 3.50
CA ASP A 58 16.36 9.50 3.31
C ASP A 58 17.78 9.85 2.85
N GLU A 59 18.75 9.69 3.74
CA GLU A 59 20.14 9.99 3.41
C GLU A 59 21.05 8.81 3.73
N GLY A 60 20.85 8.23 4.91
CA GLY A 60 21.66 7.09 5.32
C GLY A 60 22.53 7.41 6.51
N ASN A 61 22.78 6.40 7.35
CA ASN A 61 23.60 6.58 8.54
C ASN A 61 25.07 6.35 8.22
N GLU A 62 25.39 5.16 7.71
CA GLU A 62 26.76 4.82 7.36
C GLU A 62 26.84 4.29 5.93
N SER A 63 26.19 3.17 5.68
CA SER A 63 26.18 2.56 4.37
C SER A 63 24.75 2.32 3.88
N GLY A 64 24.63 1.82 2.65
CA GLY A 64 23.32 1.54 2.09
C GLY A 64 23.38 0.56 0.94
N LYS A 65 22.82 -0.63 1.16
CA LYS A 65 22.81 -1.67 0.13
C LYS A 65 21.88 -1.27 -1.02
N LYS A 66 20.62 -1.02 -0.70
CA LYS A 66 19.63 -0.63 -1.70
C LYS A 66 19.31 0.86 -1.61
N THR A 67 20.20 1.69 -2.13
CA THR A 67 20.01 3.13 -2.11
C THR A 67 21.09 3.84 -2.92
N SER A 68 20.68 4.55 -3.97
CA SER A 68 21.60 5.27 -4.82
C SER A 68 22.38 6.32 -4.02
N GLY A 69 23.53 5.93 -3.49
CA GLY A 69 24.33 6.85 -2.72
C GLY A 69 25.56 7.33 -3.46
N PRO A 70 26.69 6.62 -3.26
CA PRO A 70 27.96 6.95 -3.91
C PRO A 70 27.93 6.66 -5.41
N SER A 71 27.65 7.70 -6.21
CA SER A 71 27.60 7.56 -7.65
C SER A 71 28.95 7.86 -8.27
N SER A 72 29.81 8.53 -7.52
CA SER A 72 31.14 8.89 -8.01
C SER A 72 32.08 7.68 -7.97
N GLY A 73 32.10 6.92 -9.07
CA GLY A 73 32.95 5.75 -9.15
C GLY A 73 32.17 4.49 -9.43
ZN ZN B . -6.98 0.60 2.52
N GLY A 1 -35.35 -14.16 17.88
CA GLY A 1 -34.95 -12.85 17.37
C GLY A 1 -34.30 -11.99 18.43
N SER A 2 -34.04 -10.74 18.09
CA SER A 2 -33.39 -9.81 19.03
C SER A 2 -32.30 -10.51 19.82
N SER A 3 -31.51 -11.34 19.13
CA SER A 3 -30.43 -12.07 19.77
C SER A 3 -29.08 -11.64 19.20
N GLY A 4 -28.12 -11.43 20.08
CA GLY A 4 -26.78 -11.02 19.65
C GLY A 4 -25.70 -11.46 20.60
N SER A 5 -24.48 -10.99 20.38
CA SER A 5 -23.35 -11.34 21.23
C SER A 5 -22.44 -10.14 21.47
N SER A 6 -21.76 -10.14 22.60
CA SER A 6 -20.86 -9.04 22.95
C SER A 6 -19.47 -9.57 23.26
N GLY A 7 -18.45 -8.79 22.88
CA GLY A 7 -17.07 -9.20 23.13
C GLY A 7 -16.54 -10.15 22.07
N LYS A 8 -15.46 -9.75 21.41
CA LYS A 8 -14.85 -10.56 20.36
C LYS A 8 -13.35 -10.36 20.32
N ARG A 9 -12.62 -11.42 19.98
CA ARG A 9 -11.16 -11.35 19.90
C ARG A 9 -10.72 -10.59 18.66
N GLN A 10 -10.12 -9.42 18.85
CA GLN A 10 -9.66 -8.60 17.74
C GLN A 10 -8.14 -8.53 17.70
N LYS A 11 -7.56 -8.94 16.59
CA LYS A 11 -6.11 -8.94 16.42
C LYS A 11 -5.67 -7.81 15.49
N ILE A 12 -4.87 -6.89 16.04
CA ILE A 12 -4.39 -5.76 15.25
C ILE A 12 -3.14 -6.14 14.45
N HIS A 13 -2.26 -6.91 15.07
CA HIS A 13 -1.03 -7.36 14.41
C HIS A 13 -1.02 -8.87 14.23
N LEU A 14 -1.79 -9.34 13.26
CA LEU A 14 -1.88 -10.77 12.97
C LEU A 14 -0.52 -11.33 12.60
N GLY A 15 0.19 -10.63 11.72
CA GLY A 15 1.51 -11.08 11.30
C GLY A 15 2.40 -9.94 10.86
N ASP A 16 3.65 -10.25 10.54
CA ASP A 16 4.60 -9.22 10.11
C ASP A 16 4.43 -8.93 8.63
N ARG A 17 4.35 -9.97 7.82
CA ARG A 17 4.19 -9.82 6.38
C ARG A 17 2.99 -8.92 6.05
N SER A 18 1.94 -9.06 6.86
CA SER A 18 0.73 -8.26 6.66
C SER A 18 0.98 -6.80 6.99
N GLN A 19 0.00 -5.95 6.67
CA GLN A 19 0.12 -4.51 6.94
C GLN A 19 -1.25 -3.88 7.11
N LYS A 20 -1.36 -2.95 8.04
CA LYS A 20 -2.62 -2.26 8.31
C LYS A 20 -2.70 -0.95 7.52
N CYS A 21 -3.49 -0.94 6.46
CA CYS A 21 -3.66 0.24 5.64
C CYS A 21 -3.76 1.50 6.50
N SER A 22 -3.33 2.63 5.95
CA SER A 22 -3.37 3.89 6.66
C SER A 22 -4.54 4.74 6.20
N LYS A 23 -5.09 4.41 5.03
CA LYS A 23 -6.22 5.14 4.48
C LYS A 23 -7.54 4.63 5.06
N CYS A 24 -7.94 3.44 4.62
CA CYS A 24 -9.18 2.83 5.10
C CYS A 24 -8.98 2.16 6.46
N GLY A 25 -7.91 1.39 6.57
CA GLY A 25 -7.61 0.71 7.82
C GLY A 25 -8.02 -0.75 7.79
N ILE A 26 -7.59 -1.47 6.77
CA ILE A 26 -7.91 -2.88 6.63
C ILE A 26 -6.65 -3.74 6.58
N ILE A 27 -6.79 -5.00 6.99
CA ILE A 27 -5.66 -5.92 7.00
C ILE A 27 -5.40 -6.50 5.60
N PHE A 28 -4.19 -6.32 5.11
CA PHE A 28 -3.82 -6.82 3.79
C PHE A 28 -2.41 -7.39 3.80
N ILE A 29 -1.98 -7.92 2.65
CA ILE A 29 -0.65 -8.49 2.53
C ILE A 29 0.27 -7.58 1.72
N ARG A 30 1.50 -7.40 2.21
CA ARG A 30 2.48 -6.56 1.53
C ARG A 30 3.74 -7.34 1.20
N ARG A 31 4.28 -7.12 0.01
CA ARG A 31 5.49 -7.80 -0.43
C ARG A 31 6.68 -6.86 -0.43
N SER A 32 7.88 -7.41 -0.26
CA SER A 32 9.09 -6.61 -0.24
C SER A 32 9.39 -6.04 -1.63
N THR A 33 9.24 -4.73 -1.76
CA THR A 33 9.49 -4.06 -3.04
C THR A 33 10.26 -2.75 -2.83
N LEU A 34 10.65 -2.13 -3.93
CA LEU A 34 11.39 -0.86 -3.87
C LEU A 34 10.66 0.23 -4.65
N SER A 35 10.01 1.13 -3.94
CA SER A 35 9.28 2.23 -4.57
C SER A 35 9.51 3.54 -3.82
N ARG A 36 9.33 4.65 -4.52
CA ARG A 36 9.52 5.97 -3.92
C ARG A 36 8.43 6.27 -2.90
N ARG A 37 7.18 5.96 -3.27
CA ARG A 37 6.05 6.20 -2.39
C ARG A 37 5.74 4.96 -1.55
N LYS A 38 6.47 4.80 -0.46
CA LYS A 38 6.28 3.66 0.43
C LYS A 38 5.11 3.90 1.39
N THR A 39 3.90 3.95 0.84
CA THR A 39 2.71 4.18 1.64
C THR A 39 1.97 2.88 1.90
N PRO A 40 1.70 2.59 3.19
CA PRO A 40 1.00 1.36 3.60
C PRO A 40 -0.48 1.40 3.20
N MET A 41 -0.76 0.94 1.99
CA MET A 41 -2.13 0.90 1.48
C MET A 41 -2.54 -0.53 1.12
N CYS A 42 -3.82 -0.82 1.28
CA CYS A 42 -4.35 -2.15 0.97
C CYS A 42 -4.47 -2.35 -0.54
N GLU A 43 -4.81 -3.56 -0.94
CA GLU A 43 -4.95 -3.89 -2.35
C GLU A 43 -6.21 -3.25 -2.93
N LYS A 44 -7.05 -2.70 -2.05
CA LYS A 44 -8.29 -2.06 -2.47
C LYS A 44 -8.07 -0.56 -2.68
N CYS A 45 -7.14 0.01 -1.93
CA CYS A 45 -6.84 1.44 -2.04
C CYS A 45 -5.70 1.68 -3.03
N ARG A 46 -4.58 1.00 -2.82
CA ARG A 46 -3.43 1.14 -3.71
C ARG A 46 -3.87 1.38 -5.15
N LYS A 47 -4.93 0.69 -5.56
CA LYS A 47 -5.45 0.82 -6.91
C LYS A 47 -6.79 1.54 -6.91
N ASP A 48 -6.86 2.66 -6.19
CA ASP A 48 -8.08 3.45 -6.11
C ASP A 48 -7.84 4.88 -6.58
N SER A 49 -8.77 5.40 -7.39
CA SER A 49 -8.65 6.76 -7.91
C SER A 49 -8.47 7.76 -6.78
N CYS A 50 -7.22 8.18 -6.56
CA CYS A 50 -6.91 9.13 -5.50
C CYS A 50 -6.80 10.55 -6.07
N GLN A 51 -6.76 11.54 -5.18
CA GLN A 51 -6.65 12.93 -5.59
C GLN A 51 -5.96 13.76 -4.52
N GLU A 52 -5.72 15.04 -4.83
CA GLU A 52 -5.05 15.93 -3.90
C GLU A 52 -3.96 15.20 -3.11
N ALA A 53 -3.20 14.37 -3.82
CA ALA A 53 -2.12 13.61 -3.20
C ALA A 53 -1.02 14.54 -2.68
N ALA A 54 -0.76 14.47 -1.38
CA ALA A 54 0.26 15.30 -0.76
C ALA A 54 0.97 14.56 0.36
N LEU A 55 2.29 14.65 0.38
CA LEU A 55 3.09 13.98 1.41
C LEU A 55 4.24 14.87 1.87
N ASN A 56 4.80 14.54 3.04
CA ASN A 56 5.89 15.31 3.60
C ASN A 56 6.44 14.65 4.86
N LYS A 57 7.70 14.25 4.83
CA LYS A 57 8.33 13.60 5.97
C LYS A 57 7.33 12.74 6.73
N ASP A 58 6.51 12.00 6.00
CA ASP A 58 5.51 11.13 6.61
C ASP A 58 6.14 10.25 7.68
N GLU A 59 7.16 9.50 7.31
CA GLU A 59 7.84 8.62 8.25
C GLU A 59 9.33 8.94 8.31
N GLY A 60 9.95 9.06 7.13
CA GLY A 60 11.37 9.37 7.07
C GLY A 60 12.18 8.23 6.50
N ASN A 61 13.40 8.05 7.00
CA ASN A 61 14.28 6.99 6.53
C ASN A 61 14.52 7.11 5.03
N GLU A 62 14.75 8.34 4.56
CA GLU A 62 14.99 8.58 3.15
C GLU A 62 16.41 9.06 2.92
N SER A 63 17.36 8.13 2.89
CA SER A 63 18.76 8.46 2.69
C SER A 63 19.32 7.72 1.47
N GLY A 64 18.88 6.47 1.30
CA GLY A 64 19.35 5.68 0.18
C GLY A 64 18.21 5.13 -0.66
N LYS A 65 17.61 5.99 -1.47
CA LYS A 65 16.49 5.59 -2.32
C LYS A 65 16.72 6.05 -3.76
N LYS A 66 16.20 5.27 -4.71
CA LYS A 66 16.34 5.60 -6.13
C LYS A 66 16.20 7.10 -6.35
N THR A 67 17.27 7.72 -6.86
CA THR A 67 17.27 9.15 -7.12
C THR A 67 17.35 9.44 -8.62
N SER A 68 16.22 9.85 -9.19
CA SER A 68 16.16 10.15 -10.62
C SER A 68 15.43 11.46 -10.86
N GLY A 69 15.42 11.91 -12.11
CA GLY A 69 14.75 13.16 -12.46
C GLY A 69 15.51 14.37 -11.98
N PRO A 70 14.93 15.57 -12.21
CA PRO A 70 15.56 16.83 -11.81
C PRO A 70 15.56 17.02 -10.31
N SER A 71 14.81 16.19 -9.60
CA SER A 71 14.72 16.26 -8.15
C SER A 71 14.63 17.71 -7.69
N SER A 72 13.81 18.50 -8.39
CA SER A 72 13.64 19.91 -8.06
C SER A 72 12.57 20.07 -6.98
N GLY A 73 12.49 21.28 -6.42
CA GLY A 73 11.51 21.54 -5.37
C GLY A 73 11.69 22.92 -4.76
ZN ZN B . -7.10 0.73 2.46
N GLY A 1 -17.21 -4.34 -16.09
CA GLY A 1 -18.26 -4.55 -15.12
C GLY A 1 -17.71 -4.76 -13.72
N SER A 2 -18.59 -5.16 -12.80
CA SER A 2 -18.19 -5.39 -11.42
C SER A 2 -18.71 -6.73 -10.92
N SER A 3 -17.83 -7.47 -10.23
CA SER A 3 -18.19 -8.79 -9.70
C SER A 3 -18.12 -8.80 -8.18
N GLY A 4 -19.24 -8.47 -7.53
CA GLY A 4 -19.27 -8.45 -6.09
C GLY A 4 -19.66 -9.79 -5.49
N SER A 5 -19.97 -9.79 -4.21
CA SER A 5 -20.35 -11.02 -3.51
C SER A 5 -21.49 -10.76 -2.54
N SER A 6 -21.95 -11.82 -1.88
CA SER A 6 -23.04 -11.71 -0.91
C SER A 6 -22.61 -12.24 0.45
N GLY A 7 -22.94 -11.50 1.50
CA GLY A 7 -22.59 -11.92 2.84
C GLY A 7 -21.31 -11.27 3.33
N LYS A 8 -21.40 -10.54 4.43
CA LYS A 8 -20.23 -9.87 5.01
C LYS A 8 -19.62 -10.70 6.13
N ARG A 9 -18.72 -11.62 5.75
CA ARG A 9 -18.06 -12.47 6.72
C ARG A 9 -16.68 -11.92 7.08
N GLN A 10 -16.28 -12.11 8.34
CA GLN A 10 -14.98 -11.64 8.81
C GLN A 10 -14.20 -12.77 9.47
N LYS A 11 -12.89 -12.59 9.54
CA LYS A 11 -12.01 -13.60 10.14
C LYS A 11 -11.24 -13.01 11.32
N ILE A 12 -10.99 -13.84 12.33
CA ILE A 12 -10.27 -13.40 13.52
C ILE A 12 -8.80 -13.84 13.45
N HIS A 13 -8.49 -14.67 12.47
CA HIS A 13 -7.12 -15.16 12.30
C HIS A 13 -6.26 -14.13 11.58
N LEU A 14 -4.94 -14.25 11.73
CA LEU A 14 -4.01 -13.33 11.09
C LEU A 14 -2.73 -14.05 10.67
N GLY A 15 -1.84 -13.32 10.02
CA GLY A 15 -0.58 -13.90 9.58
C GLY A 15 0.62 -13.21 10.20
N ASP A 16 1.81 -13.52 9.67
CA ASP A 16 3.03 -12.92 10.18
C ASP A 16 3.45 -11.71 9.35
N ARG A 17 2.95 -11.66 8.12
CA ARG A 17 3.26 -10.56 7.22
C ARG A 17 1.99 -9.85 6.74
N SER A 18 1.30 -9.19 7.67
CA SER A 18 0.07 -8.49 7.35
C SER A 18 0.08 -7.09 7.93
N GLN A 19 0.02 -6.09 7.06
CA GLN A 19 0.02 -4.70 7.48
C GLN A 19 -1.39 -4.13 7.53
N LYS A 20 -1.56 -3.03 8.24
CA LYS A 20 -2.87 -2.39 8.36
C LYS A 20 -2.90 -1.05 7.61
N CYS A 21 -3.53 -1.06 6.45
CA CYS A 21 -3.64 0.15 5.63
C CYS A 21 -3.76 1.39 6.52
N SER A 22 -3.30 2.52 6.00
CA SER A 22 -3.37 3.78 6.74
C SER A 22 -4.58 4.60 6.31
N LYS A 23 -5.01 4.40 5.07
CA LYS A 23 -6.16 5.12 4.53
C LYS A 23 -7.46 4.56 5.09
N CYS A 24 -7.81 3.36 4.65
CA CYS A 24 -9.03 2.71 5.11
C CYS A 24 -8.84 2.07 6.48
N GLY A 25 -7.74 1.34 6.63
CA GLY A 25 -7.45 0.68 7.89
C GLY A 25 -7.79 -0.79 7.87
N ILE A 26 -7.60 -1.43 6.73
CA ILE A 26 -7.88 -2.85 6.59
C ILE A 26 -6.61 -3.68 6.67
N ILE A 27 -6.76 -4.95 7.01
CA ILE A 27 -5.62 -5.85 7.13
C ILE A 27 -5.33 -6.54 5.79
N PHE A 28 -4.05 -6.58 5.42
CA PHE A 28 -3.64 -7.20 4.17
C PHE A 28 -2.18 -7.65 4.23
N ILE A 29 -1.79 -8.51 3.31
CA ILE A 29 -0.42 -9.01 3.26
C ILE A 29 0.47 -8.13 2.39
N ARG A 30 1.61 -7.73 2.93
CA ARG A 30 2.55 -6.88 2.20
C ARG A 30 3.88 -7.59 1.99
N ARG A 31 4.75 -6.99 1.20
CA ARG A 31 6.06 -7.56 0.91
C ARG A 31 7.03 -7.30 2.07
N SER A 32 7.47 -8.37 2.71
CA SER A 32 8.39 -8.27 3.84
C SER A 32 9.83 -8.41 3.36
N THR A 33 10.12 -7.85 2.18
CA THR A 33 11.46 -7.92 1.61
C THR A 33 11.86 -6.59 0.99
N LEU A 34 13.04 -6.10 1.36
CA LEU A 34 13.54 -4.83 0.84
C LEU A 34 12.41 -3.81 0.71
N SER A 35 11.61 -3.69 1.77
CA SER A 35 10.50 -2.75 1.77
C SER A 35 10.97 -1.33 1.51
N ARG A 36 10.41 -0.70 0.49
CA ARG A 36 10.78 0.67 0.13
C ARG A 36 9.68 1.66 0.54
N ARG A 37 10.09 2.80 1.07
CA ARG A 37 9.16 3.82 1.51
C ARG A 37 7.96 3.90 0.56
N LYS A 38 6.84 3.34 0.99
CA LYS A 38 5.63 3.35 0.20
C LYS A 38 4.39 3.14 1.07
N THR A 39 3.49 4.13 1.06
CA THR A 39 2.27 4.05 1.85
C THR A 39 1.75 2.62 1.93
N PRO A 40 1.31 2.22 3.13
CA PRO A 40 0.78 0.87 3.36
C PRO A 40 -0.57 0.66 2.69
N MET A 41 -0.94 1.58 1.81
CA MET A 41 -2.21 1.49 1.10
C MET A 41 -2.50 0.05 0.67
N CYS A 42 -3.66 -0.46 1.05
CA CYS A 42 -4.05 -1.82 0.71
C CYS A 42 -4.39 -1.93 -0.77
N GLU A 43 -4.34 -3.15 -1.29
CA GLU A 43 -4.63 -3.40 -2.70
C GLU A 43 -5.87 -2.61 -3.13
N LYS A 44 -6.90 -2.63 -2.31
CA LYS A 44 -8.14 -1.92 -2.61
C LYS A 44 -7.86 -0.44 -2.90
N CYS A 45 -7.36 0.26 -1.88
CA CYS A 45 -7.04 1.68 -2.02
C CYS A 45 -6.13 1.93 -3.21
N ARG A 46 -5.04 1.15 -3.29
CA ARG A 46 -4.09 1.28 -4.37
C ARG A 46 -4.79 1.60 -5.69
N LYS A 47 -5.71 0.73 -6.09
CA LYS A 47 -6.46 0.93 -7.33
C LYS A 47 -7.49 2.04 -7.17
N ASP A 48 -8.25 1.99 -6.08
CA ASP A 48 -9.27 3.00 -5.82
C ASP A 48 -8.77 4.39 -6.15
N SER A 49 -7.66 4.78 -5.50
CA SER A 49 -7.07 6.09 -5.72
C SER A 49 -6.46 6.19 -7.12
N CYS A 50 -7.04 7.05 -7.95
CA CYS A 50 -6.55 7.23 -9.32
C CYS A 50 -5.84 8.58 -9.46
N GLN A 51 -4.58 8.62 -9.05
CA GLN A 51 -3.79 9.83 -9.13
C GLN A 51 -4.65 11.07 -8.88
N GLU A 52 -5.56 10.95 -7.90
CA GLU A 52 -6.44 12.07 -7.56
C GLU A 52 -5.89 12.86 -6.39
N ALA A 53 -4.59 13.14 -6.43
CA ALA A 53 -3.95 13.90 -5.37
C ALA A 53 -3.12 15.05 -5.94
N ALA A 54 -2.31 14.75 -6.95
CA ALA A 54 -1.46 15.76 -7.58
C ALA A 54 -1.10 15.34 -9.01
N LEU A 55 -0.40 16.23 -9.71
CA LEU A 55 0.01 15.95 -11.08
C LEU A 55 1.52 16.11 -11.23
N ASN A 56 2.23 16.16 -10.11
CA ASN A 56 3.67 16.31 -10.12
C ASN A 56 4.32 15.26 -11.03
N LYS A 57 3.94 14.01 -10.83
CA LYS A 57 4.49 12.90 -11.63
C LYS A 57 4.53 13.29 -13.10
N ASP A 58 5.73 13.57 -13.61
CA ASP A 58 5.90 13.94 -15.00
C ASP A 58 5.48 12.80 -15.93
N GLU A 59 5.40 13.09 -17.22
CA GLU A 59 5.00 12.09 -18.20
C GLU A 59 6.18 11.18 -18.55
N GLY A 60 5.93 9.87 -18.55
CA GLY A 60 6.98 8.91 -18.86
C GLY A 60 6.76 7.57 -18.18
N ASN A 61 7.49 6.56 -18.62
CA ASN A 61 7.37 5.22 -18.07
C ASN A 61 8.48 4.97 -17.05
N GLU A 62 8.26 5.39 -15.81
CA GLU A 62 9.24 5.20 -14.75
C GLU A 62 9.32 3.74 -14.33
N SER A 63 8.16 3.12 -14.13
CA SER A 63 8.11 1.72 -13.73
C SER A 63 8.87 0.84 -14.71
N GLY A 64 9.40 -0.28 -14.22
CA GLY A 64 10.14 -1.19 -15.06
C GLY A 64 11.15 -2.00 -14.29
N LYS A 65 11.96 -1.33 -13.47
CA LYS A 65 12.97 -2.00 -12.67
C LYS A 65 12.81 -1.67 -11.19
N LYS A 66 13.46 -2.44 -10.33
CA LYS A 66 13.39 -2.22 -8.89
C LYS A 66 14.36 -1.13 -8.46
N THR A 67 15.55 -1.13 -9.07
CA THR A 67 16.56 -0.14 -8.75
C THR A 67 16.92 0.71 -9.97
N SER A 68 16.89 2.02 -9.79
CA SER A 68 17.19 2.95 -10.88
C SER A 68 18.27 3.95 -10.45
N GLY A 69 19.30 4.10 -11.28
CA GLY A 69 20.37 5.04 -10.97
C GLY A 69 21.18 4.60 -9.77
N PRO A 70 22.33 5.25 -9.57
CA PRO A 70 23.23 4.94 -8.44
C PRO A 70 22.65 5.36 -7.10
N SER A 71 21.53 6.07 -7.15
CA SER A 71 20.87 6.53 -5.94
C SER A 71 19.65 5.67 -5.60
N SER A 72 19.85 4.35 -5.66
CA SER A 72 18.78 3.40 -5.36
C SER A 72 19.09 2.59 -4.11
N GLY A 73 19.90 3.17 -3.23
CA GLY A 73 20.28 2.48 -2.00
C GLY A 73 19.39 2.86 -0.84
ZN ZN B . -6.80 0.84 2.21
N GLY A 1 -41.55 -31.39 4.51
CA GLY A 1 -40.25 -30.80 4.23
C GLY A 1 -39.62 -30.18 5.46
N SER A 2 -38.32 -30.37 5.62
CA SER A 2 -37.60 -29.83 6.77
C SER A 2 -36.12 -29.67 6.46
N SER A 3 -35.43 -28.89 7.28
CA SER A 3 -33.99 -28.66 7.09
C SER A 3 -33.26 -28.68 8.42
N GLY A 4 -31.99 -29.10 8.39
CA GLY A 4 -31.20 -29.15 9.60
C GLY A 4 -30.23 -28.00 9.71
N SER A 5 -29.02 -28.28 10.17
CA SER A 5 -27.99 -27.25 10.33
C SER A 5 -26.60 -27.87 10.33
N SER A 6 -25.62 -27.11 9.84
CA SER A 6 -24.24 -27.59 9.77
C SER A 6 -23.26 -26.43 9.97
N GLY A 7 -22.14 -26.71 10.63
CA GLY A 7 -21.15 -25.69 10.86
C GLY A 7 -19.99 -25.78 9.89
N LYS A 8 -19.79 -24.71 9.11
CA LYS A 8 -18.71 -24.67 8.13
C LYS A 8 -17.78 -23.49 8.40
N ARG A 9 -16.93 -23.64 9.41
CA ARG A 9 -15.98 -22.58 9.76
C ARG A 9 -14.64 -22.79 9.07
N GLN A 10 -13.73 -21.83 9.24
CA GLN A 10 -12.41 -21.92 8.61
C GLN A 10 -11.51 -20.79 9.11
N LYS A 11 -10.50 -21.16 9.89
CA LYS A 11 -9.56 -20.18 10.44
C LYS A 11 -8.55 -19.75 9.37
N ILE A 12 -8.15 -18.48 9.43
CA ILE A 12 -7.20 -17.94 8.48
C ILE A 12 -5.81 -17.81 9.10
N HIS A 13 -4.78 -18.18 8.35
CA HIS A 13 -3.40 -18.11 8.84
C HIS A 13 -2.66 -16.96 8.16
N LEU A 14 -1.77 -16.32 8.90
CA LEU A 14 -0.98 -15.21 8.37
C LEU A 14 0.46 -15.28 8.86
N GLY A 15 1.30 -14.40 8.33
CA GLY A 15 2.69 -14.36 8.73
C GLY A 15 3.07 -13.08 9.43
N ASP A 16 4.33 -12.68 9.30
CA ASP A 16 4.82 -11.45 9.93
C ASP A 16 4.97 -10.33 8.90
N ARG A 17 4.02 -10.26 7.97
CA ARG A 17 4.05 -9.24 6.93
C ARG A 17 2.78 -8.41 6.94
N SER A 18 1.65 -9.07 7.21
CA SER A 18 0.36 -8.39 7.25
C SER A 18 0.51 -6.98 7.80
N GLN A 19 -0.02 -6.01 7.06
CA GLN A 19 0.05 -4.61 7.49
C GLN A 19 -1.34 -3.99 7.53
N LYS A 20 -1.52 -3.03 8.43
CA LYS A 20 -2.79 -2.34 8.58
C LYS A 20 -2.81 -1.02 7.81
N CYS A 21 -3.47 -1.01 6.66
CA CYS A 21 -3.56 0.18 5.84
C CYS A 21 -3.74 1.42 6.70
N SER A 22 -3.39 2.58 6.14
CA SER A 22 -3.51 3.84 6.86
C SER A 22 -4.68 4.67 6.33
N LYS A 23 -5.01 4.45 5.06
CA LYS A 23 -6.11 5.17 4.43
C LYS A 23 -7.46 4.65 4.92
N CYS A 24 -7.77 3.41 4.59
CA CYS A 24 -9.03 2.80 5.00
C CYS A 24 -8.89 2.13 6.37
N GLY A 25 -7.82 1.37 6.55
CA GLY A 25 -7.59 0.69 7.81
C GLY A 25 -8.01 -0.76 7.78
N ILE A 26 -7.54 -1.49 6.77
CA ILE A 26 -7.88 -2.90 6.63
C ILE A 26 -6.62 -3.77 6.67
N ILE A 27 -6.80 -5.06 6.97
CA ILE A 27 -5.69 -5.99 7.04
C ILE A 27 -5.38 -6.57 5.66
N PHE A 28 -4.13 -6.41 5.22
CA PHE A 28 -3.70 -6.93 3.93
C PHE A 28 -2.29 -7.47 4.00
N ILE A 29 -1.80 -8.00 2.87
CA ILE A 29 -0.46 -8.55 2.80
C ILE A 29 0.48 -7.62 2.04
N ARG A 30 1.43 -7.04 2.75
CA ARG A 30 2.40 -6.13 2.13
C ARG A 30 3.69 -6.86 1.79
N ARG A 31 4.35 -6.43 0.72
CA ARG A 31 5.60 -7.04 0.28
C ARG A 31 6.80 -6.25 0.81
N SER A 32 7.93 -6.94 0.94
CA SER A 32 9.15 -6.30 1.45
C SER A 32 9.23 -4.85 0.99
N THR A 33 9.30 -3.94 1.96
CA THR A 33 9.37 -2.52 1.65
C THR A 33 10.82 -2.04 1.62
N LEU A 34 11.12 -1.12 0.71
CA LEU A 34 12.47 -0.59 0.58
C LEU A 34 12.50 0.90 0.95
N SER A 35 13.38 1.25 1.88
CA SER A 35 13.52 2.63 2.31
C SER A 35 12.21 3.14 2.89
N ARG A 36 11.40 2.23 3.41
CA ARG A 36 10.11 2.59 3.99
C ARG A 36 9.45 3.72 3.20
N ARG A 37 9.39 3.56 1.89
CA ARG A 37 8.79 4.57 1.02
C ARG A 37 7.48 4.06 0.43
N LYS A 38 7.27 2.74 0.47
CA LYS A 38 6.07 2.14 -0.06
C LYS A 38 4.90 2.31 0.91
N THR A 39 3.90 3.09 0.49
CA THR A 39 2.73 3.33 1.33
C THR A 39 2.03 2.02 1.69
N PRO A 40 1.62 1.91 2.97
CA PRO A 40 0.93 0.71 3.47
C PRO A 40 -0.46 0.57 2.90
N MET A 41 -0.76 1.35 1.86
CA MET A 41 -2.08 1.30 1.22
C MET A 41 -2.43 -0.13 0.82
N CYS A 42 -3.65 -0.55 1.13
CA CYS A 42 -4.11 -1.88 0.80
C CYS A 42 -4.55 -1.96 -0.65
N GLU A 43 -4.33 -3.12 -1.28
CA GLU A 43 -4.71 -3.32 -2.67
C GLU A 43 -5.99 -2.56 -3.01
N LYS A 44 -7.00 -2.71 -2.17
CA LYS A 44 -8.27 -2.05 -2.37
C LYS A 44 -8.07 -0.55 -2.66
N CYS A 45 -7.22 0.08 -1.87
CA CYS A 45 -6.93 1.50 -2.04
C CYS A 45 -6.00 1.73 -3.23
N ARG A 46 -4.98 0.87 -3.35
CA ARG A 46 -4.03 0.98 -4.44
C ARG A 46 -4.69 1.52 -5.70
N LYS A 47 -5.90 1.02 -5.99
CA LYS A 47 -6.65 1.44 -7.16
C LYS A 47 -7.81 2.35 -6.77
N ASP A 48 -7.49 3.45 -6.11
CA ASP A 48 -8.51 4.40 -5.67
C ASP A 48 -8.88 5.36 -6.80
N SER A 49 -9.92 6.15 -6.59
CA SER A 49 -10.37 7.12 -7.58
C SER A 49 -9.69 8.47 -7.39
N CYS A 50 -9.36 9.12 -8.50
CA CYS A 50 -8.70 10.43 -8.45
C CYS A 50 -8.87 11.17 -9.78
N GLN A 51 -9.10 12.47 -9.68
CA GLN A 51 -9.28 13.29 -10.87
C GLN A 51 -7.97 13.97 -11.27
N GLU A 52 -7.55 13.74 -12.52
CA GLU A 52 -6.31 14.32 -13.02
C GLU A 52 -6.57 15.67 -13.69
N ALA A 53 -7.43 16.46 -13.07
CA ALA A 53 -7.78 17.78 -13.60
C ALA A 53 -6.77 18.83 -13.14
N ALA A 54 -6.50 18.84 -11.84
CA ALA A 54 -5.54 19.80 -11.28
C ALA A 54 -4.40 20.09 -12.25
N LEU A 55 -3.93 21.33 -12.24
CA LEU A 55 -2.84 21.74 -13.13
C LEU A 55 -1.69 20.74 -13.06
N ASN A 56 -0.97 20.60 -14.17
CA ASN A 56 0.16 19.69 -14.24
C ASN A 56 1.12 19.93 -13.08
N LYS A 57 1.96 18.94 -12.80
CA LYS A 57 2.94 19.04 -11.72
C LYS A 57 3.89 20.20 -11.95
N ASP A 58 4.33 20.83 -10.87
CA ASP A 58 5.24 21.96 -10.95
C ASP A 58 6.50 21.58 -11.73
N GLU A 59 7.28 22.59 -12.12
CA GLU A 59 8.50 22.37 -12.87
C GLU A 59 9.66 22.00 -11.94
N GLY A 60 10.68 21.36 -12.50
CA GLY A 60 11.83 20.97 -11.70
C GLY A 60 12.32 19.58 -12.04
N ASN A 61 13.32 19.49 -12.91
CA ASN A 61 13.88 18.21 -13.32
C ASN A 61 15.09 17.85 -12.45
N GLU A 62 14.96 16.76 -11.69
CA GLU A 62 16.04 16.31 -10.82
C GLU A 62 16.83 15.17 -11.48
N SER A 63 16.11 14.24 -12.08
CA SER A 63 16.73 13.10 -12.75
C SER A 63 17.36 12.16 -11.73
N GLY A 64 16.62 11.88 -10.65
CA GLY A 64 17.13 11.00 -9.62
C GLY A 64 16.10 9.99 -9.16
N LYS A 65 15.78 9.04 -10.03
CA LYS A 65 14.80 8.01 -9.72
C LYS A 65 15.48 6.76 -9.15
N LYS A 66 14.69 5.89 -8.53
CA LYS A 66 15.21 4.66 -7.95
C LYS A 66 16.35 4.10 -8.80
N THR A 67 16.12 4.01 -10.10
CA THR A 67 17.13 3.49 -11.03
C THR A 67 17.66 4.60 -11.94
N SER A 68 18.74 5.25 -11.50
CA SER A 68 19.34 6.32 -12.27
C SER A 68 20.86 6.28 -12.16
N GLY A 69 21.54 6.84 -13.16
CA GLY A 69 23.00 6.85 -13.15
C GLY A 69 23.57 7.51 -14.38
N PRO A 70 24.86 7.25 -14.64
CA PRO A 70 25.56 7.82 -15.80
C PRO A 70 25.08 7.22 -17.12
N SER A 71 24.48 8.05 -17.96
CA SER A 71 23.96 7.61 -19.25
C SER A 71 24.81 8.16 -20.39
N SER A 72 25.11 9.45 -20.33
CA SER A 72 25.91 10.11 -21.36
C SER A 72 27.01 9.18 -21.87
N GLY A 73 27.70 8.53 -20.92
CA GLY A 73 28.78 7.63 -21.29
C GLY A 73 30.15 8.19 -20.99
ZN ZN B . -6.78 0.79 2.46
N GLY A 1 -37.79 -10.44 15.28
CA GLY A 1 -38.01 -11.69 15.99
C GLY A 1 -36.77 -12.55 16.07
N SER A 2 -36.93 -13.84 15.79
CA SER A 2 -35.80 -14.77 15.83
C SER A 2 -34.96 -14.68 14.56
N SER A 3 -33.66 -14.81 14.72
CA SER A 3 -32.73 -14.73 13.59
C SER A 3 -32.02 -16.06 13.38
N GLY A 4 -31.41 -16.57 14.44
CA GLY A 4 -30.69 -17.82 14.36
C GLY A 4 -29.23 -17.63 14.00
N SER A 5 -28.51 -16.89 14.84
CA SER A 5 -27.09 -16.62 14.61
C SER A 5 -26.24 -17.75 15.16
N SER A 6 -25.50 -18.41 14.28
CA SER A 6 -24.64 -19.53 14.68
C SER A 6 -23.53 -19.75 13.65
N GLY A 7 -22.37 -20.19 14.12
CA GLY A 7 -21.25 -20.44 13.23
C GLY A 7 -19.92 -20.45 13.96
N LYS A 8 -19.01 -21.33 13.53
CA LYS A 8 -17.70 -21.44 14.14
C LYS A 8 -16.61 -21.38 13.09
N ARG A 9 -15.80 -20.32 13.12
CA ARG A 9 -14.71 -20.15 12.18
C ARG A 9 -13.35 -20.34 12.86
N GLN A 10 -12.35 -20.68 12.06
CA GLN A 10 -11.01 -20.90 12.59
C GLN A 10 -10.08 -19.74 12.22
N LYS A 11 -9.46 -19.13 13.22
CA LYS A 11 -8.55 -18.02 13.01
C LYS A 11 -7.16 -18.52 12.63
N ILE A 12 -6.96 -18.80 11.34
CA ILE A 12 -5.67 -19.27 10.86
C ILE A 12 -4.83 -18.12 10.31
N HIS A 13 -3.51 -18.32 10.32
CA HIS A 13 -2.60 -17.30 9.82
C HIS A 13 -1.23 -17.91 9.50
N LEU A 14 -0.68 -17.53 8.35
CA LEU A 14 0.63 -18.03 7.92
C LEU A 14 1.68 -16.93 7.98
N GLY A 15 2.64 -17.09 8.89
CA GLY A 15 3.70 -16.11 9.03
C GLY A 15 3.17 -14.73 9.39
N ASP A 16 4.07 -13.84 9.78
CA ASP A 16 3.68 -12.48 10.16
C ASP A 16 3.98 -11.50 9.03
N ARG A 17 3.31 -11.67 7.91
CA ARG A 17 3.50 -10.81 6.75
C ARG A 17 2.24 -10.01 6.45
N SER A 18 1.60 -9.49 7.50
CA SER A 18 0.39 -8.71 7.35
C SER A 18 0.58 -7.30 7.89
N GLN A 19 0.15 -6.31 7.11
CA GLN A 19 0.27 -4.91 7.51
C GLN A 19 -1.10 -4.23 7.53
N LYS A 20 -1.19 -3.15 8.30
CA LYS A 20 -2.44 -2.40 8.42
C LYS A 20 -2.42 -1.16 7.52
N CYS A 21 -3.49 -0.97 6.75
CA CYS A 21 -3.58 0.17 5.86
C CYS A 21 -3.81 1.46 6.64
N SER A 22 -3.53 2.59 6.00
CA SER A 22 -3.70 3.89 6.65
C SER A 22 -4.84 4.67 5.99
N LYS A 23 -5.12 4.36 4.74
CA LYS A 23 -6.18 5.03 4.00
C LYS A 23 -7.56 4.61 4.52
N CYS A 24 -7.79 3.29 4.56
CA CYS A 24 -9.06 2.77 5.04
C CYS A 24 -8.92 2.15 6.43
N GLY A 25 -7.87 1.35 6.60
CA GLY A 25 -7.64 0.70 7.88
C GLY A 25 -8.03 -0.76 7.88
N ILE A 26 -7.59 -1.49 6.86
CA ILE A 26 -7.92 -2.90 6.74
C ILE A 26 -6.65 -3.76 6.76
N ILE A 27 -6.79 -5.03 7.10
CA ILE A 27 -5.67 -5.94 7.15
C ILE A 27 -5.40 -6.57 5.79
N PHE A 28 -4.18 -6.38 5.27
CA PHE A 28 -3.80 -6.93 3.98
C PHE A 28 -2.36 -7.41 3.99
N ILE A 29 -1.96 -8.11 2.94
CA ILE A 29 -0.60 -8.62 2.83
C ILE A 29 0.28 -7.67 2.04
N ARG A 30 1.48 -7.41 2.56
CA ARG A 30 2.42 -6.51 1.90
C ARG A 30 3.65 -7.28 1.42
N ARG A 31 4.40 -6.67 0.51
CA ARG A 31 5.61 -7.29 -0.03
C ARG A 31 6.82 -6.36 0.10
N SER A 32 8.00 -6.94 0.14
CA SER A 32 9.23 -6.16 0.27
C SER A 32 9.89 -5.96 -1.10
N THR A 33 9.46 -4.92 -1.80
CA THR A 33 10.00 -4.62 -3.12
C THR A 33 10.52 -3.19 -3.19
N LEU A 34 11.43 -2.93 -4.12
CA LEU A 34 12.00 -1.60 -4.29
C LEU A 34 10.98 -0.64 -4.88
N SER A 35 10.20 0.00 -4.01
CA SER A 35 9.17 0.94 -4.45
C SER A 35 9.53 2.35 -4.01
N ARG A 36 9.11 3.33 -4.80
CA ARG A 36 9.38 4.73 -4.50
C ARG A 36 8.59 5.18 -3.26
N ARG A 37 7.26 5.08 -3.34
CA ARG A 37 6.40 5.48 -2.24
C ARG A 37 6.33 4.38 -1.18
N LYS A 38 6.65 4.74 0.06
CA LYS A 38 6.63 3.80 1.16
C LYS A 38 5.36 3.96 2.00
N THR A 39 4.24 4.21 1.33
CA THR A 39 2.97 4.39 2.01
C THR A 39 2.17 3.10 2.03
N PRO A 40 1.80 2.64 3.23
CA PRO A 40 1.04 1.40 3.42
C PRO A 40 -0.41 1.55 2.94
N MET A 41 -0.74 0.87 1.85
CA MET A 41 -2.08 0.92 1.30
C MET A 41 -2.53 -0.45 0.82
N CYS A 42 -3.77 -0.81 1.15
CA CYS A 42 -4.33 -2.10 0.76
C CYS A 42 -4.71 -2.11 -0.71
N GLU A 43 -4.53 -3.25 -1.36
CA GLU A 43 -4.87 -3.39 -2.78
C GLU A 43 -6.07 -2.53 -3.14
N LYS A 44 -7.12 -2.63 -2.35
CA LYS A 44 -8.34 -1.86 -2.59
C LYS A 44 -8.02 -0.38 -2.78
N CYS A 45 -7.28 0.19 -1.82
CA CYS A 45 -6.91 1.60 -1.89
C CYS A 45 -5.86 1.83 -2.97
N ARG A 46 -4.79 1.03 -2.94
CA ARG A 46 -3.72 1.15 -3.91
C ARG A 46 -4.27 1.51 -5.29
N LYS A 47 -5.09 0.63 -5.85
CA LYS A 47 -5.70 0.85 -7.16
C LYS A 47 -6.50 2.14 -7.17
N ASP A 48 -7.17 2.44 -6.06
CA ASP A 48 -7.97 3.64 -5.94
C ASP A 48 -7.08 4.89 -5.96
N SER A 49 -7.08 5.60 -7.07
CA SER A 49 -6.27 6.81 -7.21
C SER A 49 -7.00 8.02 -6.61
N CYS A 50 -6.41 8.58 -5.57
CA CYS A 50 -7.00 9.74 -4.91
C CYS A 50 -6.13 10.99 -5.11
N GLN A 51 -5.98 11.40 -6.37
CA GLN A 51 -5.18 12.57 -6.70
C GLN A 51 -5.60 13.15 -8.04
N GLU A 52 -5.13 14.36 -8.33
CA GLU A 52 -5.46 15.03 -9.58
C GLU A 52 -4.19 15.41 -10.34
N ALA A 53 -4.34 15.66 -11.64
CA ALA A 53 -3.22 16.02 -12.48
C ALA A 53 -2.73 17.44 -12.15
N ALA A 54 -1.53 17.53 -11.60
CA ALA A 54 -0.94 18.81 -11.25
C ALA A 54 0.58 18.77 -11.34
N LEU A 55 1.18 19.92 -11.58
CA LEU A 55 2.64 20.03 -11.70
C LEU A 55 3.32 19.28 -10.56
N ASN A 56 4.42 18.60 -10.87
CA ASN A 56 5.18 17.85 -9.88
C ASN A 56 5.25 18.63 -8.56
N LYS A 57 5.21 17.90 -7.45
CA LYS A 57 5.28 18.51 -6.13
C LYS A 57 6.72 18.81 -5.74
N ASP A 58 7.57 17.78 -5.80
CA ASP A 58 8.98 17.94 -5.46
C ASP A 58 9.83 16.91 -6.19
N GLU A 59 10.98 17.36 -6.72
CA GLU A 59 11.88 16.48 -7.45
C GLU A 59 13.08 16.10 -6.59
N GLY A 60 13.28 14.81 -6.38
CA GLY A 60 14.39 14.34 -5.58
C GLY A 60 15.28 13.36 -6.33
N ASN A 61 16.40 13.87 -6.84
CA ASN A 61 17.34 13.04 -7.59
C ASN A 61 18.38 12.42 -6.67
N GLU A 62 18.82 13.20 -5.67
CA GLU A 62 19.81 12.72 -4.71
C GLU A 62 19.16 11.87 -3.63
N SER A 63 18.31 10.94 -4.04
CA SER A 63 17.62 10.06 -3.10
C SER A 63 17.85 8.60 -3.47
N GLY A 64 18.97 8.06 -2.99
CA GLY A 64 19.30 6.66 -3.27
C GLY A 64 19.56 6.42 -4.74
N LYS A 65 20.59 5.66 -5.04
CA LYS A 65 20.94 5.34 -6.42
C LYS A 65 20.19 4.09 -6.90
N LYS A 66 18.90 4.04 -6.63
CA LYS A 66 18.06 2.92 -7.03
C LYS A 66 16.77 3.40 -7.69
N THR A 67 16.80 4.62 -8.21
CA THR A 67 15.63 5.20 -8.87
C THR A 67 15.44 4.61 -10.27
N SER A 68 14.20 4.30 -10.61
CA SER A 68 13.89 3.73 -11.92
C SER A 68 14.02 4.79 -13.01
N GLY A 69 13.40 5.94 -12.79
CA GLY A 69 13.46 7.01 -13.77
C GLY A 69 12.10 7.35 -14.35
N PRO A 70 11.89 8.64 -14.67
CA PRO A 70 10.62 9.11 -15.24
C PRO A 70 10.41 8.61 -16.67
N SER A 71 9.60 7.56 -16.81
CA SER A 71 9.31 7.00 -18.12
C SER A 71 8.79 8.06 -19.08
N SER A 72 7.72 8.74 -18.68
CA SER A 72 7.12 9.78 -19.50
C SER A 72 6.75 10.99 -18.65
N GLY A 73 6.81 12.18 -19.26
CA GLY A 73 6.47 13.39 -18.55
C GLY A 73 5.00 13.49 -18.20
ZN ZN B . -6.91 0.67 2.56
N GLY A 1 -23.77 -4.91 -6.47
CA GLY A 1 -22.60 -4.12 -6.12
C GLY A 1 -21.70 -4.81 -5.12
N SER A 2 -21.22 -4.06 -4.13
CA SER A 2 -20.35 -4.61 -3.11
C SER A 2 -20.80 -4.18 -1.71
N SER A 3 -20.34 -4.89 -0.70
CA SER A 3 -20.70 -4.60 0.68
C SER A 3 -19.46 -4.58 1.57
N GLY A 4 -18.60 -5.58 1.40
CA GLY A 4 -17.38 -5.66 2.19
C GLY A 4 -17.67 -6.05 3.63
N SER A 5 -16.65 -5.91 4.48
CA SER A 5 -16.79 -6.26 5.89
C SER A 5 -16.06 -5.25 6.77
N SER A 6 -16.29 -5.34 8.08
CA SER A 6 -15.66 -4.43 9.03
C SER A 6 -14.29 -4.96 9.46
N GLY A 7 -14.26 -6.23 9.88
CA GLY A 7 -13.01 -6.83 10.30
C GLY A 7 -12.98 -7.08 11.80
N LYS A 8 -11.79 -7.27 12.34
CA LYS A 8 -11.62 -7.52 13.76
C LYS A 8 -11.34 -6.23 14.52
N ARG A 9 -11.59 -6.24 15.82
CA ARG A 9 -11.36 -5.06 16.65
C ARG A 9 -9.89 -4.98 17.08
N GLN A 10 -9.43 -5.98 17.81
CA GLN A 10 -8.06 -6.02 18.28
C GLN A 10 -7.70 -7.39 18.83
N LYS A 11 -6.73 -8.04 18.21
CA LYS A 11 -6.29 -9.37 18.63
C LYS A 11 -4.88 -9.67 18.13
N ILE A 12 -4.21 -10.61 18.79
CA ILE A 12 -2.85 -10.99 18.40
C ILE A 12 -2.75 -11.20 16.90
N HIS A 13 -1.53 -11.05 16.38
CA HIS A 13 -1.30 -11.23 14.94
C HIS A 13 -0.95 -12.68 14.63
N LEU A 14 -0.76 -12.97 13.35
CA LEU A 14 -0.43 -14.32 12.91
C LEU A 14 0.99 -14.38 12.34
N GLY A 15 1.46 -15.58 12.04
CA GLY A 15 2.79 -15.74 11.50
C GLY A 15 2.86 -15.42 10.02
N ASP A 16 2.24 -14.31 9.63
CA ASP A 16 2.23 -13.89 8.23
C ASP A 16 2.66 -12.43 8.11
N ARG A 17 2.82 -11.97 6.87
CA ARG A 17 3.23 -10.60 6.61
C ARG A 17 2.02 -9.73 6.26
N SER A 18 1.21 -9.44 7.26
CA SER A 18 0.01 -8.61 7.04
C SER A 18 0.21 -7.23 7.65
N GLN A 19 0.08 -6.21 6.80
CA GLN A 19 0.24 -4.82 7.24
C GLN A 19 -1.12 -4.13 7.34
N LYS A 20 -1.23 -3.17 8.26
CA LYS A 20 -2.46 -2.43 8.44
C LYS A 20 -2.46 -1.14 7.62
N CYS A 21 -3.36 -1.08 6.63
CA CYS A 21 -3.46 0.09 5.77
C CYS A 21 -3.77 1.35 6.59
N SER A 22 -3.49 2.50 6.00
CA SER A 22 -3.72 3.77 6.66
C SER A 22 -4.90 4.50 6.03
N LYS A 23 -5.04 4.38 4.72
CA LYS A 23 -6.12 5.02 4.00
C LYS A 23 -7.47 4.65 4.60
N CYS A 24 -7.77 3.36 4.59
CA CYS A 24 -9.03 2.87 5.14
C CYS A 24 -8.82 2.22 6.51
N GLY A 25 -7.76 1.42 6.62
CA GLY A 25 -7.47 0.75 7.88
C GLY A 25 -7.86 -0.71 7.86
N ILE A 26 -7.54 -1.40 6.78
CA ILE A 26 -7.86 -2.81 6.65
C ILE A 26 -6.61 -3.68 6.68
N ILE A 27 -6.77 -4.94 7.04
CA ILE A 27 -5.65 -5.87 7.10
C ILE A 27 -5.40 -6.52 5.74
N PHE A 28 -4.19 -6.34 5.21
CA PHE A 28 -3.83 -6.92 3.93
C PHE A 28 -2.40 -7.46 3.96
N ILE A 29 -2.12 -8.44 3.11
CA ILE A 29 -0.80 -9.05 3.05
C ILE A 29 0.09 -8.29 2.06
N ARG A 30 1.33 -8.04 2.47
CA ARG A 30 2.28 -7.33 1.62
C ARG A 30 3.59 -8.12 1.48
N ARG A 31 4.23 -7.97 0.34
CA ARG A 31 5.49 -8.68 0.08
C ARG A 31 6.56 -8.26 1.09
N SER A 32 7.52 -9.15 1.33
CA SER A 32 8.59 -8.88 2.27
C SER A 32 9.91 -8.63 1.53
N THR A 33 10.25 -9.53 0.63
CA THR A 33 11.48 -9.41 -0.15
C THR A 33 11.54 -8.06 -0.87
N LEU A 34 12.67 -7.38 -0.75
CA LEU A 34 12.86 -6.09 -1.40
C LEU A 34 11.88 -5.06 -0.85
N SER A 35 11.72 -5.04 0.48
CA SER A 35 10.81 -4.11 1.13
C SER A 35 11.08 -2.68 0.66
N ARG A 36 10.27 -2.21 -0.29
CA ARG A 36 10.44 -0.86 -0.81
C ARG A 36 9.53 0.12 -0.07
N ARG A 37 10.10 1.26 0.31
CA ARG A 37 9.34 2.28 1.03
C ARG A 37 8.17 2.78 0.20
N LYS A 38 6.99 2.85 0.83
CA LYS A 38 5.79 3.31 0.15
C LYS A 38 4.61 3.40 1.12
N THR A 39 3.46 3.81 0.60
CA THR A 39 2.26 3.93 1.43
C THR A 39 1.70 2.56 1.79
N PRO A 40 1.31 2.39 3.05
CA PRO A 40 0.76 1.13 3.57
C PRO A 40 -0.64 0.85 3.00
N MET A 41 -1.08 1.69 2.07
CA MET A 41 -2.38 1.53 1.44
C MET A 41 -2.60 0.08 1.01
N CYS A 42 -3.80 -0.43 1.28
CA CYS A 42 -4.14 -1.81 0.91
C CYS A 42 -4.33 -1.93 -0.59
N GLU A 43 -4.23 -3.16 -1.10
CA GLU A 43 -4.40 -3.42 -2.53
C GLU A 43 -5.63 -2.70 -3.07
N LYS A 44 -6.72 -2.77 -2.32
CA LYS A 44 -7.97 -2.12 -2.72
C LYS A 44 -7.78 -0.62 -2.87
N CYS A 45 -7.29 0.03 -1.82
CA CYS A 45 -7.06 1.46 -1.85
C CYS A 45 -6.10 1.84 -2.97
N ARG A 46 -5.03 1.07 -3.13
CA ARG A 46 -4.04 1.32 -4.17
C ARG A 46 -4.72 1.58 -5.51
N LYS A 47 -5.77 0.81 -5.81
CA LYS A 47 -6.50 0.96 -7.06
C LYS A 47 -7.30 2.26 -7.06
N ASP A 48 -7.96 2.55 -5.94
CA ASP A 48 -8.76 3.76 -5.82
C ASP A 48 -8.00 4.98 -6.34
N SER A 49 -6.82 5.22 -5.76
CA SER A 49 -5.99 6.35 -6.16
C SER A 49 -4.51 5.99 -6.16
N CYS A 50 -3.71 6.75 -6.87
CA CYS A 50 -2.28 6.51 -6.94
C CYS A 50 -1.49 7.70 -6.41
N GLN A 51 -1.34 7.76 -5.09
CA GLN A 51 -0.61 8.84 -4.44
C GLN A 51 0.85 8.47 -4.24
N GLU A 52 1.74 9.45 -4.42
CA GLU A 52 3.17 9.22 -4.25
C GLU A 52 3.55 9.23 -2.77
N ALA A 53 4.71 8.64 -2.47
CA ALA A 53 5.19 8.59 -1.09
C ALA A 53 6.71 8.41 -1.05
N ALA A 54 7.36 9.19 -0.19
CA ALA A 54 8.80 9.13 -0.06
C ALA A 54 9.22 9.13 1.41
N LEU A 55 9.71 7.98 1.89
CA LEU A 55 10.13 7.84 3.28
C LEU A 55 11.52 7.22 3.36
N ASN A 56 12.46 7.97 3.93
CA ASN A 56 13.83 7.50 4.07
C ASN A 56 13.86 6.07 4.59
N LYS A 57 14.61 5.21 3.90
CA LYS A 57 14.73 3.81 4.29
C LYS A 57 16.12 3.27 3.95
N ASP A 58 16.57 2.31 4.75
CA ASP A 58 17.88 1.71 4.54
C ASP A 58 17.97 0.34 5.19
N GLU A 59 19.01 -0.42 4.85
CA GLU A 59 19.19 -1.76 5.41
C GLU A 59 18.19 -2.73 4.82
N GLY A 60 17.98 -2.65 3.51
CA GLY A 60 17.04 -3.53 2.84
C GLY A 60 17.36 -3.70 1.37
N ASN A 61 17.25 -2.63 0.60
CA ASN A 61 17.53 -2.67 -0.83
C ASN A 61 18.97 -3.11 -1.08
N GLU A 62 19.13 -4.32 -1.60
CA GLU A 62 20.46 -4.86 -1.88
C GLU A 62 20.50 -5.45 -3.29
N SER A 63 19.53 -6.30 -3.60
CA SER A 63 19.46 -6.94 -4.91
C SER A 63 18.03 -7.34 -5.25
N GLY A 64 17.65 -7.13 -6.50
CA GLY A 64 16.30 -7.47 -6.93
C GLY A 64 16.08 -7.18 -8.41
N LYS A 65 15.09 -6.34 -8.71
CA LYS A 65 14.77 -5.98 -10.08
C LYS A 65 14.84 -4.48 -10.29
N LYS A 66 16.01 -3.99 -10.66
CA LYS A 66 16.20 -2.55 -10.89
C LYS A 66 17.25 -2.31 -11.97
N THR A 67 17.43 -1.05 -12.34
CA THR A 67 18.40 -0.68 -13.36
C THR A 67 19.63 -1.59 -13.30
N SER A 68 20.31 -1.58 -12.15
CA SER A 68 21.50 -2.39 -11.97
C SER A 68 21.16 -3.73 -11.33
N GLY A 69 22.15 -4.61 -11.22
CA GLY A 69 21.93 -5.91 -10.63
C GLY A 69 23.16 -6.79 -10.68
N PRO A 70 24.05 -6.65 -9.68
CA PRO A 70 25.29 -7.43 -9.61
C PRO A 70 25.03 -8.90 -9.30
N SER A 71 26.11 -9.66 -9.14
CA SER A 71 25.99 -11.09 -8.84
C SER A 71 24.93 -11.74 -9.72
N SER A 72 24.89 -11.33 -10.98
CA SER A 72 23.91 -11.88 -11.93
C SER A 72 24.02 -13.41 -11.97
N GLY A 73 22.88 -14.05 -12.21
CA GLY A 73 22.85 -15.50 -12.29
C GLY A 73 22.50 -16.00 -13.68
ZN ZN B . -6.99 0.68 2.74
N GLY A 1 -12.60 -1.83 22.35
CA GLY A 1 -11.91 -2.06 21.09
C GLY A 1 -12.27 -3.39 20.47
N SER A 2 -11.68 -4.47 20.99
CA SER A 2 -11.95 -5.81 20.48
C SER A 2 -13.42 -5.96 20.09
N SER A 3 -13.66 -6.23 18.81
CA SER A 3 -15.02 -6.38 18.31
C SER A 3 -15.07 -7.43 17.19
N GLY A 4 -15.94 -8.42 17.35
CA GLY A 4 -16.06 -9.47 16.35
C GLY A 4 -16.46 -8.92 14.99
N SER A 5 -15.48 -8.66 14.14
CA SER A 5 -15.73 -8.14 12.81
C SER A 5 -14.89 -8.87 11.77
N SER A 6 -15.47 -9.08 10.59
CA SER A 6 -14.78 -9.76 9.50
C SER A 6 -13.31 -9.37 9.47
N GLY A 7 -12.43 -10.37 9.31
CA GLY A 7 -11.01 -10.11 9.27
C GLY A 7 -10.42 -9.87 10.64
N LYS A 8 -10.84 -10.66 11.62
CA LYS A 8 -10.35 -10.51 12.99
C LYS A 8 -9.90 -11.86 13.55
N ARG A 9 -8.61 -12.16 13.39
CA ARG A 9 -8.05 -13.41 13.87
C ARG A 9 -6.53 -13.38 13.82
N GLN A 10 -5.89 -13.90 14.87
CA GLN A 10 -4.44 -13.93 14.94
C GLN A 10 -3.90 -15.31 14.56
N LYS A 11 -3.28 -15.39 13.39
CA LYS A 11 -2.71 -16.65 12.89
C LYS A 11 -1.45 -16.39 12.09
N ILE A 12 -0.45 -17.26 12.28
CA ILE A 12 0.81 -17.14 11.56
C ILE A 12 1.35 -18.50 11.17
N HIS A 13 1.66 -18.67 9.89
CA HIS A 13 2.19 -19.93 9.39
C HIS A 13 3.59 -19.74 8.80
N LEU A 14 3.73 -18.77 7.91
CA LEU A 14 5.00 -18.48 7.27
C LEU A 14 5.54 -17.12 7.72
N GLY A 15 5.39 -16.82 9.02
CA GLY A 15 5.87 -15.56 9.54
C GLY A 15 4.82 -14.46 9.44
N ASP A 16 5.03 -13.39 10.20
CA ASP A 16 4.09 -12.26 10.19
C ASP A 16 4.35 -11.36 8.98
N ARG A 17 3.46 -11.42 8.01
CA ARG A 17 3.59 -10.60 6.81
C ARG A 17 2.29 -9.85 6.52
N SER A 18 1.67 -9.33 7.56
CA SER A 18 0.42 -8.58 7.43
C SER A 18 0.58 -7.17 7.96
N GLN A 19 0.04 -6.20 7.22
CA GLN A 19 0.12 -4.80 7.61
C GLN A 19 -1.27 -4.18 7.68
N LYS A 20 -1.39 -3.08 8.43
CA LYS A 20 -2.66 -2.39 8.58
C LYS A 20 -2.68 -1.09 7.78
N CYS A 21 -3.42 -1.09 6.68
CA CYS A 21 -3.51 0.09 5.82
C CYS A 21 -3.80 1.33 6.65
N SER A 22 -3.48 2.50 6.09
CA SER A 22 -3.70 3.77 6.78
C SER A 22 -4.88 4.52 6.17
N LYS A 23 -5.01 4.42 4.85
CA LYS A 23 -6.10 5.10 4.14
C LYS A 23 -7.45 4.64 4.68
N CYS A 24 -7.71 3.33 4.60
CA CYS A 24 -8.96 2.77 5.07
C CYS A 24 -8.80 2.14 6.45
N GLY A 25 -7.72 1.36 6.60
CA GLY A 25 -7.47 0.71 7.88
C GLY A 25 -7.81 -0.77 7.85
N ILE A 26 -7.58 -1.41 6.71
CA ILE A 26 -7.87 -2.83 6.56
C ILE A 26 -6.59 -3.66 6.61
N ILE A 27 -6.74 -4.94 6.91
CA ILE A 27 -5.60 -5.85 6.99
C ILE A 27 -5.33 -6.52 5.65
N PHE A 28 -4.12 -6.35 5.15
CA PHE A 28 -3.73 -6.95 3.87
C PHE A 28 -2.28 -7.43 3.91
N ILE A 29 -1.92 -8.28 2.96
CA ILE A 29 -0.57 -8.83 2.89
C ILE A 29 0.36 -7.89 2.11
N ARG A 30 1.45 -7.50 2.75
CA ARG A 30 2.42 -6.60 2.12
C ARG A 30 3.84 -6.92 2.58
N ARG A 31 4.81 -6.63 1.73
CA ARG A 31 6.21 -6.89 2.05
C ARG A 31 6.63 -6.15 3.32
N SER A 32 6.82 -6.89 4.40
CA SER A 32 7.21 -6.31 5.68
C SER A 32 8.25 -5.19 5.47
N THR A 33 9.43 -5.59 5.01
CA THR A 33 10.51 -4.63 4.77
C THR A 33 10.10 -3.59 3.73
N LEU A 34 10.73 -2.43 3.77
CA LEU A 34 10.44 -1.36 2.83
C LEU A 34 9.01 -0.85 3.02
N SER A 35 8.62 -0.66 4.28
CA SER A 35 7.29 -0.17 4.60
C SER A 35 7.35 1.10 5.44
N ARG A 36 8.29 1.98 5.09
CA ARG A 36 8.46 3.24 5.80
C ARG A 36 8.35 4.43 4.85
N ARG A 37 9.25 4.47 3.86
CA ARG A 37 9.27 5.55 2.89
C ARG A 37 7.92 5.66 2.19
N LYS A 38 7.41 4.53 1.69
CA LYS A 38 6.13 4.50 0.99
C LYS A 38 4.98 4.47 1.98
N THR A 39 3.76 4.53 1.47
CA THR A 39 2.56 4.50 2.30
C THR A 39 1.88 3.14 2.25
N PRO A 40 1.60 2.57 3.44
CA PRO A 40 0.95 1.27 3.55
C PRO A 40 -0.51 1.30 3.11
N MET A 41 -0.74 1.15 1.81
CA MET A 41 -2.09 1.16 1.27
C MET A 41 -2.50 -0.23 0.77
N CYS A 42 -3.68 -0.67 1.18
CA CYS A 42 -4.19 -1.97 0.79
C CYS A 42 -4.55 -1.99 -0.69
N GLU A 43 -4.48 -3.17 -1.30
CA GLU A 43 -4.81 -3.32 -2.71
C GLU A 43 -6.06 -2.54 -3.07
N LYS A 44 -7.08 -2.65 -2.22
CA LYS A 44 -8.34 -1.95 -2.45
C LYS A 44 -8.11 -0.45 -2.67
N CYS A 45 -7.20 0.12 -1.87
CA CYS A 45 -6.89 1.54 -1.97
C CYS A 45 -5.92 1.80 -3.12
N ARG A 46 -5.03 0.84 -3.37
CA ARG A 46 -4.05 0.97 -4.43
C ARG A 46 -4.70 1.54 -5.69
N LYS A 47 -5.81 0.93 -6.11
CA LYS A 47 -6.51 1.38 -7.30
C LYS A 47 -7.32 2.64 -7.01
N ASP A 48 -7.98 2.67 -5.86
CA ASP A 48 -8.78 3.82 -5.46
C ASP A 48 -8.15 5.12 -5.95
N SER A 49 -8.87 5.84 -6.79
CA SER A 49 -8.38 7.11 -7.32
C SER A 49 -8.38 8.20 -6.26
N CYS A 50 -9.58 8.53 -5.77
CA CYS A 50 -9.71 9.56 -4.75
C CYS A 50 -8.64 9.41 -3.67
N GLN A 51 -7.71 10.35 -3.64
CA GLN A 51 -6.63 10.33 -2.67
C GLN A 51 -6.49 11.67 -1.97
N GLU A 52 -6.58 12.75 -2.75
CA GLU A 52 -6.47 14.10 -2.21
C GLU A 52 -5.30 14.19 -1.22
N ALA A 53 -4.25 13.44 -1.50
CA ALA A 53 -3.07 13.44 -0.64
C ALA A 53 -2.15 14.61 -0.96
N ALA A 54 -2.74 15.78 -1.21
CA ALA A 54 -1.98 16.97 -1.52
C ALA A 54 -2.14 18.03 -0.44
N LEU A 55 -1.10 18.21 0.36
CA LEU A 55 -1.12 19.19 1.44
C LEU A 55 -0.36 20.46 1.05
N ASN A 56 0.85 20.27 0.51
CA ASN A 56 1.68 21.40 0.10
C ASN A 56 2.91 20.92 -0.67
N LYS A 57 3.01 21.33 -1.93
CA LYS A 57 4.13 20.94 -2.78
C LYS A 57 5.46 21.22 -2.08
N ASP A 58 6.39 20.27 -2.19
CA ASP A 58 7.69 20.41 -1.56
C ASP A 58 8.71 20.94 -2.57
N GLU A 59 9.64 21.77 -2.08
CA GLU A 59 10.67 22.35 -2.94
C GLU A 59 11.42 21.26 -3.70
N GLY A 60 11.72 20.16 -3.00
CA GLY A 60 12.43 19.06 -3.63
C GLY A 60 12.07 18.89 -5.09
N ASN A 61 10.77 18.85 -5.38
CA ASN A 61 10.29 18.68 -6.74
C ASN A 61 11.20 17.73 -7.52
N GLU A 62 11.60 16.65 -6.88
CA GLU A 62 12.47 15.66 -7.50
C GLU A 62 11.71 14.36 -7.77
N SER A 63 11.88 13.81 -8.96
CA SER A 63 11.22 12.57 -9.34
C SER A 63 12.23 11.44 -9.51
N GLY A 64 13.19 11.36 -8.61
CA GLY A 64 14.20 10.33 -8.67
C GLY A 64 14.08 9.32 -7.54
N LYS A 65 13.32 8.26 -7.78
CA LYS A 65 13.13 7.22 -6.78
C LYS A 65 12.85 5.87 -7.44
N LYS A 66 12.80 4.81 -6.62
CA LYS A 66 12.53 3.47 -7.12
C LYS A 66 11.49 3.51 -8.24
N THR A 67 10.38 4.18 -7.96
CA THR A 67 9.30 4.28 -8.94
C THR A 67 9.19 5.70 -9.49
N SER A 68 9.07 5.81 -10.82
CA SER A 68 8.96 7.11 -11.46
C SER A 68 7.81 7.92 -10.88
N GLY A 69 8.11 9.16 -10.49
CA GLY A 69 7.09 10.03 -9.92
C GLY A 69 6.87 11.29 -10.72
N PRO A 70 6.37 11.12 -11.96
CA PRO A 70 6.10 12.25 -12.87
C PRO A 70 4.93 13.11 -12.40
N SER A 71 5.11 14.42 -12.47
CA SER A 71 4.07 15.34 -12.04
C SER A 71 2.95 15.42 -13.08
N SER A 72 1.71 15.34 -12.61
CA SER A 72 0.55 15.38 -13.50
C SER A 72 -0.20 16.70 -13.32
N GLY A 73 -0.44 17.08 -12.07
CA GLY A 73 -1.16 18.31 -11.79
C GLY A 73 -2.09 18.18 -10.61
ZN ZN B . -6.80 0.75 2.53
N GLY A 1 -11.60 -9.68 -21.68
CA GLY A 1 -11.95 -10.99 -21.21
C GLY A 1 -11.80 -11.14 -19.70
N SER A 2 -12.79 -10.65 -18.96
CA SER A 2 -12.76 -10.72 -17.51
C SER A 2 -14.18 -10.59 -16.93
N SER A 3 -14.46 -11.39 -15.91
CA SER A 3 -15.77 -11.37 -15.26
C SER A 3 -15.68 -11.87 -13.83
N GLY A 4 -16.80 -11.84 -13.12
CA GLY A 4 -16.83 -12.30 -11.75
C GLY A 4 -17.31 -13.73 -11.63
N SER A 5 -16.72 -14.47 -10.69
CA SER A 5 -17.09 -15.86 -10.48
C SER A 5 -16.54 -16.37 -9.14
N SER A 6 -17.25 -17.34 -8.55
CA SER A 6 -16.85 -17.90 -7.27
C SER A 6 -16.45 -19.37 -7.43
N GLY A 7 -16.01 -19.97 -6.33
CA GLY A 7 -15.61 -21.36 -6.36
C GLY A 7 -14.20 -21.57 -5.86
N LYS A 8 -14.04 -21.59 -4.53
CA LYS A 8 -12.73 -21.78 -3.91
C LYS A 8 -12.81 -22.79 -2.78
N ARG A 9 -11.99 -23.83 -2.86
CA ARG A 9 -11.97 -24.87 -1.83
C ARG A 9 -11.34 -24.35 -0.55
N GLN A 10 -11.38 -25.16 0.50
CA GLN A 10 -10.81 -24.78 1.79
C GLN A 10 -9.45 -25.43 2.00
N LYS A 11 -8.44 -24.96 1.26
CA LYS A 11 -7.10 -25.50 1.37
C LYS A 11 -6.08 -24.50 0.85
N ILE A 12 -5.31 -23.91 1.77
CA ILE A 12 -4.29 -22.93 1.41
C ILE A 12 -3.43 -22.56 2.61
N HIS A 13 -2.14 -22.38 2.37
CA HIS A 13 -1.20 -22.03 3.43
C HIS A 13 -1.27 -20.53 3.73
N LEU A 14 -0.56 -20.11 4.77
CA LEU A 14 -0.54 -18.70 5.16
C LEU A 14 0.49 -18.46 6.25
N GLY A 15 1.09 -17.27 6.23
CA GLY A 15 2.10 -16.93 7.23
C GLY A 15 1.61 -15.88 8.20
N ASP A 16 2.56 -15.17 8.83
CA ASP A 16 2.21 -14.13 9.79
C ASP A 16 2.65 -12.76 9.29
N ARG A 17 2.34 -12.48 8.02
CA ARG A 17 2.70 -11.21 7.42
C ARG A 17 1.46 -10.44 6.98
N SER A 18 0.94 -9.60 7.87
CA SER A 18 -0.25 -8.81 7.58
C SER A 18 -0.09 -7.38 8.09
N GLN A 19 -0.03 -6.43 7.17
CA GLN A 19 0.11 -5.02 7.53
C GLN A 19 -1.25 -4.36 7.72
N LYS A 20 -1.24 -3.14 8.24
CA LYS A 20 -2.47 -2.40 8.47
C LYS A 20 -2.50 -1.11 7.66
N CYS A 21 -3.32 -1.08 6.63
CA CYS A 21 -3.44 0.10 5.77
C CYS A 21 -3.70 1.35 6.61
N SER A 22 -3.47 2.52 6.01
CA SER A 22 -3.67 3.79 6.70
C SER A 22 -4.87 4.54 6.10
N LYS A 23 -5.05 4.40 4.79
CA LYS A 23 -6.15 5.06 4.11
C LYS A 23 -7.50 4.61 4.66
N CYS A 24 -7.75 3.31 4.60
CA CYS A 24 -9.00 2.74 5.10
C CYS A 24 -8.80 2.12 6.48
N GLY A 25 -7.74 1.32 6.61
CA GLY A 25 -7.46 0.68 7.88
C GLY A 25 -7.85 -0.79 7.88
N ILE A 26 -7.47 -1.50 6.82
CA ILE A 26 -7.79 -2.91 6.70
C ILE A 26 -6.53 -3.76 6.80
N ILE A 27 -6.71 -5.04 7.14
CA ILE A 27 -5.58 -5.96 7.27
C ILE A 27 -5.32 -6.69 5.96
N PHE A 28 -4.11 -6.55 5.44
CA PHE A 28 -3.73 -7.20 4.19
C PHE A 28 -2.27 -7.64 4.23
N ILE A 29 -1.98 -8.75 3.55
CA ILE A 29 -0.63 -9.29 3.51
C ILE A 29 0.25 -8.50 2.54
N ARG A 30 1.47 -8.20 2.98
CA ARG A 30 2.42 -7.45 2.15
C ARG A 30 3.83 -7.98 2.32
N ARG A 31 4.61 -7.97 1.24
CA ARG A 31 5.98 -8.44 1.27
C ARG A 31 6.86 -7.50 2.09
N SER A 32 8.02 -8.00 2.52
CA SER A 32 8.95 -7.20 3.30
C SER A 32 10.23 -6.92 2.52
N THR A 33 10.21 -7.28 1.24
CA THR A 33 11.36 -7.07 0.37
C THR A 33 11.15 -5.87 -0.55
N LEU A 34 10.24 -6.02 -1.51
CA LEU A 34 9.94 -4.96 -2.46
C LEU A 34 8.44 -4.72 -2.56
N SER A 35 7.84 -4.28 -1.46
CA SER A 35 6.41 -4.03 -1.43
C SER A 35 6.12 -2.53 -1.48
N ARG A 36 6.53 -1.82 -0.44
CA ARG A 36 6.32 -0.37 -0.38
C ARG A 36 7.02 0.23 0.84
N ARG A 37 7.51 1.45 0.69
CA ARG A 37 8.21 2.13 1.78
C ARG A 37 7.36 3.27 2.33
N LYS A 38 6.70 4.00 1.44
CA LYS A 38 5.85 5.12 1.84
C LYS A 38 4.56 4.63 2.48
N THR A 39 3.72 5.57 2.90
CA THR A 39 2.46 5.22 3.54
C THR A 39 1.86 3.96 2.93
N PRO A 40 1.52 2.98 3.80
CA PRO A 40 0.94 1.71 3.38
C PRO A 40 -0.48 1.87 2.84
N MET A 41 -0.80 1.12 1.78
CA MET A 41 -2.12 1.18 1.18
C MET A 41 -2.54 -0.18 0.65
N CYS A 42 -3.73 -0.63 1.04
CA CYS A 42 -4.24 -1.92 0.60
C CYS A 42 -4.51 -1.93 -0.89
N GLU A 43 -4.50 -3.11 -1.50
CA GLU A 43 -4.73 -3.25 -2.93
C GLU A 43 -5.95 -2.44 -3.35
N LYS A 44 -7.03 -2.54 -2.59
CA LYS A 44 -8.26 -1.82 -2.89
C LYS A 44 -7.99 -0.32 -2.99
N CYS A 45 -7.31 0.23 -1.98
CA CYS A 45 -7.00 1.65 -1.96
C CYS A 45 -6.10 2.03 -3.13
N ARG A 46 -5.08 1.21 -3.38
CA ARG A 46 -4.15 1.46 -4.48
C ARG A 46 -4.89 1.83 -5.75
N LYS A 47 -5.80 0.96 -6.18
CA LYS A 47 -6.59 1.20 -7.38
C LYS A 47 -7.44 2.45 -7.24
N ASP A 48 -7.79 2.78 -6.00
CA ASP A 48 -8.61 3.96 -5.72
C ASP A 48 -7.74 5.21 -5.62
N SER A 49 -6.79 5.34 -6.54
CA SER A 49 -5.89 6.48 -6.55
C SER A 49 -5.76 7.06 -7.96
N CYS A 50 -6.88 7.12 -8.67
CA CYS A 50 -6.90 7.64 -10.02
C CYS A 50 -7.52 9.03 -10.06
N GLN A 51 -7.03 9.92 -9.22
CA GLN A 51 -7.53 11.29 -9.16
C GLN A 51 -6.85 12.18 -10.19
N GLU A 52 -5.53 12.21 -10.15
CA GLU A 52 -4.76 13.03 -11.08
C GLU A 52 -3.58 12.24 -11.64
N ALA A 53 -3.86 11.38 -12.62
CA ALA A 53 -2.83 10.57 -13.25
C ALA A 53 -2.33 11.21 -14.53
N ALA A 54 -1.35 12.09 -14.42
CA ALA A 54 -0.79 12.78 -15.58
C ALA A 54 0.33 11.96 -16.20
N LEU A 55 -0.02 11.12 -17.17
CA LEU A 55 0.96 10.28 -17.86
C LEU A 55 1.33 10.87 -19.21
N ASN A 56 2.63 10.84 -19.53
CA ASN A 56 3.11 11.37 -20.81
C ASN A 56 3.94 10.33 -21.54
N LYS A 57 4.81 9.64 -20.81
CA LYS A 57 5.66 8.61 -21.41
C LYS A 57 5.75 7.39 -20.48
N ASP A 58 5.33 6.25 -21.01
CA ASP A 58 5.36 5.01 -20.23
C ASP A 58 5.76 3.83 -21.12
N GLU A 59 6.52 2.89 -20.55
CA GLU A 59 6.97 1.72 -21.29
C GLU A 59 5.94 0.59 -21.21
N GLY A 60 5.50 0.29 -19.99
CA GLY A 60 4.51 -0.76 -19.80
C GLY A 60 4.37 -1.16 -18.33
N ASN A 61 5.49 -1.25 -17.64
CA ASN A 61 5.49 -1.63 -16.24
C ASN A 61 4.72 -2.93 -16.02
N GLU A 62 4.93 -3.89 -16.91
CA GLU A 62 4.25 -5.18 -16.83
C GLU A 62 4.63 -5.90 -15.53
N SER A 63 3.67 -6.62 -14.96
CA SER A 63 3.89 -7.35 -13.72
C SER A 63 5.25 -8.03 -13.74
N GLY A 64 5.87 -8.14 -12.57
CA GLY A 64 7.18 -8.78 -12.46
C GLY A 64 7.59 -9.04 -11.03
N LYS A 65 8.87 -8.91 -10.75
CA LYS A 65 9.40 -9.13 -9.41
C LYS A 65 9.76 -7.81 -8.74
N LYS A 66 10.64 -7.05 -9.38
CA LYS A 66 11.08 -5.77 -8.85
C LYS A 66 9.98 -4.72 -9.02
N THR A 67 9.36 -4.69 -10.19
CA THR A 67 8.31 -3.73 -10.48
C THR A 67 6.98 -4.44 -10.73
N SER A 68 5.89 -3.86 -10.23
CA SER A 68 4.56 -4.44 -10.39
C SER A 68 3.51 -3.34 -10.52
N GLY A 69 2.39 -3.67 -11.16
CA GLY A 69 1.32 -2.71 -11.33
C GLY A 69 0.69 -2.79 -12.70
N PRO A 70 -0.62 -2.49 -12.77
CA PRO A 70 -1.38 -2.52 -14.03
C PRO A 70 -0.96 -1.39 -14.97
N SER A 71 -1.08 -1.65 -16.27
CA SER A 71 -0.73 -0.66 -17.28
C SER A 71 -1.88 -0.41 -18.25
N SER A 72 -2.09 0.86 -18.60
CA SER A 72 -3.17 1.23 -19.51
C SER A 72 -2.61 1.64 -20.87
N GLY A 73 -3.24 1.14 -21.93
CA GLY A 73 -2.79 1.47 -23.27
C GLY A 73 -2.51 2.95 -23.44
ZN ZN B . -6.83 0.76 2.60
#